data_9GOW
#
_entry.id   9GOW
#
_cell.length_a   67.180
_cell.length_b   77.500
_cell.length_c   141.060
_cell.angle_alpha   74.61
_cell.angle_beta   78.09
_cell.angle_gamma   65.63
#
_symmetry.space_group_name_H-M   'P 1'
#
loop_
_entity.id
_entity.type
_entity.pdbx_description
1 polymer 'Serine/threonine-protein kinase/endoribonuclease IRE1'
2 non-polymer '3-[5-bromanyl-2-methyl-1-(phenylcarbonyl)indol-3-yl]propanoic acid'
#
_entity_poly.entity_id   1
_entity_poly.type   'polypeptide(L)'
_entity_poly.pdbx_seq_one_letter_code
;GGSGSSPSLEQDDGDEETSVVIVGKISFCPKDVLGHGAEGTIVYRGMFDNRDVAVKRILPECFSFADREVQLLRESDEHP
NVIRYFCTEKDRQFQYIAIELCAATLQEYVEQKDFAHLGLEPITLLQQTTSGLAHLHSLNIVHRDLKPHNILISMPNAHG
KIKAMISDFGLCKKLAVGRH(SEP)F(SEP)RR(SEP)GVPGTEGWIAPEMLSEDCKENPTYTVDIFSAGCVFYYVISEG
SHPFGKSLQRQANILLGACSLDCLHPEKHEDVIARELIEKMIAMDPQKRPSAKHVLKHPFFWSLEKQLQFFQDVSDRIEK
ESLDGPIVKQLERGGRAVVKMDWRENITVPLQTDLRKFRTYKGGSVRDLLRAMRNKKHHYRELPAEVRETLGSLPDDFVC
YFTSRFPHLLAHTYRAMELCSHERLFQPYYFHEPPEPQPPVTPDAL
;
_entity_poly.pdbx_strand_id   A,B,C,D
#
# COMPACT_ATOMS: atom_id res chain seq x y z
N SER A 19 -66.08 -13.64 -4.98
CA SER A 19 -65.68 -14.12 -6.31
C SER A 19 -64.16 -14.15 -6.42
N VAL A 20 -63.65 -14.81 -7.47
CA VAL A 20 -62.21 -14.96 -7.68
C VAL A 20 -61.91 -15.08 -9.17
N VAL A 21 -61.05 -14.20 -9.68
CA VAL A 21 -60.68 -14.19 -11.09
C VAL A 21 -59.52 -15.16 -11.31
N ILE A 22 -59.67 -16.07 -12.26
CA ILE A 22 -58.66 -17.07 -12.57
C ILE A 22 -58.14 -16.79 -13.98
N VAL A 23 -56.95 -16.22 -14.07
CA VAL A 23 -56.25 -16.02 -15.33
C VAL A 23 -55.19 -17.11 -15.44
N GLY A 24 -55.53 -18.21 -16.11
CA GLY A 24 -54.58 -19.29 -16.24
C GLY A 24 -54.19 -19.85 -14.88
N LYS A 25 -52.91 -19.84 -14.57
CA LYS A 25 -52.42 -20.34 -13.30
C LYS A 25 -52.34 -19.27 -12.22
N ILE A 26 -52.78 -18.04 -12.53
CA ILE A 26 -52.82 -16.96 -11.55
C ILE A 26 -54.26 -16.76 -11.11
N SER A 27 -54.47 -16.72 -9.80
CA SER A 27 -55.80 -16.51 -9.25
C SER A 27 -55.73 -15.48 -8.13
N PHE A 28 -56.72 -14.58 -8.09
CA PHE A 28 -56.80 -13.55 -7.07
C PHE A 28 -58.25 -13.14 -6.91
N CYS A 29 -58.55 -12.50 -5.79
CA CYS A 29 -59.86 -11.93 -5.55
C CYS A 29 -59.78 -10.42 -5.64
N PRO A 30 -60.54 -9.76 -6.52
CA PRO A 30 -60.44 -8.29 -6.62
C PRO A 30 -60.72 -7.58 -5.31
N LYS A 31 -61.43 -8.22 -4.38
CA LYS A 31 -61.73 -7.63 -3.08
C LYS A 31 -60.56 -7.69 -2.11
N ASP A 32 -59.43 -8.27 -2.53
CA ASP A 32 -58.21 -8.33 -1.72
C ASP A 32 -57.16 -7.47 -2.42
N VAL A 33 -57.13 -6.18 -2.06
CA VAL A 33 -56.18 -5.23 -2.64
C VAL A 33 -55.05 -5.01 -1.64
N LEU A 34 -53.81 -5.24 -2.10
CA LEU A 34 -52.64 -5.03 -1.26
C LEU A 34 -52.12 -3.60 -1.35
N GLY A 35 -52.28 -2.96 -2.50
CA GLY A 35 -51.78 -1.61 -2.66
C GLY A 35 -52.01 -1.14 -4.09
N HIS A 36 -51.87 0.17 -4.26
CA HIS A 36 -52.04 0.82 -5.54
C HIS A 36 -50.75 1.55 -5.91
N GLY A 37 -50.34 1.44 -7.16
CA GLY A 37 -49.11 2.05 -7.60
C GLY A 37 -49.30 3.31 -8.41
N ALA A 38 -48.62 3.41 -9.54
CA ALA A 38 -48.75 4.55 -10.45
C ALA A 38 -49.34 4.07 -11.77
N GLU A 39 -50.03 4.98 -12.45
CA GLU A 39 -50.66 4.67 -13.73
C GLU A 39 -51.71 3.57 -13.58
N GLY A 40 -52.42 3.57 -12.46
CA GLY A 40 -53.55 2.68 -12.26
C GLY A 40 -53.20 1.23 -12.00
N THR A 41 -51.94 0.91 -11.72
CA THR A 41 -51.57 -0.46 -11.45
C THR A 41 -52.02 -0.86 -10.05
N ILE A 42 -52.87 -1.89 -9.96
CA ILE A 42 -53.39 -2.40 -8.70
C ILE A 42 -52.71 -3.73 -8.38
N VAL A 43 -52.48 -3.97 -7.10
CA VAL A 43 -51.83 -5.18 -6.61
C VAL A 43 -52.77 -5.88 -5.64
N TYR A 44 -53.13 -7.12 -5.95
CA TYR A 44 -53.99 -7.94 -5.11
C TYR A 44 -53.18 -9.10 -4.52
N ARG A 45 -53.63 -9.57 -3.35
CA ARG A 45 -53.10 -10.82 -2.83
C ARG A 45 -53.68 -11.99 -3.62
N GLY A 46 -52.86 -12.99 -3.91
CA GLY A 46 -53.33 -14.09 -4.71
C GLY A 46 -52.55 -15.37 -4.53
N MET A 47 -52.56 -16.20 -5.56
CA MET A 47 -51.83 -17.46 -5.57
C MET A 47 -51.45 -17.84 -7.00
N PHE A 48 -50.26 -18.40 -7.14
CA PHE A 48 -49.80 -18.99 -8.39
C PHE A 48 -49.24 -20.37 -8.08
N ASP A 49 -49.89 -21.41 -8.60
CA ASP A 49 -49.41 -22.77 -8.41
C ASP A 49 -49.31 -23.09 -6.91
N ASN A 50 -50.41 -22.88 -6.20
CA ASN A 50 -50.46 -23.11 -4.75
C ASN A 50 -49.44 -22.28 -4.00
N ARG A 51 -48.96 -21.20 -4.61
CA ARG A 51 -47.94 -20.34 -4.05
C ARG A 51 -48.53 -18.96 -3.79
N ASP A 52 -48.56 -18.55 -2.52
CA ASP A 52 -49.04 -17.22 -2.15
C ASP A 52 -48.24 -16.13 -2.86
N VAL A 53 -48.87 -15.43 -3.80
CA VAL A 53 -48.19 -14.42 -4.59
C VAL A 53 -49.01 -13.13 -4.58
N ALA A 54 -48.38 -12.05 -5.01
CA ALA A 54 -49.02 -10.76 -5.18
C ALA A 54 -49.08 -10.44 -6.67
N VAL A 55 -50.31 -10.29 -7.20
CA VAL A 55 -50.53 -10.07 -8.63
C VAL A 55 -50.63 -8.57 -8.90
N LYS A 56 -50.25 -8.17 -10.10
CA LYS A 56 -50.31 -6.77 -10.52
C LYS A 56 -51.13 -6.67 -11.79
N ARG A 57 -52.18 -5.84 -11.75
CA ARG A 57 -53.03 -5.61 -12.92
C ARG A 57 -52.49 -4.40 -13.67
N ILE A 58 -52.11 -4.60 -14.94
CA ILE A 58 -51.42 -3.58 -15.73
C ILE A 58 -52.31 -3.14 -16.88
N LEU A 59 -52.55 -1.83 -16.98
CA LEU A 59 -53.47 -1.31 -17.99
C LEU A 59 -52.74 -1.07 -19.31
N PRO A 60 -53.49 -0.93 -20.42
CA PRO A 60 -52.85 -1.06 -21.74
C PRO A 60 -51.75 -0.05 -22.01
N GLU A 61 -51.91 1.20 -21.56
CA GLU A 61 -50.91 2.23 -21.79
C GLU A 61 -49.57 1.89 -21.13
N CYS A 62 -49.52 0.87 -20.28
CA CYS A 62 -48.34 0.55 -19.50
C CYS A 62 -47.82 -0.86 -19.79
N PHE A 63 -48.36 -1.53 -20.81
CA PHE A 63 -47.97 -2.91 -21.09
C PHE A 63 -46.47 -3.03 -21.38
N SER A 64 -45.86 -1.98 -21.93
CA SER A 64 -44.46 -2.07 -22.30
C SER A 64 -43.52 -1.93 -21.10
N PHE A 65 -43.92 -1.15 -20.09
CA PHE A 65 -43.10 -1.05 -18.88
C PHE A 65 -42.98 -2.40 -18.18
N ALA A 66 -44.07 -3.16 -18.15
CA ALA A 66 -44.03 -4.48 -17.53
C ALA A 66 -43.10 -5.43 -18.29
N ASP A 67 -43.21 -5.44 -19.63
CA ASP A 67 -42.36 -6.32 -20.42
C ASP A 67 -40.88 -6.16 -20.06
N ARG A 68 -40.44 -4.91 -19.84
CA ARG A 68 -39.08 -4.68 -19.41
C ARG A 68 -38.86 -5.21 -17.99
N GLU A 69 -39.74 -4.84 -17.06
CA GLU A 69 -39.57 -5.25 -15.67
C GLU A 69 -39.50 -6.76 -15.55
N VAL A 70 -40.43 -7.47 -16.19
CA VAL A 70 -40.44 -8.93 -16.10
C VAL A 70 -39.12 -9.49 -16.62
N GLN A 71 -38.68 -9.01 -17.78
CA GLN A 71 -37.43 -9.50 -18.35
C GLN A 71 -36.26 -9.24 -17.39
N LEU A 72 -36.18 -8.02 -16.85
CA LEU A 72 -35.12 -7.70 -15.90
C LEU A 72 -35.21 -8.59 -14.66
N LEU A 73 -36.44 -8.78 -14.15
CA LEU A 73 -36.62 -9.62 -12.97
C LEU A 73 -36.15 -11.05 -13.21
N ARG A 74 -36.31 -11.55 -14.42
CA ARG A 74 -35.91 -12.91 -14.74
C ARG A 74 -34.40 -13.09 -14.79
N GLU A 75 -33.65 -11.99 -14.81
CA GLU A 75 -32.19 -12.04 -14.88
C GLU A 75 -31.53 -11.88 -13.53
N SER A 76 -32.29 -11.68 -12.45
CA SER A 76 -31.67 -11.36 -11.17
C SER A 76 -32.51 -11.81 -9.98
N ASP A 77 -33.73 -12.31 -10.22
CA ASP A 77 -34.60 -12.71 -9.12
C ASP A 77 -33.97 -13.77 -8.23
N GLU A 78 -32.93 -14.45 -8.73
CA GLU A 78 -32.31 -15.53 -7.97
C GLU A 78 -31.69 -15.02 -6.67
N HIS A 79 -31.06 -13.86 -6.70
CA HIS A 79 -30.38 -13.36 -5.51
C HIS A 79 -31.36 -13.33 -4.33
N PRO A 80 -30.91 -13.73 -3.14
CA PRO A 80 -31.84 -13.81 -2.01
C PRO A 80 -32.52 -12.49 -1.68
N ASN A 81 -31.88 -11.36 -1.97
CA ASN A 81 -32.40 -10.04 -1.64
C ASN A 81 -32.89 -9.28 -2.87
N VAL A 82 -33.38 -10.01 -3.87
CA VAL A 82 -34.10 -9.44 -5.00
C VAL A 82 -35.40 -10.22 -5.13
N ILE A 83 -36.53 -9.50 -5.13
CA ILE A 83 -37.86 -10.09 -5.14
C ILE A 83 -37.94 -11.21 -6.18
N ARG A 84 -38.67 -12.27 -5.85
CA ARG A 84 -38.74 -13.45 -6.70
C ARG A 84 -39.94 -13.34 -7.64
N TYR A 85 -39.68 -13.40 -8.94
CA TYR A 85 -40.72 -13.31 -9.96
C TYR A 85 -41.08 -14.71 -10.45
N PHE A 86 -42.38 -14.95 -10.63
CA PHE A 86 -42.89 -16.29 -10.92
C PHE A 86 -43.43 -16.43 -12.34
N CYS A 87 -44.44 -15.63 -12.71
CA CYS A 87 -45.07 -15.82 -14.02
C CYS A 87 -45.78 -14.53 -14.42
N THR A 88 -46.28 -14.53 -15.65
CA THR A 88 -47.04 -13.39 -16.18
C THR A 88 -48.00 -13.90 -17.26
N GLU A 89 -49.30 -13.72 -17.02
CA GLU A 89 -50.33 -14.04 -18.00
C GLU A 89 -51.01 -12.75 -18.48
N LYS A 90 -51.69 -12.85 -19.61
CA LYS A 90 -52.41 -11.73 -20.18
C LYS A 90 -53.88 -12.07 -20.38
N ASP A 91 -54.71 -11.04 -20.30
CA ASP A 91 -56.16 -11.14 -20.44
C ASP A 91 -56.59 -10.51 -21.75
N ARG A 92 -57.91 -10.38 -21.94
CA ARG A 92 -58.41 -9.68 -23.11
C ARG A 92 -58.06 -8.21 -23.07
N GLN A 93 -57.95 -7.63 -21.87
CA GLN A 93 -57.70 -6.20 -21.75
C GLN A 93 -56.64 -5.84 -20.71
N PHE A 94 -56.17 -6.78 -19.89
CA PHE A 94 -55.20 -6.49 -18.85
C PHE A 94 -54.04 -7.47 -18.96
N GLN A 95 -52.95 -7.15 -18.25
CA GLN A 95 -51.78 -8.02 -18.15
C GLN A 95 -51.40 -8.16 -16.68
N TYR A 96 -51.11 -9.39 -16.27
CA TYR A 96 -50.87 -9.70 -14.86
C TYR A 96 -49.44 -10.18 -14.66
N ILE A 97 -48.90 -9.87 -13.48
CA ILE A 97 -47.52 -10.21 -13.10
C ILE A 97 -47.53 -10.69 -11.66
N ALA A 98 -47.20 -11.96 -11.45
CA ALA A 98 -47.21 -12.56 -10.13
C ALA A 98 -45.79 -12.65 -9.59
N ILE A 99 -45.57 -12.11 -8.39
CA ILE A 99 -44.27 -12.15 -7.73
C ILE A 99 -44.48 -12.50 -6.27
N GLU A 100 -43.36 -12.70 -5.58
CA GLU A 100 -43.38 -13.14 -4.19
C GLU A 100 -44.19 -12.17 -3.32
N LEU A 101 -45.05 -12.72 -2.47
CA LEU A 101 -45.84 -11.92 -1.55
C LEU A 101 -45.01 -11.61 -0.30
N CYS A 102 -45.03 -10.34 0.10
CA CYS A 102 -44.25 -9.86 1.23
C CYS A 102 -45.15 -9.54 2.42
N ALA A 103 -44.53 -9.25 3.55
CA ALA A 103 -45.26 -8.91 4.76
C ALA A 103 -45.41 -7.41 4.98
N ALA A 104 -44.42 -6.62 4.57
CA ALA A 104 -44.46 -5.17 4.77
C ALA A 104 -43.45 -4.54 3.82
N THR A 105 -43.37 -3.21 3.87
CA THR A 105 -42.29 -2.47 3.23
C THR A 105 -41.47 -1.78 4.31
N LEU A 106 -40.23 -1.43 3.95
CA LEU A 106 -39.34 -0.80 4.93
C LEU A 106 -39.97 0.44 5.56
N GLN A 107 -40.82 1.14 4.81
CA GLN A 107 -41.58 2.26 5.37
C GLN A 107 -42.39 1.81 6.58
N GLU A 108 -43.27 0.83 6.39
CA GLU A 108 -44.11 0.36 7.49
C GLU A 108 -43.27 -0.20 8.63
N TYR A 109 -42.18 -0.88 8.30
CA TYR A 109 -41.29 -1.43 9.32
C TYR A 109 -40.72 -0.32 10.20
N VAL A 110 -40.17 0.73 9.57
CA VAL A 110 -39.60 1.85 10.32
C VAL A 110 -40.68 2.58 11.11
N GLU A 111 -41.81 2.87 10.46
CA GLU A 111 -42.84 3.70 11.07
C GLU A 111 -43.65 2.98 12.13
N GLN A 112 -43.46 1.67 12.33
CA GLN A 112 -44.38 0.90 13.17
C GLN A 112 -43.69 -0.32 13.79
N LYS A 113 -42.50 -0.15 14.33
CA LYS A 113 -41.81 -1.25 15.00
C LYS A 113 -40.99 -0.67 16.14
N ASP A 114 -41.16 -1.24 17.35
CA ASP A 114 -40.53 -0.71 18.56
C ASP A 114 -39.07 -0.33 18.36
N PHE A 115 -38.30 -1.21 17.73
CA PHE A 115 -36.88 -0.96 17.48
C PHE A 115 -36.05 -1.24 18.74
N ALA A 116 -36.66 -1.02 19.92
CA ALA A 116 -35.96 -1.29 21.17
C ALA A 116 -35.80 -2.77 21.42
N HIS A 117 -36.75 -3.58 20.92
CA HIS A 117 -36.64 -5.03 20.98
C HIS A 117 -36.24 -5.64 19.64
N LEU A 118 -36.08 -4.81 18.61
CA LEU A 118 -35.60 -5.28 17.32
C LEU A 118 -34.09 -5.51 17.29
N GLY A 119 -33.39 -5.10 18.35
CA GLY A 119 -31.96 -5.28 18.42
C GLY A 119 -31.23 -4.78 17.19
N LEU A 120 -30.59 -5.69 16.47
CA LEU A 120 -29.76 -5.37 15.32
C LEU A 120 -30.41 -5.75 14.00
N GLU A 121 -31.66 -6.23 14.02
CA GLU A 121 -32.35 -6.55 12.78
C GLU A 121 -32.35 -5.39 11.79
N PRO A 122 -32.47 -4.12 12.20
CA PRO A 122 -32.50 -3.04 11.20
C PRO A 122 -31.22 -2.92 10.38
N ILE A 123 -30.06 -3.11 11.00
CA ILE A 123 -28.81 -3.03 10.24
C ILE A 123 -28.65 -4.24 9.34
N THR A 124 -29.13 -5.42 9.79
CA THR A 124 -29.16 -6.58 8.91
C THR A 124 -29.99 -6.30 7.67
N LEU A 125 -31.08 -5.54 7.83
CA LEU A 125 -31.89 -5.16 6.68
C LEU A 125 -31.13 -4.23 5.75
N LEU A 126 -30.49 -3.21 6.31
CA LEU A 126 -29.71 -2.30 5.47
C LEU A 126 -28.62 -3.05 4.73
N GLN A 127 -27.97 -4.02 5.38
CA GLN A 127 -26.92 -4.79 4.72
C GLN A 127 -27.49 -5.69 3.63
N GLN A 128 -28.73 -6.15 3.79
CA GLN A 128 -29.34 -7.02 2.78
C GLN A 128 -29.69 -6.25 1.51
N THR A 129 -30.36 -5.11 1.66
CA THR A 129 -30.71 -4.31 0.48
C THR A 129 -29.45 -3.84 -0.26
N THR A 130 -28.37 -3.57 0.47
CA THR A 130 -27.09 -3.27 -0.18
C THR A 130 -26.61 -4.46 -1.01
N SER A 131 -26.63 -5.65 -0.41
CA SER A 131 -26.20 -6.86 -1.11
C SER A 131 -26.96 -7.05 -2.42
N GLY A 132 -28.30 -7.00 -2.35
CA GLY A 132 -29.08 -7.10 -3.56
C GLY A 132 -28.75 -6.01 -4.57
N LEU A 133 -28.42 -4.81 -4.10
CA LEU A 133 -28.11 -3.73 -5.03
C LEU A 133 -26.75 -3.94 -5.68
N ALA A 134 -25.78 -4.48 -4.92
CA ALA A 134 -24.50 -4.85 -5.51
C ALA A 134 -24.68 -5.91 -6.58
N HIS A 135 -25.56 -6.88 -6.33
CA HIS A 135 -25.87 -7.90 -7.32
C HIS A 135 -26.45 -7.28 -8.58
N LEU A 136 -27.42 -6.37 -8.42
CA LEU A 136 -28.02 -5.72 -9.58
C LEU A 136 -26.99 -4.92 -10.37
N HIS A 137 -26.06 -4.28 -9.67
CA HIS A 137 -25.02 -3.52 -10.36
C HIS A 137 -24.03 -4.44 -11.07
N SER A 138 -23.74 -5.60 -10.49
CA SER A 138 -22.90 -6.57 -11.16
C SER A 138 -23.53 -7.10 -12.43
N LEU A 139 -24.85 -6.95 -12.58
CA LEU A 139 -25.57 -7.36 -13.78
C LEU A 139 -25.80 -6.20 -14.74
N ASN A 140 -25.20 -5.03 -14.49
CA ASN A 140 -25.37 -3.84 -15.32
C ASN A 140 -26.83 -3.36 -15.30
N ILE A 141 -27.38 -3.24 -14.10
CA ILE A 141 -28.74 -2.77 -13.92
C ILE A 141 -28.72 -1.67 -12.87
N VAL A 142 -29.34 -0.54 -13.19
CA VAL A 142 -29.48 0.59 -12.26
C VAL A 142 -30.94 0.69 -11.86
N HIS A 143 -31.20 0.69 -10.55
CA HIS A 143 -32.58 0.73 -10.09
C HIS A 143 -33.25 2.05 -10.45
N ARG A 144 -32.67 3.17 -10.02
CA ARG A 144 -33.10 4.52 -10.37
C ARG A 144 -34.33 4.98 -9.58
N ASP A 145 -34.90 4.15 -8.72
CA ASP A 145 -36.09 4.50 -7.97
C ASP A 145 -36.08 3.71 -6.66
N LEU A 146 -34.99 3.84 -5.90
CA LEU A 146 -34.84 3.15 -4.63
C LEU A 146 -35.39 4.04 -3.51
N LYS A 147 -36.33 3.50 -2.75
CA LYS A 147 -36.92 4.22 -1.63
C LYS A 147 -37.39 3.21 -0.59
N PRO A 148 -37.58 3.64 0.65
CA PRO A 148 -38.09 2.72 1.68
C PRO A 148 -39.38 2.02 1.28
N HIS A 149 -40.04 2.54 0.23
CA HIS A 149 -41.28 1.95 -0.26
C HIS A 149 -41.01 0.71 -1.11
N ASN A 150 -39.93 0.73 -1.91
CA ASN A 150 -39.60 -0.41 -2.77
C ASN A 150 -38.87 -1.53 -2.03
N ILE A 151 -38.45 -1.30 -0.78
CA ILE A 151 -37.76 -2.31 0.00
C ILE A 151 -38.82 -3.03 0.81
N LEU A 152 -39.18 -4.24 0.36
CA LEU A 152 -40.18 -5.05 1.02
C LEU A 152 -39.53 -6.02 1.99
N ILE A 153 -40.26 -6.37 3.04
CA ILE A 153 -39.79 -7.30 4.05
C ILE A 153 -40.44 -8.66 3.83
N SER A 154 -39.63 -9.71 3.96
CA SER A 154 -40.10 -11.06 3.68
C SER A 154 -41.21 -11.47 4.64
N MET A 155 -42.10 -12.32 4.14
CA MET A 155 -43.00 -13.02 5.03
C MET A 155 -42.17 -13.90 5.97
N PRO A 156 -42.54 -13.99 7.24
CA PRO A 156 -41.73 -14.77 8.18
C PRO A 156 -41.43 -16.17 7.63
N ASN A 157 -40.27 -16.69 8.01
CA ASN A 157 -39.78 -17.95 7.47
C ASN A 157 -40.51 -19.12 8.13
N ALA A 158 -40.05 -20.34 7.82
CA ALA A 158 -40.44 -21.52 8.57
C ALA A 158 -39.77 -21.55 9.94
N HIS A 159 -38.91 -20.58 10.25
CA HIS A 159 -38.23 -20.51 11.54
C HIS A 159 -38.33 -19.13 12.19
N GLY A 160 -38.99 -18.17 11.55
CA GLY A 160 -39.23 -16.87 12.15
C GLY A 160 -38.24 -15.78 11.79
N LYS A 161 -37.57 -15.88 10.65
CA LYS A 161 -36.59 -14.88 10.24
C LYS A 161 -37.07 -14.18 8.97
N ILE A 162 -36.67 -12.92 8.83
CA ILE A 162 -37.10 -12.11 7.69
C ILE A 162 -35.87 -11.57 6.96
N LYS A 163 -36.12 -11.10 5.74
CA LYS A 163 -35.09 -10.57 4.85
C LYS A 163 -35.68 -9.43 4.05
N ALA A 164 -34.82 -8.51 3.63
CA ALA A 164 -35.21 -7.38 2.81
C ALA A 164 -34.96 -7.68 1.34
N MET A 165 -35.76 -7.06 0.47
CA MET A 165 -35.60 -7.28 -0.96
C MET A 165 -35.94 -6.01 -1.73
N ILE A 166 -35.43 -5.95 -2.96
CA ILE A 166 -35.69 -4.85 -3.88
C ILE A 166 -36.78 -5.26 -4.86
N SER A 167 -37.70 -4.35 -5.14
CA SER A 167 -38.77 -4.62 -6.09
C SER A 167 -38.94 -3.39 -6.97
N ASP A 168 -40.07 -3.31 -7.68
CA ASP A 168 -40.37 -2.21 -8.57
C ASP A 168 -39.26 -2.01 -9.60
N PHE A 169 -39.05 -3.04 -10.41
CA PHE A 169 -38.08 -2.99 -11.50
C PHE A 169 -38.64 -2.34 -12.76
N GLY A 170 -39.84 -1.76 -12.69
CA GLY A 170 -40.44 -1.18 -13.88
C GLY A 170 -39.60 -0.06 -14.48
N LEU A 171 -38.95 0.73 -13.62
CA LEU A 171 -38.15 1.86 -14.06
C LEU A 171 -36.65 1.57 -14.07
N CYS A 172 -36.27 0.29 -14.08
CA CYS A 172 -34.86 -0.06 -14.09
C CYS A 172 -34.25 0.21 -15.46
N LYS A 173 -32.91 0.20 -15.49
CA LYS A 173 -32.16 0.49 -16.72
C LYS A 173 -31.07 -0.56 -16.87
N LYS A 174 -31.13 -1.33 -17.95
CA LYS A 174 -30.05 -2.22 -18.34
C LYS A 174 -29.08 -1.42 -19.21
N LEU A 175 -27.91 -1.13 -18.66
CA LEU A 175 -26.93 -0.33 -19.40
C LEU A 175 -26.54 -1.04 -20.70
N ALA A 176 -26.36 -0.25 -21.76
CA ALA A 176 -25.91 -0.79 -23.03
C ALA A 176 -24.58 -1.53 -22.87
N VAL A 177 -24.33 -2.46 -23.78
CA VAL A 177 -23.15 -3.33 -23.68
C VAL A 177 -21.89 -2.47 -23.68
N GLY A 178 -21.06 -2.65 -22.65
CA GLY A 178 -19.83 -1.91 -22.52
C GLY A 178 -19.94 -0.53 -21.91
N ARG A 179 -21.10 0.11 -22.02
CA ARG A 179 -21.31 1.42 -21.40
C ARG A 179 -21.36 1.30 -19.89
N HIS A 180 -21.04 2.39 -19.21
CA HIS A 180 -21.10 2.43 -17.76
C HIS A 180 -21.80 3.69 -17.30
N PHE A 182 -25.59 6.34 -18.48
CA PHE A 182 -26.85 6.38 -19.21
C PHE A 182 -27.38 7.79 -19.35
N ARG A 184 -30.16 10.82 -19.92
CA ARG A 184 -31.43 11.06 -19.25
C ARG A 184 -32.63 11.01 -20.20
N ARG A 185 -32.52 10.19 -21.25
CA ARG A 185 -33.52 10.18 -22.32
C ARG A 185 -34.92 9.74 -21.87
N GLY A 187 -36.67 10.71 -19.25
CA GLY A 187 -37.08 11.63 -18.20
C GLY A 187 -36.27 11.40 -16.93
N VAL A 188 -36.85 11.77 -15.79
CA VAL A 188 -36.17 11.58 -14.51
C VAL A 188 -36.97 10.60 -13.67
N PRO A 189 -36.69 9.30 -13.75
CA PRO A 189 -37.43 8.32 -12.94
C PRO A 189 -36.99 8.34 -11.49
N GLY A 190 -37.94 8.22 -10.58
CA GLY A 190 -37.63 8.27 -9.17
C GLY A 190 -38.60 9.11 -8.38
N THR A 191 -38.47 9.12 -7.06
CA THR A 191 -39.43 9.79 -6.19
C THR A 191 -38.84 11.09 -5.65
N GLU A 192 -39.65 12.14 -5.62
CA GLU A 192 -39.22 13.40 -5.04
C GLU A 192 -38.76 13.16 -3.60
N GLY A 193 -37.48 13.45 -3.34
CA GLY A 193 -36.87 13.23 -2.05
C GLY A 193 -35.74 12.22 -2.06
N TRP A 194 -35.66 11.39 -3.11
CA TRP A 194 -34.65 10.35 -3.21
C TRP A 194 -33.92 10.37 -4.54
N ILE A 195 -34.14 11.38 -5.36
CA ILE A 195 -33.50 11.48 -6.68
C ILE A 195 -32.17 12.18 -6.51
N ALA A 196 -31.10 11.51 -6.96
CA ALA A 196 -29.76 12.08 -6.84
C ALA A 196 -29.63 13.34 -7.69
N PRO A 197 -28.80 14.29 -7.27
CA PRO A 197 -28.77 15.60 -7.95
C PRO A 197 -28.37 15.54 -9.41
N GLU A 198 -27.47 14.62 -9.79
CA GLU A 198 -27.07 14.53 -11.18
C GLU A 198 -28.23 14.16 -12.09
N MET A 199 -29.31 13.62 -11.55
CA MET A 199 -30.42 13.16 -12.37
C MET A 199 -31.26 14.32 -12.90
N LEU A 200 -31.43 15.39 -12.13
CA LEU A 200 -32.33 16.47 -12.49
C LEU A 200 -31.64 17.63 -13.20
N SER A 201 -30.42 17.95 -12.83
CA SER A 201 -29.78 19.14 -13.37
C SER A 201 -29.41 18.96 -14.84
N GLU A 202 -29.44 20.08 -15.57
CA GLU A 202 -28.89 20.14 -16.91
C GLU A 202 -27.47 20.71 -16.94
N ASP A 203 -27.07 21.45 -15.91
CA ASP A 203 -25.70 21.95 -15.86
C ASP A 203 -24.69 20.83 -15.67
N CYS A 204 -25.13 19.63 -15.33
CA CYS A 204 -24.23 18.50 -15.16
C CYS A 204 -23.59 18.13 -16.49
N LYS A 205 -22.30 17.83 -16.45
CA LYS A 205 -21.60 17.31 -17.62
C LYS A 205 -21.60 15.79 -17.63
N GLU A 206 -21.38 15.18 -16.47
CA GLU A 206 -21.33 13.72 -16.37
C GLU A 206 -22.74 13.16 -16.31
N ASN A 207 -23.04 12.21 -17.21
CA ASN A 207 -24.31 11.52 -17.15
C ASN A 207 -24.34 10.57 -15.96
N PRO A 208 -25.53 10.15 -15.53
CA PRO A 208 -25.63 9.34 -14.32
C PRO A 208 -25.04 7.95 -14.51
N THR A 209 -24.62 7.36 -13.40
CA THR A 209 -24.11 5.99 -13.38
C THR A 209 -24.80 5.25 -12.24
N TYR A 210 -24.15 4.18 -11.77
CA TYR A 210 -24.72 3.41 -10.66
C TYR A 210 -24.78 4.24 -9.38
N THR A 211 -23.94 5.27 -9.28
CA THR A 211 -23.88 6.11 -8.09
C THR A 211 -25.27 6.63 -7.70
N VAL A 212 -26.08 6.99 -8.71
CA VAL A 212 -27.43 7.50 -8.46
C VAL A 212 -28.20 6.56 -7.55
N ASP A 213 -27.89 5.27 -7.59
CA ASP A 213 -28.52 4.33 -6.67
C ASP A 213 -27.91 4.40 -5.28
N ILE A 214 -26.63 4.79 -5.18
CA ILE A 214 -25.99 4.86 -3.88
C ILE A 214 -26.48 6.08 -3.10
N PHE A 215 -26.65 7.21 -3.79
CA PHE A 215 -27.24 8.38 -3.15
C PHE A 215 -28.58 8.02 -2.51
N SER A 216 -29.46 7.38 -3.28
CA SER A 216 -30.76 6.99 -2.73
C SER A 216 -30.60 6.05 -1.55
N ALA A 217 -29.72 5.06 -1.67
CA ALA A 217 -29.50 4.13 -0.55
C ALA A 217 -28.91 4.87 0.65
N GLY A 218 -27.99 5.80 0.41
CA GLY A 218 -27.44 6.58 1.50
C GLY A 218 -28.48 7.38 2.25
N CYS A 219 -29.57 7.76 1.58
CA CYS A 219 -30.69 8.36 2.29
C CYS A 219 -31.44 7.31 3.10
N VAL A 220 -31.71 6.14 2.51
CA VAL A 220 -32.44 5.09 3.21
C VAL A 220 -31.68 4.64 4.45
N PHE A 221 -30.36 4.47 4.32
CA PHE A 221 -29.52 4.18 5.48
C PHE A 221 -29.84 5.12 6.63
N TYR A 222 -29.76 6.43 6.37
CA TYR A 222 -30.08 7.41 7.40
C TYR A 222 -31.54 7.29 7.83
N TYR A 223 -32.45 7.17 6.87
CA TYR A 223 -33.87 7.01 7.18
C TYR A 223 -34.09 5.92 8.21
N VAL A 224 -33.32 4.83 8.13
CA VAL A 224 -33.55 3.70 9.03
C VAL A 224 -32.92 3.94 10.39
N ILE A 225 -31.72 4.55 10.45
CA ILE A 225 -31.10 4.77 11.74
C ILE A 225 -31.74 5.95 12.47
N SER A 226 -32.27 6.93 11.74
CA SER A 226 -32.98 8.05 12.35
C SER A 226 -34.42 7.71 12.71
N GLU A 227 -34.89 6.51 12.36
CA GLU A 227 -36.26 6.09 12.64
C GLU A 227 -37.29 6.91 11.87
N GLY A 228 -36.89 7.43 10.70
CA GLY A 228 -37.84 8.07 9.82
C GLY A 228 -37.37 9.36 9.18
N SER A 229 -36.29 9.95 9.70
CA SER A 229 -35.85 11.25 9.23
C SER A 229 -35.00 11.11 7.96
N HIS A 230 -34.88 12.22 7.24
CA HIS A 230 -34.22 12.27 5.95
C HIS A 230 -33.01 13.18 6.02
N PRO A 231 -31.90 12.83 5.34
CA PRO A 231 -30.71 13.68 5.40
C PRO A 231 -30.89 15.05 4.77
N PHE A 232 -31.98 15.30 4.03
CA PHE A 232 -32.18 16.56 3.33
C PHE A 232 -33.46 17.27 3.76
N GLY A 233 -33.91 17.02 4.98
CA GLY A 233 -35.03 17.77 5.54
C GLY A 233 -36.37 17.10 5.36
N LYS A 234 -37.41 17.93 5.38
CA LYS A 234 -38.78 17.46 5.29
C LYS A 234 -39.19 17.27 3.84
N SER A 235 -40.42 16.78 3.63
CA SER A 235 -40.80 16.23 2.34
C SER A 235 -40.75 17.28 1.23
N LEU A 236 -41.42 18.42 1.41
CA LEU A 236 -41.57 19.36 0.28
C LEU A 236 -40.24 20.01 -0.09
N GLN A 237 -39.49 20.50 0.89
CA GLN A 237 -38.23 21.17 0.59
C GLN A 237 -37.08 20.19 0.35
N ARG A 238 -37.34 18.88 0.37
CA ARG A 238 -36.31 17.87 0.22
C ARG A 238 -35.57 17.98 -1.11
N GLN A 239 -36.27 17.70 -2.21
CA GLN A 239 -35.64 17.81 -3.53
C GLN A 239 -34.98 19.16 -3.71
N ALA A 240 -35.58 20.22 -3.16
CA ALA A 240 -34.94 21.53 -3.17
C ALA A 240 -33.60 21.49 -2.44
N ASN A 241 -33.58 20.92 -1.24
CA ASN A 241 -32.36 20.86 -0.45
C ASN A 241 -31.30 19.97 -1.10
N ILE A 242 -31.72 18.84 -1.67
CA ILE A 242 -30.79 17.94 -2.35
C ILE A 242 -29.97 18.71 -3.38
N LEU A 243 -30.66 19.37 -4.31
CA LEU A 243 -29.99 20.10 -5.38
C LEU A 243 -29.00 21.10 -4.82
N LEU A 244 -29.34 21.76 -3.71
CA LEU A 244 -28.47 22.76 -3.11
C LEU A 244 -27.35 22.16 -2.27
N GLY A 245 -27.30 20.83 -2.15
CA GLY A 245 -26.30 20.19 -1.31
C GLY A 245 -26.52 20.34 0.17
N ALA A 246 -27.72 20.79 0.59
CA ALA A 246 -27.99 21.09 2.00
C ALA A 246 -28.45 19.81 2.70
N CYS A 247 -27.46 19.04 3.16
CA CYS A 247 -27.71 17.81 3.91
C CYS A 247 -27.44 18.06 5.38
N SER A 248 -28.29 17.46 6.23
CA SER A 248 -28.15 17.62 7.67
C SER A 248 -28.44 16.28 8.34
N LEU A 249 -27.43 15.72 9.00
CA LEU A 249 -27.58 14.50 9.77
C LEU A 249 -27.43 14.84 11.25
N ASP A 250 -28.38 15.62 11.76
CA ASP A 250 -28.37 15.98 13.16
C ASP A 250 -28.72 14.82 14.08
N CYS A 251 -29.20 13.70 13.52
CA CYS A 251 -29.53 12.52 14.33
C CYS A 251 -28.29 11.79 14.83
N LEU A 252 -27.10 12.16 14.38
CA LEU A 252 -25.86 11.46 14.68
C LEU A 252 -24.98 12.38 15.52
N HIS A 253 -24.70 11.97 16.75
CA HIS A 253 -23.86 12.78 17.61
C HIS A 253 -22.47 12.95 16.99
N PRO A 254 -21.83 14.11 17.17
CA PRO A 254 -20.50 14.30 16.61
C PRO A 254 -19.38 13.72 17.46
N GLU A 255 -19.70 13.20 18.66
CA GLU A 255 -18.70 12.69 19.58
C GLU A 255 -19.07 11.32 20.14
N LYS A 256 -19.81 10.52 19.36
CA LYS A 256 -20.17 9.17 19.74
C LYS A 256 -19.64 8.21 18.68
N HIS A 257 -18.92 7.17 19.12
CA HIS A 257 -18.26 6.25 18.19
C HIS A 257 -19.21 5.75 17.10
N GLU A 258 -20.34 5.16 17.51
CA GLU A 258 -21.29 4.61 16.55
C GLU A 258 -21.74 5.66 15.55
N ASP A 259 -22.06 6.86 16.04
CA ASP A 259 -22.58 7.89 15.16
C ASP A 259 -21.52 8.39 14.18
N VAL A 260 -20.27 8.51 14.64
CA VAL A 260 -19.18 8.98 13.77
C VAL A 260 -19.01 8.05 12.57
N ILE A 261 -19.11 6.75 12.79
CA ILE A 261 -18.97 5.79 11.71
C ILE A 261 -20.13 5.93 10.72
N ALA A 262 -21.37 5.91 11.22
CA ALA A 262 -22.52 6.04 10.34
C ALA A 262 -22.49 7.36 9.59
N ARG A 263 -22.00 8.43 10.23
CA ARG A 263 -21.80 9.70 9.54
C ARG A 263 -20.84 9.53 8.36
N GLU A 264 -19.67 8.94 8.62
CA GLU A 264 -18.67 8.78 7.58
C GLU A 264 -19.23 8.09 6.35
N LEU A 265 -19.96 6.99 6.55
CA LEU A 265 -20.53 6.27 5.42
C LEU A 265 -21.66 7.05 4.77
N ILE A 266 -22.65 7.49 5.55
CA ILE A 266 -23.79 8.19 4.97
C ILE A 266 -23.34 9.46 4.26
N GLU A 267 -22.46 10.23 4.90
CA GLU A 267 -21.97 11.47 4.28
C GLU A 267 -21.32 11.21 2.92
N LYS A 268 -20.77 10.01 2.71
CA LYS A 268 -20.13 9.68 1.44
C LYS A 268 -21.09 9.10 0.43
N MET A 269 -22.19 8.49 0.88
CA MET A 269 -23.15 7.95 -0.06
C MET A 269 -24.02 9.04 -0.67
N ILE A 270 -24.32 10.08 0.10
CA ILE A 270 -25.20 11.16 -0.36
C ILE A 270 -24.35 12.31 -0.88
N ALA A 271 -23.08 12.02 -1.19
CA ALA A 271 -22.17 13.05 -1.67
C ALA A 271 -22.75 13.77 -2.87
N MET A 272 -22.42 15.06 -2.99
CA MET A 272 -22.91 15.84 -4.12
C MET A 272 -22.19 15.46 -5.42
N ASP A 273 -20.90 15.17 -5.34
CA ASP A 273 -20.14 14.73 -6.51
C ASP A 273 -20.27 13.22 -6.66
N PRO A 274 -20.87 12.73 -7.76
CA PRO A 274 -21.08 11.26 -7.85
C PRO A 274 -19.81 10.46 -7.71
N GLN A 275 -18.70 10.94 -8.26
CA GLN A 275 -17.45 10.18 -8.26
C GLN A 275 -16.86 10.01 -6.85
N LYS A 276 -17.36 10.76 -5.86
CA LYS A 276 -16.89 10.61 -4.49
C LYS A 276 -17.71 9.61 -3.68
N ARG A 277 -18.69 8.92 -4.31
CA ARG A 277 -19.60 8.04 -3.60
C ARG A 277 -19.09 6.60 -3.64
N PRO A 278 -19.02 5.92 -2.50
CA PRO A 278 -18.59 4.52 -2.49
C PRO A 278 -19.48 3.65 -3.36
N SER A 279 -18.87 2.69 -4.05
CA SER A 279 -19.60 1.66 -4.75
C SER A 279 -20.44 0.85 -3.74
N ALA A 280 -21.26 -0.06 -4.28
CA ALA A 280 -22.04 -0.94 -3.42
C ALA A 280 -21.13 -1.89 -2.65
N LYS A 281 -20.15 -2.48 -3.34
CA LYS A 281 -19.22 -3.40 -2.67
C LYS A 281 -18.40 -2.69 -1.61
N HIS A 282 -18.04 -1.43 -1.85
CA HIS A 282 -17.36 -0.64 -0.83
C HIS A 282 -18.22 -0.50 0.41
N VAL A 283 -19.47 -0.05 0.21
CA VAL A 283 -20.41 0.09 1.33
C VAL A 283 -20.49 -1.20 2.14
N LEU A 284 -20.35 -2.35 1.47
CA LEU A 284 -20.55 -3.62 2.15
C LEU A 284 -19.42 -3.94 3.14
N LYS A 285 -18.25 -3.33 2.97
CA LYS A 285 -17.12 -3.56 3.86
C LYS A 285 -16.93 -2.44 4.88
N HIS A 286 -17.71 -1.37 4.80
CA HIS A 286 -17.48 -0.22 5.66
C HIS A 286 -17.75 -0.57 7.14
N PRO A 287 -16.95 0.00 8.06
CA PRO A 287 -17.12 -0.29 9.51
C PRO A 287 -18.55 -0.22 10.01
N PHE A 288 -19.40 0.53 9.30
CA PHE A 288 -20.81 0.61 9.70
C PHE A 288 -21.40 -0.78 9.96
N PHE A 289 -20.79 -1.83 9.38
CA PHE A 289 -21.36 -3.17 9.40
C PHE A 289 -20.56 -4.16 10.23
N TRP A 290 -19.49 -3.73 10.90
CA TRP A 290 -18.61 -4.67 11.59
C TRP A 290 -19.13 -5.03 12.98
N SER A 291 -18.80 -6.25 13.41
CA SER A 291 -19.04 -6.64 14.78
C SER A 291 -18.13 -5.85 15.73
N LEU A 292 -18.34 -6.06 17.03
CA LEU A 292 -17.40 -5.51 18.00
C LEU A 292 -16.05 -6.23 17.92
N GLU A 293 -16.08 -7.56 17.81
CA GLU A 293 -14.84 -8.32 17.70
C GLU A 293 -14.06 -7.93 16.44
N LYS A 294 -14.77 -7.63 15.35
CA LYS A 294 -14.08 -7.25 14.13
C LYS A 294 -13.35 -5.93 14.30
N GLN A 295 -13.92 -5.01 15.08
CA GLN A 295 -13.25 -3.74 15.32
C GLN A 295 -11.95 -3.95 16.09
N LEU A 296 -11.99 -4.77 17.14
CA LEU A 296 -10.76 -5.15 17.83
C LEU A 296 -9.75 -5.74 16.85
N GLN A 297 -10.20 -6.71 16.04
CA GLN A 297 -9.31 -7.31 15.05
C GLN A 297 -8.73 -6.26 14.11
N PHE A 298 -9.50 -5.22 13.79
CA PHE A 298 -8.96 -4.16 12.95
C PHE A 298 -7.86 -3.38 13.68
N PHE A 299 -8.14 -2.97 14.91
CA PHE A 299 -7.13 -2.28 15.70
C PHE A 299 -5.88 -3.13 15.88
N GLN A 300 -6.06 -4.44 16.05
CA GLN A 300 -4.91 -5.32 16.23
C GLN A 300 -4.10 -5.43 14.95
N ASP A 301 -4.76 -5.68 13.82
CA ASP A 301 -4.05 -5.80 12.55
C ASP A 301 -3.39 -4.49 12.16
N VAL A 302 -4.10 -3.36 12.35
CA VAL A 302 -3.50 -2.06 12.07
C VAL A 302 -2.23 -1.88 12.90
N SER A 303 -2.32 -2.13 14.21
CA SER A 303 -1.18 -1.93 15.08
C SER A 303 -0.02 -2.87 14.69
N ASP A 304 -0.30 -4.17 14.62
CA ASP A 304 0.74 -5.13 14.23
C ASP A 304 1.39 -4.75 12.91
N ARG A 305 0.61 -4.20 11.98
CA ARG A 305 1.14 -3.87 10.66
C ARG A 305 2.05 -2.65 10.67
N ILE A 306 1.80 -1.69 11.57
CA ILE A 306 2.59 -0.46 11.63
C ILE A 306 3.70 -0.53 12.66
N GLU A 307 3.85 -1.64 13.38
CA GLU A 307 4.86 -1.71 14.44
C GLU A 307 6.25 -1.42 13.90
N LYS A 308 6.62 -2.03 12.77
CA LYS A 308 7.94 -1.86 12.20
C LYS A 308 7.94 -0.89 11.02
N GLU A 309 7.26 0.23 11.14
CA GLU A 309 7.13 1.20 10.06
C GLU A 309 7.88 2.47 10.44
N SER A 310 8.69 2.97 9.51
CA SER A 310 9.50 4.15 9.79
C SER A 310 8.63 5.36 10.06
N LEU A 311 8.99 6.12 11.09
CA LEU A 311 8.26 7.35 11.40
C LEU A 311 8.24 8.29 10.20
N ASP A 312 9.26 8.25 9.36
CA ASP A 312 9.29 9.01 8.12
C ASP A 312 8.45 8.37 7.02
N GLY A 313 7.84 7.22 7.28
CA GLY A 313 7.10 6.49 6.27
C GLY A 313 5.73 7.08 6.01
N PRO A 314 5.21 6.86 4.80
CA PRO A 314 3.93 7.49 4.44
C PRO A 314 2.77 7.00 5.27
N ILE A 315 2.75 5.71 5.62
CA ILE A 315 1.68 5.17 6.46
C ILE A 315 1.61 5.94 7.78
N VAL A 316 2.75 6.02 8.48
CA VAL A 316 2.75 6.67 9.79
C VAL A 316 2.39 8.15 9.66
N LYS A 317 2.88 8.80 8.61
CA LYS A 317 2.62 10.23 8.46
C LYS A 317 1.14 10.51 8.21
N GLN A 318 0.41 9.54 7.65
CA GLN A 318 -1.01 9.70 7.44
C GLN A 318 -1.83 9.34 8.66
N LEU A 319 -1.35 8.40 9.49
CA LEU A 319 -2.09 8.04 10.69
C LEU A 319 -2.06 9.15 11.72
N GLU A 320 -1.00 9.97 11.73
CA GLU A 320 -0.84 11.03 12.70
C GLU A 320 -1.25 12.41 12.14
N ARG A 321 -1.65 12.47 10.88
CA ARG A 321 -2.13 13.73 10.29
C ARG A 321 -3.49 14.03 10.89
N GLY A 322 -3.52 14.86 11.92
CA GLY A 322 -4.74 15.16 12.64
C GLY A 322 -4.98 14.30 13.85
N GLY A 323 -4.01 13.48 14.25
CA GLY A 323 -4.19 12.59 15.39
C GLY A 323 -4.35 13.31 16.71
N ARG A 324 -3.98 14.59 16.77
CA ARG A 324 -4.03 15.32 18.03
C ARG A 324 -5.46 15.43 18.55
N ALA A 325 -6.38 15.82 17.68
CA ALA A 325 -7.79 15.85 18.08
C ALA A 325 -8.32 14.44 18.36
N VAL A 326 -7.80 13.44 17.65
CA VAL A 326 -8.28 12.06 17.84
C VAL A 326 -7.90 11.56 19.23
N VAL A 327 -6.64 11.74 19.62
CA VAL A 327 -6.12 11.22 20.88
C VAL A 327 -6.42 12.18 22.02
N LYS A 328 -7.15 13.26 21.73
CA LYS A 328 -7.49 14.29 22.72
C LYS A 328 -6.24 14.73 23.49
N MET A 329 -5.23 15.13 22.73
CA MET A 329 -3.91 15.49 23.30
C MET A 329 -3.34 14.23 23.93
N ASP A 330 -2.88 14.27 25.18
CA ASP A 330 -2.36 13.08 25.87
C ASP A 330 -3.50 12.09 26.08
N TRP A 331 -3.52 11.01 25.29
CA TRP A 331 -4.52 9.97 25.54
C TRP A 331 -4.31 9.33 26.89
N ARG A 332 -3.11 9.45 27.47
CA ARG A 332 -2.85 8.94 28.81
C ARG A 332 -3.68 9.64 29.87
N GLU A 333 -4.16 10.85 29.58
CA GLU A 333 -4.97 11.62 30.52
C GLU A 333 -6.46 11.44 30.31
N ASN A 334 -6.89 10.75 29.26
CA ASN A 334 -8.30 10.53 28.98
C ASN A 334 -8.73 9.08 29.19
N ILE A 335 -7.83 8.23 29.67
CA ILE A 335 -8.18 6.86 30.04
C ILE A 335 -8.35 6.80 31.55
N THR A 336 -9.02 5.75 32.02
CA THR A 336 -9.25 5.59 33.44
C THR A 336 -7.92 5.53 34.20
N VAL A 337 -7.98 5.86 35.48
CA VAL A 337 -6.79 5.97 36.34
C VAL A 337 -6.12 4.60 36.48
N PRO A 338 -6.86 3.55 36.84
CA PRO A 338 -6.22 2.23 36.97
C PRO A 338 -5.37 1.85 35.76
N LEU A 339 -5.88 2.05 34.55
CA LEU A 339 -5.04 1.88 33.37
C LEU A 339 -3.90 2.88 33.34
N GLN A 340 -4.14 4.08 33.87
CA GLN A 340 -3.10 5.11 33.87
C GLN A 340 -1.90 4.68 34.70
N THR A 341 -2.13 4.05 35.85
CA THR A 341 -1.03 3.62 36.69
C THR A 341 -0.28 2.46 36.06
N ASP A 342 -1.01 1.45 35.57
CA ASP A 342 -0.38 0.27 35.00
C ASP A 342 0.44 0.59 33.75
N LEU A 343 0.19 1.73 33.11
CA LEU A 343 0.97 2.17 31.96
C LEU A 343 1.99 3.24 32.29
N ARG A 344 1.98 3.76 33.52
CA ARG A 344 2.96 4.79 33.87
C ARG A 344 4.39 4.24 33.87
N LYS A 345 4.55 2.94 34.11
CA LYS A 345 5.88 2.34 34.09
C LYS A 345 6.48 2.40 32.69
N PHE A 346 5.67 2.14 31.65
CA PHE A 346 6.12 2.28 30.28
C PHE A 346 6.03 3.74 29.87
N ARG A 347 7.18 4.41 29.80
CA ARG A 347 7.23 5.75 29.25
C ARG A 347 7.48 5.74 27.75
N THR A 348 7.42 4.56 27.13
CA THR A 348 7.56 4.46 25.68
C THR A 348 6.33 5.02 24.96
N TYR A 349 5.17 4.99 25.61
CA TYR A 349 3.93 5.44 25.00
C TYR A 349 3.87 6.96 24.99
N LYS A 350 3.81 7.55 23.81
CA LYS A 350 3.66 8.99 23.66
C LYS A 350 2.18 9.33 23.56
N GLY A 351 1.69 10.11 24.52
CA GLY A 351 0.27 10.46 24.56
C GLY A 351 -0.24 11.18 23.34
N GLY A 352 0.63 11.71 22.48
CA GLY A 352 0.18 12.40 21.30
C GLY A 352 0.20 11.57 20.03
N SER A 353 0.44 10.26 20.15
CA SER A 353 0.53 9.36 19.01
C SER A 353 -0.67 8.42 18.97
N VAL A 354 -1.37 8.41 17.83
CA VAL A 354 -2.46 7.46 17.67
C VAL A 354 -1.94 6.03 17.60
N ARG A 355 -0.79 5.84 16.93
CA ARG A 355 -0.17 4.52 16.89
C ARG A 355 0.17 4.04 18.29
N ASP A 356 0.78 4.92 19.11
CA ASP A 356 1.07 4.55 20.48
C ASP A 356 -0.19 4.14 21.23
N LEU A 357 -1.31 4.81 20.94
CA LEU A 357 -2.58 4.41 21.55
C LEU A 357 -3.02 3.05 21.04
N LEU A 358 -2.96 2.85 19.72
CA LEU A 358 -3.33 1.55 19.15
C LEU A 358 -2.43 0.45 19.70
N ARG A 359 -1.13 0.72 19.80
CA ARG A 359 -0.21 -0.29 20.34
C ARG A 359 -0.50 -0.58 21.80
N ALA A 360 -0.73 0.47 22.61
CA ALA A 360 -1.11 0.24 23.99
C ALA A 360 -2.34 -0.66 24.08
N MET A 361 -3.26 -0.53 23.13
CA MET A 361 -4.42 -1.41 23.09
C MET A 361 -4.01 -2.83 22.72
N ARG A 362 -3.21 -2.98 21.67
CA ARG A 362 -2.72 -4.30 21.29
C ARG A 362 -2.09 -5.00 22.47
N ASN A 363 -1.24 -4.29 23.21
CA ASN A 363 -0.57 -4.90 24.36
C ASN A 363 -1.58 -5.28 25.45
N LYS A 364 -2.44 -4.35 25.82
CA LYS A 364 -3.42 -4.65 26.86
C LYS A 364 -4.26 -5.87 26.49
N LYS A 365 -4.49 -6.10 25.20
CA LYS A 365 -5.33 -7.23 24.77
C LYS A 365 -4.59 -8.55 24.94
N HIS A 366 -3.33 -8.60 24.51
CA HIS A 366 -2.56 -9.85 24.55
C HIS A 366 -2.38 -10.34 25.98
N HIS A 367 -1.85 -9.49 26.86
CA HIS A 367 -1.55 -9.86 28.23
C HIS A 367 -2.71 -9.58 29.17
N TYR A 368 -3.94 -9.64 28.67
CA TYR A 368 -5.10 -9.22 29.47
C TYR A 368 -5.25 -10.08 30.73
N ARG A 369 -4.96 -11.39 30.62
CA ARG A 369 -5.22 -12.28 31.74
C ARG A 369 -4.25 -12.08 32.90
N GLU A 370 -3.04 -11.58 32.61
CA GLU A 370 -2.03 -11.35 33.64
C GLU A 370 -2.07 -9.94 34.19
N LEU A 371 -3.10 -9.17 33.86
CA LEU A 371 -3.18 -7.82 34.38
C LEU A 371 -3.74 -7.86 35.81
N PRO A 372 -3.40 -6.86 36.63
CA PRO A 372 -4.05 -6.75 37.93
C PRO A 372 -5.55 -6.63 37.77
N ALA A 373 -6.30 -7.21 38.70
CA ALA A 373 -7.76 -7.21 38.59
C ALA A 373 -8.28 -5.79 38.37
N GLU A 374 -7.66 -4.81 39.03
CA GLU A 374 -8.11 -3.42 38.90
C GLU A 374 -8.08 -2.97 37.43
N VAL A 375 -6.98 -3.26 36.73
CA VAL A 375 -6.88 -2.89 35.33
C VAL A 375 -7.64 -3.83 34.41
N ARG A 376 -8.13 -4.96 34.93
CA ARG A 376 -8.94 -5.87 34.13
C ARG A 376 -10.42 -5.52 34.19
N GLU A 377 -10.92 -5.16 35.38
CA GLU A 377 -12.32 -4.77 35.50
C GLU A 377 -12.56 -3.34 35.05
N THR A 378 -11.52 -2.51 34.99
CA THR A 378 -11.63 -1.19 34.37
C THR A 378 -11.59 -1.26 32.86
N LEU A 379 -11.06 -2.34 32.30
CA LEU A 379 -11.06 -2.55 30.85
C LEU A 379 -12.34 -3.23 30.39
N GLY A 380 -12.65 -4.39 30.96
CA GLY A 380 -13.87 -5.10 30.67
C GLY A 380 -13.63 -6.47 30.09
N SER A 381 -14.70 -7.25 30.04
CA SER A 381 -14.65 -8.60 29.49
C SER A 381 -14.26 -8.56 28.02
N LEU A 382 -13.26 -9.34 27.66
CA LEU A 382 -12.87 -9.41 26.26
C LEU A 382 -13.87 -10.24 25.47
N PRO A 383 -14.14 -9.88 24.21
CA PRO A 383 -13.57 -8.75 23.47
C PRO A 383 -14.47 -7.52 23.44
N ASP A 384 -15.78 -7.69 23.66
CA ASP A 384 -16.72 -6.60 23.42
C ASP A 384 -16.43 -5.40 24.30
N ASP A 385 -16.50 -5.58 25.63
CA ASP A 385 -16.34 -4.45 26.54
C ASP A 385 -14.96 -3.83 26.44
N PHE A 386 -13.94 -4.63 26.14
CA PHE A 386 -12.58 -4.12 26.02
C PHE A 386 -12.50 -3.01 24.97
N VAL A 387 -12.93 -3.32 23.74
CA VAL A 387 -12.87 -2.33 22.66
C VAL A 387 -13.74 -1.12 23.00
N CYS A 388 -14.91 -1.35 23.58
CA CYS A 388 -15.79 -0.25 23.95
C CYS A 388 -15.10 0.73 24.89
N TYR A 389 -14.17 0.23 25.71
CA TYR A 389 -13.40 1.11 26.59
C TYR A 389 -12.73 2.22 25.80
N PHE A 390 -12.31 1.94 24.57
CA PHE A 390 -11.56 2.90 23.77
C PHE A 390 -12.41 3.65 22.78
N THR A 391 -13.42 3.00 22.18
CA THR A 391 -14.31 3.69 21.27
C THR A 391 -15.10 4.79 21.99
N SER A 392 -15.65 4.47 23.16
CA SER A 392 -16.39 5.47 23.91
C SER A 392 -15.49 6.62 24.32
N ARG A 393 -14.27 6.32 24.74
CA ARG A 393 -13.34 7.37 25.17
C ARG A 393 -12.73 8.13 24.00
N PHE A 394 -12.50 7.45 22.87
CA PHE A 394 -11.84 8.04 21.70
C PHE A 394 -12.72 7.81 20.48
N PRO A 395 -13.80 8.60 20.35
CA PRO A 395 -14.83 8.28 19.36
C PRO A 395 -14.44 8.54 17.92
N HIS A 396 -13.21 8.95 17.64
CA HIS A 396 -12.74 9.11 16.28
C HIS A 396 -11.62 8.13 15.92
N LEU A 397 -11.27 7.21 16.81
CA LEU A 397 -10.13 6.35 16.58
C LEU A 397 -10.33 5.46 15.35
N LEU A 398 -11.48 4.79 15.28
CA LEU A 398 -11.75 3.89 14.15
C LEU A 398 -11.79 4.67 12.84
N ALA A 399 -12.72 5.62 12.72
CA ALA A 399 -12.90 6.35 11.47
C ALA A 399 -11.60 6.98 10.99
N HIS A 400 -10.75 7.44 11.91
CA HIS A 400 -9.45 7.99 11.52
C HIS A 400 -8.56 6.90 10.92
N THR A 401 -8.44 5.78 11.64
CA THR A 401 -7.55 4.70 11.22
C THR A 401 -8.02 4.04 9.94
N TYR A 402 -9.34 3.80 9.83
CA TYR A 402 -9.86 3.07 8.67
C TYR A 402 -9.56 3.81 7.37
N ARG A 403 -9.69 5.14 7.38
CA ARG A 403 -9.46 5.91 6.16
C ARG A 403 -7.97 6.08 5.87
N ALA A 404 -7.18 6.39 6.89
CA ALA A 404 -5.75 6.55 6.69
C ALA A 404 -5.11 5.26 6.21
N MET A 405 -5.51 4.13 6.79
CA MET A 405 -4.93 2.83 6.45
C MET A 405 -5.40 2.29 5.10
N GLU A 406 -6.25 3.03 4.37
CA GLU A 406 -6.62 2.62 3.02
C GLU A 406 -5.40 2.43 2.13
N LEU A 407 -4.28 3.12 2.42
CA LEU A 407 -3.05 2.88 1.67
C LEU A 407 -2.68 1.40 1.65
N CYS A 408 -3.28 0.59 2.52
CA CYS A 408 -2.99 -0.84 2.61
C CYS A 408 -4.18 -1.70 2.20
N SER A 409 -5.20 -1.10 1.57
CA SER A 409 -6.38 -1.86 1.15
C SER A 409 -5.99 -3.04 0.27
N HIS A 410 -4.94 -2.90 -0.53
CA HIS A 410 -4.49 -3.95 -1.43
C HIS A 410 -3.85 -5.13 -0.70
N GLU A 411 -3.53 -4.98 0.58
CA GLU A 411 -2.80 -6.02 1.30
C GLU A 411 -3.76 -7.07 1.83
N ARG A 412 -3.48 -8.35 1.51
CA ARG A 412 -4.29 -9.46 1.97
C ARG A 412 -4.66 -9.34 3.44
N LEU A 413 -3.72 -8.92 4.27
CA LEU A 413 -3.99 -8.73 5.69
C LEU A 413 -5.28 -7.96 5.92
N PHE A 414 -5.46 -6.87 5.17
CA PHE A 414 -6.59 -5.96 5.37
C PHE A 414 -7.76 -6.25 4.43
N GLN A 415 -7.70 -7.33 3.65
CA GLN A 415 -8.80 -7.65 2.75
C GLN A 415 -10.14 -7.79 3.46
N PRO A 416 -10.22 -8.35 4.67
CA PRO A 416 -11.51 -8.40 5.37
C PRO A 416 -12.12 -7.03 5.63
N TYR A 417 -11.36 -5.96 5.45
CA TYR A 417 -11.77 -4.63 5.89
C TYR A 417 -12.01 -3.64 4.75
N TYR A 418 -11.43 -3.85 3.59
CA TYR A 418 -11.61 -2.97 2.45
C TYR A 418 -12.02 -3.79 1.23
N PHE A 419 -12.37 -3.09 0.15
CA PHE A 419 -12.71 -3.74 -1.10
C PHE A 419 -11.75 -3.30 -2.18
N HIS A 420 -10.95 -4.24 -2.68
CA HIS A 420 -10.07 -4.02 -3.82
C HIS A 420 -10.30 -5.15 -4.82
N GLU A 421 -9.65 -5.05 -5.98
CA GLU A 421 -9.76 -6.07 -7.01
C GLU A 421 -8.76 -5.87 -8.14
N SER B 19 -42.55 -30.30 -34.93
CA SER B 19 -43.59 -30.53 -33.92
C SER B 19 -43.14 -29.99 -32.56
N VAL B 20 -43.84 -28.97 -32.07
CA VAL B 20 -43.52 -28.32 -30.80
C VAL B 20 -44.71 -28.47 -29.87
N VAL B 21 -44.49 -29.12 -28.73
CA VAL B 21 -45.56 -29.31 -27.75
C VAL B 21 -45.71 -28.05 -26.92
N ILE B 22 -46.93 -27.55 -26.81
CA ILE B 22 -47.25 -26.37 -26.01
C ILE B 22 -48.37 -26.75 -25.05
N VAL B 23 -48.02 -27.06 -23.81
CA VAL B 23 -49.00 -27.30 -22.76
C VAL B 23 -49.04 -26.09 -21.83
N GLY B 24 -49.87 -25.13 -22.15
CA GLY B 24 -49.95 -23.93 -21.32
C GLY B 24 -48.68 -23.10 -21.43
N LYS B 25 -48.11 -22.74 -20.28
CA LYS B 25 -46.92 -21.89 -20.26
C LYS B 25 -45.63 -22.65 -20.54
N ILE B 26 -45.69 -23.97 -20.59
CA ILE B 26 -44.53 -24.81 -20.89
C ILE B 26 -44.54 -25.16 -22.36
N SER B 27 -43.37 -25.11 -22.99
CA SER B 27 -43.22 -25.50 -24.38
C SER B 27 -41.91 -26.24 -24.55
N PHE B 28 -41.94 -27.29 -25.37
CA PHE B 28 -40.76 -28.09 -25.62
C PHE B 28 -40.94 -28.81 -26.96
N CYS B 29 -39.84 -29.31 -27.51
CA CYS B 29 -39.89 -30.11 -28.71
C CYS B 29 -39.55 -31.56 -28.37
N PRO B 30 -40.39 -32.52 -28.75
CA PRO B 30 -40.12 -33.91 -28.38
C PRO B 30 -38.79 -34.44 -28.91
N LYS B 31 -38.26 -33.84 -29.97
CA LYS B 31 -36.98 -34.32 -30.50
C LYS B 31 -35.81 -34.00 -29.59
N ASP B 32 -35.97 -33.05 -28.67
CA ASP B 32 -34.91 -32.66 -27.73
C ASP B 32 -35.14 -33.39 -26.40
N VAL B 33 -34.62 -34.60 -26.31
CA VAL B 33 -34.68 -35.39 -25.09
C VAL B 33 -33.41 -35.16 -24.29
N LEU B 34 -33.56 -34.76 -23.03
CA LEU B 34 -32.43 -34.66 -22.12
C LEU B 34 -32.15 -35.95 -21.38
N GLY B 35 -33.13 -36.82 -21.24
CA GLY B 35 -32.91 -38.09 -20.59
C GLY B 35 -34.21 -38.83 -20.40
N HIS B 36 -34.08 -40.06 -19.92
CA HIS B 36 -35.22 -40.89 -19.54
C HIS B 36 -35.18 -41.09 -18.03
N GLY B 37 -36.35 -41.04 -17.40
CA GLY B 37 -36.49 -41.31 -15.99
C GLY B 37 -37.21 -42.62 -15.72
N ALA B 38 -37.33 -42.91 -14.43
CA ALA B 38 -38.02 -44.11 -14.01
C ALA B 38 -39.53 -43.90 -14.07
N GLU B 39 -40.27 -45.00 -13.94
CA GLU B 39 -41.73 -44.98 -14.08
C GLU B 39 -42.17 -44.22 -15.33
N GLY B 40 -41.50 -44.53 -16.44
CA GLY B 40 -41.85 -43.97 -17.74
C GLY B 40 -41.77 -42.46 -17.82
N THR B 41 -41.10 -41.82 -16.86
CA THR B 41 -40.96 -40.37 -16.88
C THR B 41 -39.85 -39.97 -17.85
N ILE B 42 -40.18 -39.08 -18.79
CA ILE B 42 -39.24 -38.61 -19.81
C ILE B 42 -39.01 -37.12 -19.61
N VAL B 43 -37.75 -36.71 -19.65
CA VAL B 43 -37.36 -35.33 -19.37
C VAL B 43 -36.91 -34.68 -20.68
N TYR B 44 -37.67 -33.70 -21.14
CA TYR B 44 -37.32 -32.92 -22.32
C TYR B 44 -36.68 -31.60 -21.90
N ARG B 45 -36.10 -30.91 -22.88
CA ARG B 45 -35.64 -29.55 -22.70
C ARG B 45 -36.65 -28.61 -23.33
N GLY B 46 -37.07 -27.59 -22.58
CA GLY B 46 -38.08 -26.68 -23.08
C GLY B 46 -38.03 -25.29 -22.47
N MET B 47 -39.09 -24.52 -22.65
CA MET B 47 -39.18 -23.15 -22.17
C MET B 47 -40.33 -23.01 -21.19
N PHE B 48 -40.17 -22.07 -20.25
CA PHE B 48 -41.28 -21.63 -19.42
C PHE B 48 -41.09 -20.15 -19.13
N ASP B 49 -42.11 -19.35 -19.41
CA ASP B 49 -42.04 -17.90 -19.21
C ASP B 49 -40.79 -17.32 -19.86
N ASN B 50 -40.36 -17.92 -20.98
CA ASN B 50 -39.13 -17.56 -21.67
C ASN B 50 -37.89 -17.90 -20.87
N ARG B 51 -38.01 -18.70 -19.81
CA ARG B 51 -36.87 -19.21 -19.07
C ARG B 51 -36.53 -20.61 -19.57
N ASP B 52 -35.23 -20.90 -19.65
CA ASP B 52 -34.79 -22.24 -20.02
C ASP B 52 -35.09 -23.20 -18.88
N VAL B 53 -35.87 -24.25 -19.17
CA VAL B 53 -36.29 -25.20 -18.16
C VAL B 53 -36.13 -26.61 -18.71
N ALA B 54 -36.13 -27.58 -17.81
CA ALA B 54 -36.29 -28.97 -18.19
C ALA B 54 -37.72 -29.39 -17.89
N VAL B 55 -38.34 -30.08 -18.86
CA VAL B 55 -39.73 -30.52 -18.73
C VAL B 55 -39.72 -32.02 -18.50
N LYS B 56 -40.51 -32.47 -17.54
CA LYS B 56 -40.65 -33.88 -17.22
C LYS B 56 -42.07 -34.31 -17.53
N ARG B 57 -42.21 -35.28 -18.43
CA ARG B 57 -43.51 -35.90 -18.67
C ARG B 57 -43.71 -37.02 -17.66
N ILE B 58 -44.83 -36.95 -16.93
CA ILE B 58 -45.21 -38.00 -16.00
C ILE B 58 -46.48 -38.66 -16.55
N LEU B 59 -46.63 -39.94 -16.23
CA LEU B 59 -47.76 -40.74 -16.69
C LEU B 59 -48.82 -40.85 -15.61
N PRO B 60 -50.11 -40.85 -15.99
CA PRO B 60 -51.19 -40.92 -15.00
C PRO B 60 -50.91 -41.90 -13.86
N GLU B 61 -50.19 -42.98 -14.15
CA GLU B 61 -49.83 -43.94 -13.11
C GLU B 61 -49.01 -43.31 -12.00
N CYS B 62 -48.38 -42.16 -12.25
CA CYS B 62 -47.52 -41.49 -11.28
C CYS B 62 -47.99 -40.09 -10.91
N PHE B 63 -49.13 -39.63 -11.42
CA PHE B 63 -49.58 -38.27 -11.13
C PHE B 63 -49.54 -37.96 -9.64
N SER B 64 -49.93 -38.93 -8.81
CA SER B 64 -49.94 -38.71 -7.36
C SER B 64 -48.53 -38.52 -6.82
N PHE B 65 -47.60 -39.37 -7.26
CA PHE B 65 -46.22 -39.21 -6.81
C PHE B 65 -45.62 -37.88 -7.26
N ALA B 66 -46.11 -37.34 -8.39
CA ALA B 66 -45.60 -36.06 -8.89
C ALA B 66 -46.14 -34.89 -8.09
N ASP B 67 -47.39 -34.98 -7.61
CA ASP B 67 -47.95 -33.88 -6.85
C ASP B 67 -47.24 -33.71 -5.50
N ARG B 68 -46.81 -34.81 -4.88
CA ARG B 68 -46.10 -34.70 -3.61
C ARG B 68 -44.70 -34.14 -3.80
N GLU B 69 -44.04 -34.51 -4.90
CA GLU B 69 -42.71 -33.97 -5.18
C GLU B 69 -42.76 -32.47 -5.41
N VAL B 70 -43.80 -31.99 -6.11
CA VAL B 70 -43.90 -30.57 -6.40
C VAL B 70 -44.12 -29.77 -5.12
N GLN B 71 -44.94 -30.29 -4.20
CA GLN B 71 -45.18 -29.58 -2.95
C GLN B 71 -43.91 -29.53 -2.11
N LEU B 72 -43.22 -30.66 -1.97
CA LEU B 72 -41.96 -30.67 -1.25
C LEU B 72 -40.93 -29.78 -1.93
N LEU B 73 -41.02 -29.62 -3.25
CA LEU B 73 -40.13 -28.70 -3.96
C LEU B 73 -40.53 -27.26 -3.72
N ARG B 74 -41.83 -26.96 -3.80
CA ARG B 74 -42.30 -25.60 -3.56
C ARG B 74 -41.90 -25.10 -2.19
N GLU B 75 -41.72 -26.01 -1.22
CA GLU B 75 -41.42 -25.65 0.15
C GLU B 75 -39.94 -25.41 0.40
N SER B 76 -39.06 -25.66 -0.58
CA SER B 76 -37.63 -25.59 -0.32
C SER B 76 -36.81 -24.93 -1.42
N ASP B 77 -37.31 -24.78 -2.65
CA ASP B 77 -36.48 -24.29 -3.74
C ASP B 77 -35.95 -22.88 -3.49
N GLU B 78 -36.45 -22.17 -2.48
CA GLU B 78 -35.91 -20.85 -2.16
C GLU B 78 -34.41 -20.92 -1.93
N HIS B 79 -33.97 -21.91 -1.15
CA HIS B 79 -32.55 -22.09 -0.89
C HIS B 79 -31.79 -22.21 -2.22
N PRO B 80 -30.56 -21.70 -2.27
CA PRO B 80 -29.80 -21.70 -3.54
C PRO B 80 -29.32 -23.08 -3.95
N ASN B 81 -29.21 -24.02 -3.01
CA ASN B 81 -28.73 -25.37 -3.31
C ASN B 81 -29.85 -26.39 -3.41
N VAL B 82 -31.06 -25.94 -3.74
CA VAL B 82 -32.15 -26.82 -4.13
C VAL B 82 -32.65 -26.37 -5.50
N ILE B 83 -32.96 -27.33 -6.35
CA ILE B 83 -33.47 -27.08 -7.69
C ILE B 83 -34.65 -26.12 -7.62
N ARG B 84 -34.78 -25.25 -8.62
CA ARG B 84 -35.85 -24.28 -8.68
C ARG B 84 -37.04 -24.89 -9.42
N TYR B 85 -38.14 -25.11 -8.71
CA TYR B 85 -39.37 -25.56 -9.34
C TYR B 85 -40.15 -24.35 -9.84
N PHE B 86 -40.66 -24.45 -11.06
CA PHE B 86 -41.38 -23.35 -11.70
C PHE B 86 -42.89 -23.59 -11.71
N CYS B 87 -43.38 -24.50 -12.57
CA CYS B 87 -44.81 -24.73 -12.65
C CYS B 87 -45.08 -26.15 -13.15
N THR B 88 -46.37 -26.49 -13.24
CA THR B 88 -46.82 -27.78 -13.74
C THR B 88 -48.04 -27.56 -14.61
N GLU B 89 -48.02 -28.10 -15.83
CA GLU B 89 -49.16 -28.04 -16.72
C GLU B 89 -49.59 -29.46 -17.05
N LYS B 90 -50.90 -29.64 -17.24
CA LYS B 90 -51.48 -30.95 -17.44
C LYS B 90 -52.07 -31.06 -18.85
N ASP B 91 -51.89 -32.22 -19.45
CA ASP B 91 -52.48 -32.58 -20.74
C ASP B 91 -53.67 -33.50 -20.51
N ARG B 92 -54.38 -33.81 -21.59
CA ARG B 92 -55.36 -34.88 -21.51
C ARG B 92 -54.70 -36.23 -21.29
N GLN B 93 -53.37 -36.32 -21.44
CA GLN B 93 -52.63 -37.57 -21.30
C GLN B 93 -51.49 -37.51 -20.29
N PHE B 94 -50.80 -36.38 -20.16
CA PHE B 94 -49.60 -36.31 -19.33
C PHE B 94 -49.66 -35.11 -18.39
N GLN B 95 -48.76 -35.14 -17.41
CA GLN B 95 -48.50 -34.04 -16.49
C GLN B 95 -47.03 -33.65 -16.62
N TYR B 96 -46.78 -32.34 -16.78
CA TYR B 96 -45.45 -31.84 -17.12
C TYR B 96 -44.90 -30.99 -15.98
N ILE B 97 -43.65 -31.23 -15.60
CA ILE B 97 -43.01 -30.56 -14.48
C ILE B 97 -41.83 -29.75 -15.02
N ALA B 98 -41.92 -28.43 -14.88
CA ALA B 98 -40.88 -27.51 -15.34
C ALA B 98 -39.97 -27.14 -14.17
N ILE B 99 -38.68 -27.42 -14.32
CA ILE B 99 -37.66 -27.12 -13.32
C ILE B 99 -36.46 -26.47 -14.00
N GLU B 100 -35.57 -25.92 -13.19
CA GLU B 100 -34.44 -25.15 -13.68
C GLU B 100 -33.47 -26.03 -14.48
N LEU B 101 -33.07 -25.53 -15.66
CA LEU B 101 -32.21 -26.30 -16.54
C LEU B 101 -30.76 -26.20 -16.07
N CYS B 102 -30.15 -27.36 -15.82
CA CYS B 102 -28.77 -27.43 -15.37
C CYS B 102 -27.87 -27.75 -16.57
N ALA B 103 -26.57 -27.95 -16.30
CA ALA B 103 -25.60 -28.23 -17.34
C ALA B 103 -24.92 -29.58 -17.20
N ALA B 104 -25.11 -30.29 -16.09
CA ALA B 104 -24.48 -31.59 -15.89
C ALA B 104 -24.79 -32.08 -14.49
N THR B 105 -24.63 -33.38 -14.29
CA THR B 105 -24.75 -33.96 -12.97
C THR B 105 -23.37 -34.03 -12.32
N LEU B 106 -23.37 -34.19 -10.99
CA LEU B 106 -22.10 -34.40 -10.30
C LEU B 106 -21.37 -35.61 -10.86
N GLN B 107 -22.11 -36.62 -11.31
CA GLN B 107 -21.49 -37.82 -11.87
C GLN B 107 -20.62 -37.47 -13.07
N GLU B 108 -21.22 -36.91 -14.13
CA GLU B 108 -20.44 -36.53 -15.30
C GLU B 108 -19.32 -35.57 -14.91
N TYR B 109 -19.51 -34.82 -13.83
CA TYR B 109 -18.48 -33.89 -13.36
C TYR B 109 -17.28 -34.64 -12.81
N VAL B 110 -17.50 -35.49 -11.80
CA VAL B 110 -16.43 -36.33 -11.28
C VAL B 110 -15.85 -37.21 -12.39
N GLU B 111 -16.70 -37.64 -13.31
CA GLU B 111 -16.28 -38.58 -14.34
C GLU B 111 -15.52 -37.95 -15.49
N GLN B 112 -15.55 -36.60 -15.63
CA GLN B 112 -15.00 -36.04 -16.86
C GLN B 112 -14.41 -34.63 -16.74
N LYS B 113 -13.99 -34.19 -15.56
CA LYS B 113 -13.32 -32.91 -15.40
C LYS B 113 -11.86 -33.14 -15.00
N ASP B 114 -10.97 -32.28 -15.48
CA ASP B 114 -9.56 -32.31 -15.08
C ASP B 114 -9.45 -31.64 -13.71
N PHE B 115 -9.54 -32.46 -12.66
CA PHE B 115 -9.57 -31.91 -11.30
C PHE B 115 -8.34 -31.07 -11.00
N ALA B 116 -7.23 -31.32 -11.69
CA ALA B 116 -6.02 -30.54 -11.47
C ALA B 116 -6.22 -29.09 -11.84
N HIS B 117 -6.89 -28.82 -12.96
CA HIS B 117 -7.22 -27.45 -13.32
C HIS B 117 -8.37 -26.93 -12.48
N LEU B 118 -9.32 -27.78 -12.14
CA LEU B 118 -10.37 -27.40 -11.20
C LEU B 118 -9.75 -27.09 -9.85
N GLY B 119 -10.08 -25.93 -9.30
CA GLY B 119 -9.44 -25.49 -8.07
C GLY B 119 -9.92 -26.21 -6.83
N LEU B 120 -10.52 -25.45 -5.91
CA LEU B 120 -11.21 -26.01 -4.75
C LEU B 120 -12.71 -26.14 -4.99
N GLU B 121 -13.14 -26.10 -6.25
CA GLU B 121 -14.53 -26.33 -6.60
C GLU B 121 -15.08 -27.62 -6.00
N PRO B 122 -14.43 -28.77 -6.17
CA PRO B 122 -15.02 -30.03 -5.66
C PRO B 122 -15.45 -29.97 -4.20
N ILE B 123 -14.68 -29.31 -3.33
CA ILE B 123 -15.07 -29.23 -1.94
C ILE B 123 -16.27 -28.30 -1.77
N THR B 124 -16.28 -27.17 -2.48
CA THR B 124 -17.39 -26.24 -2.35
C THR B 124 -18.69 -26.84 -2.89
N LEU B 125 -18.59 -27.71 -3.91
CA LEU B 125 -19.74 -28.49 -4.31
C LEU B 125 -20.20 -29.40 -3.19
N LEU B 126 -19.25 -30.04 -2.49
CA LEU B 126 -19.61 -30.87 -1.35
C LEU B 126 -20.22 -30.02 -0.24
N GLN B 127 -19.72 -28.81 -0.03
CA GLN B 127 -20.27 -27.93 1.00
C GLN B 127 -21.67 -27.46 0.64
N GLN B 128 -21.89 -27.07 -0.62
CA GLN B 128 -23.21 -26.62 -1.05
C GLN B 128 -24.24 -27.74 -0.91
N THR B 129 -23.95 -28.91 -1.48
CA THR B 129 -24.81 -30.08 -1.31
C THR B 129 -25.13 -30.30 0.16
N THR B 130 -24.13 -30.15 1.04
CA THR B 130 -24.38 -30.28 2.47
C THR B 130 -25.32 -29.21 2.98
N SER B 131 -25.18 -27.97 2.52
CA SER B 131 -26.11 -26.92 2.92
C SER B 131 -27.54 -27.29 2.52
N GLY B 132 -27.75 -27.59 1.24
CA GLY B 132 -29.06 -28.04 0.79
C GLY B 132 -29.65 -29.09 1.71
N LEU B 133 -28.83 -30.05 2.14
CA LEU B 133 -29.33 -31.12 3.00
C LEU B 133 -29.75 -30.58 4.36
N ALA B 134 -28.96 -29.68 4.94
CA ALA B 134 -29.33 -29.11 6.23
C ALA B 134 -30.60 -28.26 6.10
N HIS B 135 -30.71 -27.51 5.00
CA HIS B 135 -31.94 -26.77 4.73
C HIS B 135 -33.14 -27.71 4.71
N LEU B 136 -33.05 -28.78 3.89
CA LEU B 136 -34.13 -29.76 3.83
C LEU B 136 -34.40 -30.37 5.19
N HIS B 137 -33.36 -30.67 5.96
CA HIS B 137 -33.55 -31.27 7.27
C HIS B 137 -34.14 -30.27 8.27
N SER B 138 -33.96 -28.98 8.05
CA SER B 138 -34.60 -27.96 8.87
C SER B 138 -36.10 -27.88 8.62
N LEU B 139 -36.57 -28.46 7.50
CA LEU B 139 -37.97 -28.50 7.15
C LEU B 139 -38.55 -29.91 7.32
N ASN B 140 -37.92 -30.71 8.18
CA ASN B 140 -38.37 -32.08 8.44
C ASN B 140 -38.60 -32.85 7.15
N ILE B 141 -37.76 -32.58 6.13
CA ILE B 141 -37.78 -33.28 4.86
C ILE B 141 -36.55 -34.17 4.79
N VAL B 142 -36.75 -35.46 4.52
CA VAL B 142 -35.68 -36.41 4.27
C VAL B 142 -35.69 -36.79 2.80
N HIS B 143 -34.51 -36.81 2.17
CA HIS B 143 -34.42 -37.04 0.73
C HIS B 143 -34.50 -38.54 0.41
N ARG B 144 -33.73 -39.36 1.13
CA ARG B 144 -33.83 -40.81 1.04
C ARG B 144 -33.23 -41.38 -0.23
N ASP B 145 -32.91 -40.54 -1.21
CA ASP B 145 -32.36 -41.00 -2.48
C ASP B 145 -31.27 -40.05 -2.97
N LEU B 146 -30.32 -39.72 -2.08
CA LEU B 146 -29.19 -38.86 -2.44
C LEU B 146 -28.10 -39.69 -3.10
N LYS B 147 -27.76 -39.35 -4.33
CA LYS B 147 -26.69 -40.03 -5.06
C LYS B 147 -26.10 -39.07 -6.08
N PRO B 148 -24.88 -39.32 -6.56
CA PRO B 148 -24.24 -38.37 -7.48
C PRO B 148 -25.01 -38.12 -8.77
N HIS B 149 -26.02 -38.93 -9.10
CA HIS B 149 -26.76 -38.69 -10.35
C HIS B 149 -27.72 -37.53 -10.21
N ASN B 150 -28.46 -37.44 -9.11
CA ASN B 150 -29.42 -36.36 -8.91
C ASN B 150 -28.84 -35.20 -8.10
N ILE B 151 -27.52 -35.08 -8.07
CA ILE B 151 -26.85 -33.88 -7.58
C ILE B 151 -26.33 -33.14 -8.80
N LEU B 152 -26.99 -32.05 -9.16
CA LEU B 152 -26.77 -31.39 -10.44
C LEU B 152 -25.78 -30.23 -10.29
N ILE B 153 -25.20 -29.83 -11.41
CA ILE B 153 -24.35 -28.66 -11.49
C ILE B 153 -25.13 -27.58 -12.23
N SER B 154 -25.33 -26.44 -11.57
CA SER B 154 -26.04 -25.33 -12.18
C SER B 154 -25.35 -24.88 -13.46
N MET B 155 -26.14 -24.28 -14.35
CA MET B 155 -25.58 -23.63 -15.51
C MET B 155 -24.61 -22.54 -15.05
N PRO B 156 -23.57 -22.25 -15.83
CA PRO B 156 -22.70 -21.13 -15.48
C PRO B 156 -23.48 -19.83 -15.47
N ASN B 157 -23.29 -19.03 -14.41
CA ASN B 157 -24.09 -17.84 -14.22
C ASN B 157 -23.52 -16.67 -15.04
N ALA B 158 -24.13 -15.49 -14.87
CA ALA B 158 -23.75 -14.33 -15.69
C ALA B 158 -22.26 -14.05 -15.62
N HIS B 159 -21.62 -14.34 -14.49
CA HIS B 159 -20.19 -14.11 -14.32
C HIS B 159 -19.36 -15.38 -14.46
N GLY B 160 -19.97 -16.50 -14.81
CA GLY B 160 -19.23 -17.72 -15.07
C GLY B 160 -19.03 -18.66 -13.90
N LYS B 161 -19.91 -18.62 -12.91
CA LYS B 161 -19.82 -19.50 -11.75
C LYS B 161 -20.94 -20.53 -11.80
N ILE B 162 -20.69 -21.68 -11.17
CA ILE B 162 -21.67 -22.75 -11.11
C ILE B 162 -21.90 -23.13 -9.65
N LYS B 163 -23.00 -23.85 -9.42
CA LYS B 163 -23.36 -24.28 -8.08
C LYS B 163 -23.94 -25.69 -8.17
N ALA B 164 -24.01 -26.35 -7.02
CA ALA B 164 -24.60 -27.67 -6.91
C ALA B 164 -26.01 -27.54 -6.33
N MET B 165 -26.93 -28.38 -6.84
CA MET B 165 -28.30 -28.38 -6.36
C MET B 165 -28.79 -29.80 -6.20
N ILE B 166 -29.72 -30.00 -5.28
CA ILE B 166 -30.32 -31.30 -5.04
C ILE B 166 -31.55 -31.44 -5.92
N SER B 167 -31.84 -32.67 -6.35
CA SER B 167 -32.98 -32.92 -7.23
C SER B 167 -33.59 -34.28 -6.89
N ASP B 168 -34.43 -34.79 -7.80
CA ASP B 168 -35.17 -36.03 -7.59
C ASP B 168 -35.82 -36.06 -6.22
N PHE B 169 -36.83 -35.21 -6.08
CA PHE B 169 -37.64 -35.17 -4.86
C PHE B 169 -38.79 -36.17 -4.90
N GLY B 170 -38.80 -37.07 -5.87
CA GLY B 170 -39.87 -38.05 -5.95
C GLY B 170 -39.92 -38.96 -4.74
N LEU B 171 -38.75 -39.32 -4.20
CA LEU B 171 -38.67 -40.25 -3.09
C LEU B 171 -38.48 -39.55 -1.75
N CYS B 172 -38.82 -38.26 -1.67
CA CYS B 172 -38.70 -37.53 -0.42
C CYS B 172 -39.84 -37.88 0.53
N LYS B 173 -39.62 -37.59 1.81
CA LYS B 173 -40.62 -37.82 2.85
C LYS B 173 -40.58 -36.66 3.84
N LYS B 174 -41.72 -36.02 4.05
CA LYS B 174 -41.87 -35.01 5.08
C LYS B 174 -42.31 -35.71 6.36
N LEU B 175 -41.46 -35.64 7.39
CA LEU B 175 -41.80 -36.24 8.67
C LEU B 175 -43.06 -35.60 9.24
N ALA B 176 -43.93 -36.42 9.82
CA ALA B 176 -45.15 -35.93 10.43
C ALA B 176 -44.84 -35.02 11.61
N VAL B 177 -45.64 -33.96 11.75
CA VAL B 177 -45.43 -33.00 12.81
C VAL B 177 -45.30 -33.72 14.14
N GLY B 178 -44.25 -33.40 14.89
CA GLY B 178 -44.02 -34.04 16.16
C GLY B 178 -43.33 -35.40 16.10
N ARG B 179 -43.06 -35.91 14.91
CA ARG B 179 -42.37 -37.19 14.75
C ARG B 179 -40.97 -36.95 14.18
N HIS B 180 -40.05 -37.84 14.54
CA HIS B 180 -38.66 -37.66 14.14
C HIS B 180 -38.03 -38.93 13.55
N PHE B 182 -39.40 -42.44 10.62
CA PHE B 182 -40.39 -42.79 9.62
C PHE B 182 -40.32 -44.28 9.30
N ARG B 184 -40.96 -48.10 7.67
CA ARG B 184 -40.55 -48.59 6.37
C ARG B 184 -41.75 -49.07 5.54
N ARG B 185 -42.77 -48.22 5.47
CA ARG B 185 -43.98 -48.55 4.72
C ARG B 185 -43.86 -48.22 3.24
N GLY B 187 -41.87 -49.09 1.26
CA GLY B 187 -40.92 -50.08 0.79
C GLY B 187 -39.50 -49.69 1.14
N VAL B 188 -38.60 -49.77 0.16
CA VAL B 188 -37.20 -49.44 0.35
C VAL B 188 -36.82 -48.30 -0.59
N PRO B 189 -37.25 -47.05 -0.31
CA PRO B 189 -36.90 -45.93 -1.19
C PRO B 189 -35.38 -45.77 -1.28
N GLY B 190 -34.93 -45.37 -2.46
CA GLY B 190 -33.53 -45.17 -2.72
C GLY B 190 -33.06 -45.96 -3.91
N THR B 191 -31.75 -46.05 -4.07
CA THR B 191 -31.15 -46.80 -5.18
C THR B 191 -30.00 -47.63 -4.64
N GLU B 192 -29.86 -48.86 -5.16
CA GLU B 192 -28.88 -49.78 -4.64
C GLU B 192 -27.47 -49.20 -4.72
N GLY B 193 -26.68 -49.44 -3.68
CA GLY B 193 -25.34 -48.92 -3.56
C GLY B 193 -25.21 -47.69 -2.69
N TRP B 194 -26.31 -46.96 -2.49
CA TRP B 194 -26.29 -45.71 -1.71
C TRP B 194 -27.33 -45.71 -0.59
N ILE B 195 -28.01 -46.83 -0.36
CA ILE B 195 -29.04 -46.90 0.68
C ILE B 195 -28.39 -47.30 1.99
N ALA B 196 -28.65 -46.52 3.04
CA ALA B 196 -28.08 -46.83 4.35
C ALA B 196 -28.61 -48.17 4.84
N PRO B 197 -27.87 -48.82 5.75
CA PRO B 197 -28.25 -50.20 6.13
C PRO B 197 -29.62 -50.31 6.78
N GLU B 198 -29.96 -49.39 7.69
CA GLU B 198 -31.23 -49.49 8.40
C GLU B 198 -32.40 -49.65 7.44
N MET B 199 -32.34 -48.97 6.29
CA MET B 199 -33.45 -49.03 5.34
C MET B 199 -33.56 -50.41 4.68
N LEU B 200 -32.43 -51.11 4.52
CA LEU B 200 -32.41 -52.38 3.80
C LEU B 200 -32.28 -53.60 4.70
N SER B 201 -32.06 -53.42 6.01
CA SER B 201 -31.89 -54.54 6.91
C SER B 201 -33.23 -55.19 7.22
N GLU B 202 -33.22 -56.51 7.38
CA GLU B 202 -34.47 -57.24 7.58
C GLU B 202 -35.12 -56.91 8.91
N ASP B 203 -34.34 -56.64 9.95
CA ASP B 203 -34.88 -56.29 11.25
C ASP B 203 -34.99 -54.77 11.39
N CYS B 204 -35.74 -54.34 12.41
CA CYS B 204 -36.00 -52.92 12.67
C CYS B 204 -35.63 -52.62 14.12
N LYS B 205 -34.34 -52.42 14.37
CA LYS B 205 -33.90 -52.01 15.70
C LYS B 205 -34.49 -50.65 16.05
N GLU B 206 -34.40 -49.69 15.12
CA GLU B 206 -35.05 -48.40 15.26
C GLU B 206 -35.52 -47.94 13.88
N ASN B 207 -36.56 -47.12 13.86
CA ASN B 207 -37.09 -46.59 12.62
C ASN B 207 -36.10 -45.59 12.02
N PRO B 208 -35.91 -45.60 10.69
CA PRO B 208 -34.99 -44.64 10.06
C PRO B 208 -35.35 -43.20 10.37
N THR B 209 -34.43 -42.30 10.04
CA THR B 209 -34.57 -40.87 10.33
C THR B 209 -33.68 -40.10 9.35
N TYR B 210 -33.45 -38.81 9.66
CA TYR B 210 -32.59 -37.98 8.82
C TYR B 210 -31.23 -38.60 8.57
N THR B 211 -30.82 -39.54 9.44
CA THR B 211 -29.46 -40.08 9.36
C THR B 211 -29.22 -40.84 8.06
N VAL B 212 -30.28 -41.38 7.46
CA VAL B 212 -30.11 -42.10 6.19
C VAL B 212 -29.57 -41.18 5.11
N ASP B 213 -29.77 -39.87 5.24
CA ASP B 213 -29.27 -38.93 4.25
C ASP B 213 -27.76 -38.70 4.42
N ILE B 214 -27.30 -38.60 5.66
CA ILE B 214 -25.87 -38.42 5.91
C ILE B 214 -25.06 -39.56 5.32
N PHE B 215 -25.48 -40.80 5.60
CA PHE B 215 -24.80 -41.96 5.05
C PHE B 215 -24.65 -41.86 3.54
N SER B 216 -25.76 -41.60 2.85
CA SER B 216 -25.67 -41.34 1.41
C SER B 216 -24.68 -40.22 1.13
N ALA B 217 -24.79 -39.11 1.87
CA ALA B 217 -23.89 -37.98 1.67
C ALA B 217 -22.44 -38.35 1.94
N GLY B 218 -22.21 -39.15 2.99
CA GLY B 218 -20.86 -39.59 3.28
C GLY B 218 -20.21 -40.28 2.10
N CYS B 219 -20.90 -41.28 1.52
CA CYS B 219 -20.36 -41.94 0.34
C CYS B 219 -20.08 -40.94 -0.78
N VAL B 220 -20.93 -39.92 -0.92
CA VAL B 220 -20.77 -38.98 -2.03
C VAL B 220 -19.54 -38.10 -1.81
N PHE B 221 -19.30 -37.66 -0.57
CA PHE B 221 -18.06 -36.99 -0.26
C PHE B 221 -16.86 -37.79 -0.78
N TYR B 222 -16.78 -39.08 -0.44
CA TYR B 222 -15.68 -39.91 -0.90
C TYR B 222 -15.69 -40.06 -2.41
N TYR B 223 -16.87 -40.24 -3.02
CA TYR B 223 -16.96 -40.40 -4.47
C TYR B 223 -16.29 -39.24 -5.19
N VAL B 224 -16.38 -38.04 -4.63
CA VAL B 224 -15.78 -36.86 -5.24
C VAL B 224 -14.28 -36.81 -4.96
N ILE B 225 -13.89 -36.98 -3.70
CA ILE B 225 -12.49 -36.83 -3.33
C ILE B 225 -11.64 -38.00 -3.80
N SER B 226 -12.26 -39.14 -4.08
CA SER B 226 -11.58 -40.26 -4.73
C SER B 226 -11.64 -40.19 -6.24
N GLU B 227 -12.51 -39.34 -6.78
CA GLU B 227 -12.70 -39.17 -8.23
C GLU B 227 -13.34 -40.38 -8.88
N GLY B 228 -14.22 -41.08 -8.15
CA GLY B 228 -14.99 -42.15 -8.76
C GLY B 228 -15.24 -43.37 -7.91
N SER B 229 -14.54 -43.51 -6.79
CA SER B 229 -14.63 -44.70 -5.95
C SER B 229 -15.73 -44.55 -4.90
N HIS B 230 -16.12 -45.68 -4.33
CA HIS B 230 -17.16 -45.82 -3.33
C HIS B 230 -16.59 -46.40 -2.06
N PRO B 231 -17.05 -45.94 -0.89
CA PRO B 231 -16.51 -46.50 0.37
C PRO B 231 -16.82 -47.97 0.55
N PHE B 232 -17.80 -48.53 -0.18
CA PHE B 232 -18.30 -49.87 0.08
C PHE B 232 -18.10 -50.81 -1.10
N GLY B 233 -17.12 -50.54 -1.95
CA GLY B 233 -16.77 -51.46 -3.03
C GLY B 233 -17.30 -51.04 -4.38
N LYS B 234 -17.36 -52.01 -5.28
CA LYS B 234 -17.85 -51.82 -6.63
C LYS B 234 -19.35 -52.10 -6.71
N SER B 235 -19.96 -51.71 -7.83
CA SER B 235 -21.40 -51.61 -7.92
C SER B 235 -22.10 -52.87 -7.41
N LEU B 236 -21.78 -54.03 -8.00
CA LEU B 236 -22.59 -55.22 -7.74
C LEU B 236 -22.49 -55.73 -6.31
N GLN B 237 -21.38 -55.45 -5.60
CA GLN B 237 -21.22 -55.91 -4.22
C GLN B 237 -21.39 -54.80 -3.20
N ARG B 238 -21.71 -53.58 -3.63
CA ARG B 238 -21.87 -52.47 -2.71
C ARG B 238 -22.92 -52.78 -1.64
N GLN B 239 -24.17 -52.93 -2.07
CA GLN B 239 -25.27 -53.11 -1.11
C GLN B 239 -24.97 -54.21 -0.11
N ALA B 240 -24.40 -55.32 -0.56
CA ALA B 240 -24.08 -56.41 0.37
C ALA B 240 -22.98 -55.99 1.33
N ASN B 241 -22.02 -55.19 0.87
CA ASN B 241 -21.01 -54.67 1.79
C ASN B 241 -21.62 -53.66 2.76
N ILE B 242 -22.54 -52.83 2.27
CA ILE B 242 -23.17 -51.81 3.12
C ILE B 242 -23.85 -52.47 4.32
N LEU B 243 -24.60 -53.54 4.08
CA LEU B 243 -25.26 -54.23 5.18
C LEU B 243 -24.26 -55.01 6.02
N LEU B 244 -23.16 -55.45 5.42
CA LEU B 244 -22.15 -56.21 6.15
C LEU B 244 -21.18 -55.31 6.90
N GLY B 245 -21.10 -54.03 6.56
CA GLY B 245 -20.16 -53.14 7.21
C GLY B 245 -18.78 -53.11 6.59
N ALA B 246 -18.67 -53.43 5.30
CA ALA B 246 -17.38 -53.59 4.65
C ALA B 246 -16.99 -52.30 3.93
N CYS B 247 -16.63 -51.30 4.73
CA CYS B 247 -16.17 -50.03 4.20
C CYS B 247 -14.65 -50.01 4.11
N SER B 248 -14.15 -49.43 3.03
CA SER B 248 -12.71 -49.34 2.78
C SER B 248 -12.43 -48.02 2.09
N LEU B 249 -11.82 -47.08 2.81
CA LEU B 249 -11.44 -45.78 2.26
C LEU B 249 -9.96 -45.84 1.89
N ASP B 250 -9.69 -46.44 0.73
CA ASP B 250 -8.31 -46.66 0.31
C ASP B 250 -7.69 -45.42 -0.33
N CYS B 251 -8.48 -44.64 -1.05
CA CYS B 251 -7.98 -43.44 -1.70
C CYS B 251 -7.50 -42.37 -0.71
N LEU B 252 -7.54 -42.64 0.60
CA LEU B 252 -7.17 -41.66 1.62
C LEU B 252 -5.95 -42.17 2.37
N HIS B 253 -4.83 -41.50 2.20
CA HIS B 253 -3.62 -41.89 2.90
C HIS B 253 -3.85 -41.81 4.42
N PRO B 254 -3.13 -42.62 5.20
CA PRO B 254 -3.28 -42.55 6.65
C PRO B 254 -2.40 -41.48 7.29
N GLU B 255 -1.40 -40.98 6.58
CA GLU B 255 -0.44 -40.05 7.15
C GLU B 255 -0.42 -38.71 6.41
N LYS B 256 -1.53 -38.37 5.76
CA LYS B 256 -1.68 -37.09 5.09
C LYS B 256 -2.69 -36.24 5.85
N HIS B 257 -2.32 -34.99 6.13
CA HIS B 257 -3.18 -34.11 6.93
C HIS B 257 -4.56 -33.98 6.29
N GLU B 258 -4.61 -33.58 5.02
CA GLU B 258 -5.89 -33.47 4.33
C GLU B 258 -6.68 -34.76 4.44
N ASP B 259 -6.03 -35.89 4.12
CA ASP B 259 -6.72 -37.17 4.10
C ASP B 259 -7.18 -37.59 5.49
N VAL B 260 -6.33 -37.38 6.50
CA VAL B 260 -6.70 -37.74 7.88
C VAL B 260 -7.94 -36.97 8.31
N ILE B 261 -8.07 -35.71 7.89
CA ILE B 261 -9.26 -34.93 8.22
C ILE B 261 -10.48 -35.47 7.50
N ALA B 262 -10.36 -35.72 6.19
CA ALA B 262 -11.45 -36.34 5.45
C ALA B 262 -11.82 -37.69 6.05
N ARG B 263 -10.82 -38.52 6.37
CA ARG B 263 -11.10 -39.82 6.95
C ARG B 263 -11.98 -39.70 8.18
N GLU B 264 -11.67 -38.73 9.05
CA GLU B 264 -12.50 -38.54 10.24
C GLU B 264 -13.96 -38.28 9.87
N LEU B 265 -14.18 -37.35 8.93
CA LEU B 265 -15.54 -36.97 8.58
C LEU B 265 -16.28 -38.11 7.89
N ILE B 266 -15.76 -38.57 6.74
CA ILE B 266 -16.47 -39.60 5.98
C ILE B 266 -16.73 -40.84 6.83
N GLU B 267 -15.75 -41.23 7.65
CA GLU B 267 -15.93 -42.39 8.52
C GLU B 267 -17.09 -42.19 9.47
N LYS B 268 -17.24 -40.98 10.02
CA LYS B 268 -18.38 -40.71 10.89
C LYS B 268 -19.68 -40.64 10.09
N MET B 269 -19.61 -40.19 8.83
CA MET B 269 -20.81 -40.02 8.04
C MET B 269 -21.39 -41.34 7.55
N ILE B 270 -20.59 -42.41 7.49
CA ILE B 270 -21.05 -43.68 6.96
C ILE B 270 -21.03 -44.76 8.04
N ALA B 271 -21.13 -44.37 9.30
CA ALA B 271 -21.18 -45.33 10.39
C ALA B 271 -22.39 -46.26 10.24
N MET B 272 -22.30 -47.45 10.85
CA MET B 272 -23.43 -48.37 10.81
C MET B 272 -24.53 -47.94 11.77
N ASP B 273 -24.15 -47.60 12.99
CA ASP B 273 -25.10 -47.01 13.93
C ASP B 273 -25.50 -45.63 13.44
N PRO B 274 -26.73 -45.43 12.97
CA PRO B 274 -27.11 -44.09 12.47
C PRO B 274 -27.11 -43.04 13.56
N GLN B 275 -27.13 -43.44 14.83
CA GLN B 275 -27.05 -42.47 15.91
C GLN B 275 -25.66 -41.86 16.00
N LYS B 276 -24.62 -42.63 15.71
CA LYS B 276 -23.26 -42.10 15.72
C LYS B 276 -22.93 -41.28 14.48
N ARG B 277 -23.87 -41.13 13.54
CA ARG B 277 -23.63 -40.34 12.34
C ARG B 277 -23.81 -38.86 12.65
N PRO B 278 -22.94 -38.00 12.15
CA PRO B 278 -23.08 -36.57 12.40
C PRO B 278 -24.31 -36.00 11.70
N SER B 279 -24.76 -34.85 12.20
CA SER B 279 -25.79 -34.08 11.52
C SER B 279 -25.19 -33.27 10.37
N ALA B 280 -26.08 -32.73 9.52
CA ALA B 280 -25.59 -31.92 8.41
C ALA B 280 -25.08 -30.57 8.89
N LYS B 281 -25.65 -30.02 9.98
CA LYS B 281 -25.12 -28.78 10.54
C LYS B 281 -23.73 -29.00 11.15
N HIS B 282 -23.52 -30.16 11.76
CA HIS B 282 -22.18 -30.50 12.25
C HIS B 282 -21.19 -30.62 11.10
N VAL B 283 -21.56 -31.35 10.05
CA VAL B 283 -20.66 -31.56 8.92
C VAL B 283 -20.25 -30.23 8.29
N LEU B 284 -21.13 -29.23 8.33
CA LEU B 284 -20.78 -27.94 7.77
C LEU B 284 -19.65 -27.27 8.54
N LYS B 285 -19.55 -27.54 9.83
CA LYS B 285 -18.53 -26.94 10.68
C LYS B 285 -17.21 -27.72 10.68
N HIS B 286 -17.14 -28.83 9.96
CA HIS B 286 -16.00 -29.75 10.09
C HIS B 286 -14.74 -29.15 9.48
N PRO B 287 -13.57 -29.44 10.06
CA PRO B 287 -12.31 -28.98 9.46
C PRO B 287 -12.16 -29.34 8.00
N PHE B 288 -12.84 -30.39 7.54
CA PHE B 288 -12.78 -30.78 6.13
C PHE B 288 -13.02 -29.59 5.21
N PHE B 289 -13.64 -28.53 5.71
CA PHE B 289 -14.00 -27.37 4.92
C PHE B 289 -13.19 -26.13 5.29
N TRP B 290 -12.22 -26.23 6.20
CA TRP B 290 -11.53 -25.05 6.70
C TRP B 290 -10.40 -24.62 5.78
N SER B 291 -10.23 -23.31 5.64
CA SER B 291 -9.04 -22.76 5.03
C SER B 291 -7.83 -22.98 5.95
N LEU B 292 -6.64 -22.75 5.40
CA LEU B 292 -5.43 -22.83 6.22
C LEU B 292 -5.41 -21.71 7.26
N GLU B 293 -5.84 -20.51 6.86
CA GLU B 293 -5.94 -19.41 7.80
C GLU B 293 -6.85 -19.77 8.97
N LYS B 294 -7.99 -20.40 8.68
CA LYS B 294 -8.88 -20.82 9.75
C LYS B 294 -8.25 -21.91 10.62
N GLN B 295 -7.62 -22.90 9.99
CA GLN B 295 -6.96 -23.96 10.75
C GLN B 295 -6.00 -23.39 11.78
N LEU B 296 -5.04 -22.58 11.34
CA LEU B 296 -4.11 -21.94 12.26
C LEU B 296 -4.86 -21.18 13.35
N GLN B 297 -5.97 -20.53 12.99
CA GLN B 297 -6.77 -19.82 13.98
C GLN B 297 -7.30 -20.78 15.05
N PHE B 298 -7.87 -21.91 14.63
CA PHE B 298 -8.32 -22.92 15.58
C PHE B 298 -7.19 -23.35 16.51
N PHE B 299 -5.97 -23.46 15.97
CA PHE B 299 -4.83 -23.83 16.81
C PHE B 299 -4.53 -22.73 17.83
N GLN B 300 -4.55 -21.46 17.40
CA GLN B 300 -4.26 -20.37 18.31
C GLN B 300 -5.25 -20.34 19.47
N ASP B 301 -6.54 -20.51 19.17
CA ASP B 301 -7.56 -20.39 20.21
C ASP B 301 -7.51 -21.56 21.18
N VAL B 302 -7.22 -22.77 20.69
CA VAL B 302 -7.09 -23.91 21.58
C VAL B 302 -5.94 -23.69 22.55
N SER B 303 -4.80 -23.23 22.04
CA SER B 303 -3.65 -23.00 22.92
C SER B 303 -3.99 -21.97 23.98
N ASP B 304 -4.67 -20.88 23.61
CA ASP B 304 -5.00 -19.85 24.58
C ASP B 304 -6.00 -20.33 25.61
N ARG B 305 -6.93 -21.19 25.22
CA ARG B 305 -7.95 -21.65 26.17
C ARG B 305 -7.36 -22.61 27.20
N ILE B 306 -6.30 -23.33 26.85
CA ILE B 306 -5.73 -24.35 27.72
C ILE B 306 -4.50 -23.87 28.47
N GLU B 307 -4.04 -22.64 28.20
CA GLU B 307 -2.75 -22.20 28.73
C GLU B 307 -2.70 -22.29 30.25
N LYS B 308 -3.76 -21.83 30.93
CA LYS B 308 -3.84 -21.92 32.37
C LYS B 308 -4.81 -23.03 32.80
N GLU B 309 -4.89 -24.11 32.01
CA GLU B 309 -5.64 -25.30 32.40
C GLU B 309 -4.70 -26.30 33.03
N SER B 310 -5.09 -26.85 34.17
CA SER B 310 -4.21 -27.74 34.92
C SER B 310 -4.08 -29.09 34.22
N LEU B 311 -3.13 -29.90 34.71
CA LEU B 311 -2.92 -31.22 34.13
C LEU B 311 -4.02 -32.19 34.52
N ASP B 312 -4.63 -31.99 35.69
CA ASP B 312 -5.75 -32.81 36.13
C ASP B 312 -7.06 -32.43 35.46
N GLY B 313 -7.11 -31.27 34.81
CA GLY B 313 -8.32 -30.81 34.16
C GLY B 313 -8.73 -31.71 33.01
N PRO B 314 -10.04 -31.86 32.81
CA PRO B 314 -10.51 -32.74 31.71
C PRO B 314 -10.04 -32.28 30.34
N ILE B 315 -10.12 -30.97 30.06
CA ILE B 315 -9.70 -30.47 28.76
C ILE B 315 -8.31 -30.96 28.41
N VAL B 316 -7.35 -30.72 29.32
CA VAL B 316 -5.96 -31.08 29.06
C VAL B 316 -5.77 -32.59 29.07
N LYS B 317 -6.53 -33.31 29.88
CA LYS B 317 -6.38 -34.77 29.94
C LYS B 317 -6.91 -35.43 28.67
N GLN B 318 -7.95 -34.88 28.06
CA GLN B 318 -8.44 -35.40 26.79
C GLN B 318 -7.52 -35.02 25.64
N LEU B 319 -6.88 -33.85 25.74
CA LEU B 319 -5.95 -33.41 24.70
C LEU B 319 -4.68 -34.24 24.71
N GLU B 320 -4.30 -34.79 25.86
CA GLU B 320 -3.06 -35.54 26.00
C GLU B 320 -3.25 -37.06 25.95
N ARG B 321 -4.50 -37.54 26.03
CA ARG B 321 -4.75 -38.97 25.89
C ARG B 321 -4.47 -39.41 24.46
N GLY B 322 -3.39 -40.15 24.26
CA GLY B 322 -3.02 -40.61 22.95
C GLY B 322 -2.17 -39.65 22.13
N GLY B 323 -1.54 -38.67 22.77
CA GLY B 323 -0.78 -37.68 22.04
C GLY B 323 0.57 -38.17 21.56
N ARG B 324 1.17 -39.13 22.28
CA ARG B 324 2.48 -39.64 21.90
C ARG B 324 2.52 -40.04 20.43
N ALA B 325 1.42 -40.61 19.93
CA ALA B 325 1.35 -40.94 18.51
C ALA B 325 1.14 -39.69 17.66
N VAL B 326 0.28 -38.79 18.11
CA VAL B 326 0.06 -37.52 17.41
C VAL B 326 1.38 -36.77 17.27
N VAL B 327 2.06 -36.55 18.40
CA VAL B 327 3.34 -35.84 18.40
C VAL B 327 4.46 -36.67 17.81
N LYS B 328 4.24 -37.97 17.58
CA LYS B 328 5.26 -38.87 17.04
C LYS B 328 6.35 -39.15 18.09
N MET B 329 5.92 -39.54 19.29
CA MET B 329 6.84 -39.84 20.37
C MET B 329 7.39 -38.56 20.98
N ASP B 330 8.12 -37.78 20.18
CA ASP B 330 8.75 -36.54 20.64
C ASP B 330 8.72 -35.56 19.48
N TRP B 331 7.91 -34.50 19.60
CA TRP B 331 7.77 -33.56 18.49
C TRP B 331 9.04 -32.75 18.27
N ARG B 332 9.84 -32.52 19.32
CA ARG B 332 11.09 -31.79 19.14
C ARG B 332 12.05 -32.55 18.22
N GLU B 333 11.92 -33.88 18.16
CA GLU B 333 12.74 -34.69 17.27
C GLU B 333 12.16 -34.82 15.87
N ASN B 334 11.05 -34.12 15.59
CA ASN B 334 10.36 -34.25 14.31
C ASN B 334 10.22 -32.93 13.56
N ILE B 335 10.79 -31.83 14.08
CA ILE B 335 10.69 -30.53 13.42
C ILE B 335 12.03 -30.20 12.76
N THR B 336 12.09 -29.06 12.07
CA THR B 336 13.31 -28.67 11.38
C THR B 336 14.40 -28.27 12.38
N VAL B 337 15.66 -28.48 11.98
CA VAL B 337 16.78 -28.14 12.86
C VAL B 337 16.77 -26.66 13.22
N PRO B 338 16.59 -25.72 12.29
CA PRO B 338 16.55 -24.30 12.69
C PRO B 338 15.55 -24.01 13.79
N LEU B 339 14.40 -24.69 13.81
CA LEU B 339 13.45 -24.51 14.90
C LEU B 339 13.91 -25.20 16.17
N GLN B 340 14.53 -26.38 16.04
CA GLN B 340 14.99 -27.10 17.23
C GLN B 340 16.00 -26.28 18.02
N THR B 341 16.98 -25.70 17.33
CA THR B 341 17.96 -24.85 18.00
C THR B 341 17.28 -23.64 18.64
N ASP B 342 16.41 -22.96 17.88
CA ASP B 342 15.68 -21.81 18.41
C ASP B 342 14.95 -22.18 19.71
N LEU B 343 14.29 -23.33 19.72
CA LEU B 343 13.55 -23.74 20.92
C LEU B 343 14.49 -24.12 22.05
N ARG B 344 15.70 -24.57 21.74
CA ARG B 344 16.68 -24.93 22.75
C ARG B 344 17.18 -23.72 23.54
N LYS B 345 16.95 -22.51 23.05
CA LYS B 345 17.41 -21.32 23.76
C LYS B 345 16.88 -21.26 25.19
N PHE B 346 15.67 -21.77 25.42
CA PHE B 346 15.10 -21.81 26.76
C PHE B 346 14.80 -23.25 27.17
N ARG B 347 13.90 -23.42 28.15
CA ARG B 347 13.54 -24.77 28.61
C ARG B 347 12.09 -24.73 29.10
N THR B 348 11.14 -24.76 28.15
CA THR B 348 9.74 -24.59 28.51
C THR B 348 8.78 -25.41 27.66
N TYR B 349 9.25 -26.40 26.92
CA TYR B 349 8.37 -27.21 26.09
C TYR B 349 8.76 -28.67 26.15
N LYS B 350 7.79 -29.52 26.46
CA LYS B 350 8.00 -30.96 26.61
C LYS B 350 7.67 -31.65 25.30
N GLY B 351 8.56 -32.54 24.86
CA GLY B 351 8.41 -33.25 23.60
C GLY B 351 7.29 -34.27 23.55
N GLY B 352 6.59 -34.53 24.65
CA GLY B 352 5.51 -35.49 24.63
C GLY B 352 4.14 -34.86 24.77
N SER B 353 4.12 -33.55 25.05
CA SER B 353 2.88 -32.82 25.26
C SER B 353 2.33 -32.31 23.94
N VAL B 354 1.07 -32.63 23.66
CA VAL B 354 0.39 -32.03 22.52
C VAL B 354 -0.02 -30.61 22.85
N ARG B 355 -0.29 -30.32 24.13
CA ARG B 355 -0.52 -28.94 24.54
C ARG B 355 0.73 -28.10 24.31
N ASP B 356 1.89 -28.63 24.69
CA ASP B 356 3.13 -27.86 24.52
C ASP B 356 3.48 -27.68 23.05
N LEU B 357 3.16 -28.67 22.22
CA LEU B 357 3.32 -28.46 20.77
C LEU B 357 2.44 -27.31 20.29
N LEU B 358 1.19 -27.26 20.77
CA LEU B 358 0.31 -26.15 20.42
C LEU B 358 0.78 -24.84 21.05
N ARG B 359 1.30 -24.91 22.28
CA ARG B 359 1.81 -23.72 22.95
C ARG B 359 3.03 -23.18 22.21
N ALA B 360 3.90 -24.08 21.73
CA ALA B 360 5.03 -23.65 20.92
C ALA B 360 4.55 -22.95 19.64
N MET B 361 3.56 -23.52 18.97
CA MET B 361 3.06 -22.92 17.73
C MET B 361 2.52 -21.51 17.99
N ARG B 362 1.90 -21.30 19.15
CA ARG B 362 1.41 -19.97 19.51
C ARG B 362 2.56 -18.99 19.66
N ASN B 363 3.59 -19.38 20.41
CA ASN B 363 4.73 -18.49 20.64
C ASN B 363 5.44 -18.14 19.33
N LYS B 364 5.80 -19.17 18.55
CA LYS B 364 6.57 -18.89 17.34
C LYS B 364 5.76 -18.15 16.28
N LYS B 365 4.45 -18.01 16.46
CA LYS B 365 3.64 -17.19 15.58
C LYS B 365 3.61 -15.74 16.04
N HIS B 366 3.33 -15.52 17.33
CA HIS B 366 3.34 -14.17 17.88
C HIS B 366 4.64 -13.45 17.56
N HIS B 367 5.76 -14.05 17.93
CA HIS B 367 7.09 -13.47 17.76
C HIS B 367 7.70 -13.74 16.39
N TYR B 368 6.87 -14.08 15.40
CA TYR B 368 7.41 -14.50 14.11
C TYR B 368 8.34 -13.45 13.51
N ARG B 369 8.00 -12.18 13.65
CA ARG B 369 8.78 -11.14 12.99
C ARG B 369 10.14 -10.96 13.65
N GLU B 370 10.20 -11.02 14.99
CA GLU B 370 11.46 -10.95 15.72
C GLU B 370 12.09 -12.32 15.92
N LEU B 371 12.05 -13.17 14.89
CA LEU B 371 12.68 -14.48 14.90
C LEU B 371 13.76 -14.53 13.82
N PRO B 372 14.89 -15.17 14.09
CA PRO B 372 15.98 -15.19 13.11
C PRO B 372 15.52 -15.68 11.74
N ALA B 373 16.08 -15.08 10.69
CA ALA B 373 15.65 -15.37 9.33
C ALA B 373 15.71 -16.86 9.03
N GLU B 374 16.74 -17.56 9.54
CA GLU B 374 16.85 -18.99 9.28
C GLU B 374 15.63 -19.74 9.81
N VAL B 375 15.13 -19.34 10.99
CA VAL B 375 13.93 -19.96 11.54
C VAL B 375 12.68 -19.48 10.81
N ARG B 376 12.66 -18.22 10.39
CA ARG B 376 11.54 -17.72 9.60
C ARG B 376 11.45 -18.43 8.26
N GLU B 377 12.59 -18.84 7.69
CA GLU B 377 12.57 -19.46 6.36
C GLU B 377 12.15 -20.93 6.41
N THR B 378 12.38 -21.61 7.54
CA THR B 378 11.88 -22.97 7.69
C THR B 378 10.37 -22.98 7.96
N LEU B 379 9.88 -21.99 8.71
CA LEU B 379 8.46 -21.94 9.03
C LEU B 379 7.62 -21.58 7.80
N GLY B 380 8.06 -20.57 7.05
CA GLY B 380 7.33 -20.11 5.88
C GLY B 380 6.57 -18.83 6.17
N SER B 381 5.90 -18.33 5.14
CA SER B 381 5.10 -17.12 5.27
C SER B 381 3.86 -17.37 6.11
N LEU B 382 3.39 -16.30 6.79
CA LEU B 382 2.17 -16.46 7.55
C LEU B 382 0.96 -16.12 6.69
N PRO B 383 -0.18 -16.79 6.90
CA PRO B 383 -0.42 -17.89 7.84
C PRO B 383 -0.42 -19.26 7.17
N ASP B 384 -0.37 -19.31 5.84
CA ASP B 384 -0.58 -20.58 5.13
C ASP B 384 0.62 -21.50 5.27
N ASP B 385 1.80 -21.03 4.83
CA ASP B 385 3.00 -21.87 4.93
C ASP B 385 3.34 -22.18 6.37
N PHE B 386 3.10 -21.23 7.29
CA PHE B 386 3.33 -21.50 8.70
C PHE B 386 2.53 -22.70 9.18
N VAL B 387 1.21 -22.68 8.95
CA VAL B 387 0.35 -23.75 9.48
C VAL B 387 0.65 -25.07 8.80
N CYS B 388 0.97 -25.05 7.50
CA CYS B 388 1.26 -26.29 6.79
C CYS B 388 2.52 -26.94 7.35
N TYR B 389 3.50 -26.13 7.76
CA TYR B 389 4.71 -26.65 8.37
C TYR B 389 4.41 -27.72 9.42
N PHE B 390 3.43 -27.44 10.29
CA PHE B 390 3.12 -28.32 11.40
C PHE B 390 2.07 -29.37 11.06
N THR B 391 1.24 -29.15 10.04
CA THR B 391 0.27 -30.17 9.65
C THR B 391 0.94 -31.29 8.85
N SER B 392 1.91 -30.94 8.00
CA SER B 392 2.63 -31.96 7.25
C SER B 392 3.51 -32.79 8.16
N ARG B 393 4.10 -32.19 9.18
CA ARG B 393 4.95 -32.94 10.09
C ARG B 393 4.14 -33.85 10.99
N PHE B 394 3.01 -33.37 11.50
CA PHE B 394 2.13 -34.14 12.38
C PHE B 394 0.74 -34.16 11.76
N PRO B 395 0.46 -35.13 10.87
CA PRO B 395 -0.80 -35.11 10.12
C PRO B 395 -2.02 -35.53 10.94
N HIS B 396 -1.86 -35.88 12.20
CA HIS B 396 -2.97 -36.19 13.08
C HIS B 396 -3.25 -35.09 14.09
N LEU B 397 -2.50 -33.99 14.03
CA LEU B 397 -2.59 -32.95 15.06
C LEU B 397 -3.95 -32.28 15.04
N LEU B 398 -4.47 -31.92 13.87
CA LEU B 398 -5.76 -31.24 13.80
C LEU B 398 -6.89 -32.18 14.17
N ALA B 399 -6.93 -33.37 13.57
CA ALA B 399 -7.95 -34.35 13.90
C ALA B 399 -7.98 -34.62 15.39
N HIS B 400 -6.82 -34.98 15.97
CA HIS B 400 -6.78 -35.28 17.39
C HIS B 400 -7.33 -34.12 18.23
N THR B 401 -6.81 -32.91 18.02
CA THR B 401 -7.15 -31.79 18.88
C THR B 401 -8.56 -31.29 18.63
N TYR B 402 -9.08 -31.42 17.40
CA TYR B 402 -10.46 -31.03 17.15
C TYR B 402 -11.42 -31.87 17.97
N ARG B 403 -11.25 -33.19 17.94
CA ARG B 403 -12.12 -34.07 18.72
C ARG B 403 -11.94 -33.81 20.22
N ALA B 404 -10.71 -33.57 20.66
CA ALA B 404 -10.48 -33.34 22.08
C ALA B 404 -11.16 -32.07 22.56
N MET B 405 -11.00 -30.99 21.80
CA MET B 405 -11.55 -29.70 22.20
C MET B 405 -13.08 -29.66 22.13
N GLU B 406 -13.73 -30.75 21.75
CA GLU B 406 -15.20 -30.78 21.79
C GLU B 406 -15.72 -30.46 23.18
N LEU B 407 -14.91 -30.73 24.22
CA LEU B 407 -15.29 -30.40 25.60
C LEU B 407 -15.56 -28.92 25.80
N CYS B 408 -15.33 -28.08 24.78
CA CYS B 408 -15.52 -26.64 24.83
C CYS B 408 -16.34 -26.15 23.64
N SER B 409 -17.28 -26.96 23.17
CA SER B 409 -18.11 -26.55 22.04
C SER B 409 -19.21 -25.57 22.46
N HIS B 410 -19.54 -25.53 23.74
CA HIS B 410 -20.51 -24.56 24.25
C HIS B 410 -19.93 -23.15 24.35
N GLU B 411 -18.60 -23.03 24.36
CA GLU B 411 -17.95 -21.75 24.63
C GLU B 411 -18.00 -20.84 23.40
N ARG B 412 -18.20 -19.54 23.65
CA ARG B 412 -18.32 -18.58 22.57
C ARG B 412 -17.08 -18.59 21.68
N LEU B 413 -15.90 -18.66 22.29
CA LEU B 413 -14.66 -18.60 21.52
C LEU B 413 -14.60 -19.68 20.45
N PHE B 414 -15.18 -20.85 20.72
CA PHE B 414 -15.07 -22.00 19.83
C PHE B 414 -16.26 -22.16 18.90
N GLN B 415 -17.30 -21.35 19.05
CA GLN B 415 -18.48 -21.47 18.22
C GLN B 415 -18.16 -21.53 16.72
N PRO B 416 -17.12 -20.83 16.24
CA PRO B 416 -16.81 -20.90 14.80
C PRO B 416 -16.37 -22.27 14.32
N TYR B 417 -16.13 -23.23 15.22
CA TYR B 417 -15.55 -24.51 14.84
C TYR B 417 -16.48 -25.69 15.08
N TYR B 418 -17.46 -25.59 15.97
CA TYR B 418 -18.41 -26.66 16.22
C TYR B 418 -19.83 -26.13 16.01
N PHE B 419 -20.80 -27.01 16.22
CA PHE B 419 -22.20 -26.65 16.15
C PHE B 419 -22.83 -26.92 17.50
N HIS B 420 -23.39 -25.87 18.11
CA HIS B 420 -23.92 -26.01 19.46
C HIS B 420 -24.95 -24.92 19.78
N GLU B 421 -26.18 -25.11 19.33
CA GLU B 421 -27.24 -24.16 19.63
C GLU B 421 -27.60 -24.25 21.11
N SER C 19 -14.83 10.19 -34.99
CA SER C 19 -15.43 10.67 -33.75
C SER C 19 -14.45 11.58 -33.02
N VAL C 20 -15.00 12.52 -32.24
CA VAL C 20 -14.20 13.49 -31.49
C VAL C 20 -14.64 13.45 -30.04
N VAL C 21 -13.69 13.59 -29.13
CA VAL C 21 -13.96 13.56 -27.69
C VAL C 21 -14.01 15.00 -27.18
N ILE C 22 -15.00 15.29 -26.34
CA ILE C 22 -15.13 16.58 -25.68
C ILE C 22 -15.16 16.33 -24.18
N VAL C 23 -14.20 16.90 -23.45
CA VAL C 23 -14.16 16.85 -22.00
C VAL C 23 -14.20 18.31 -21.53
N GLY C 24 -15.41 18.85 -21.41
CA GLY C 24 -15.54 20.26 -21.07
C GLY C 24 -15.12 21.12 -22.25
N LYS C 25 -14.23 22.08 -21.99
CA LYS C 25 -13.73 22.95 -23.05
C LYS C 25 -12.72 22.25 -23.95
N ILE C 26 -12.18 21.11 -23.53
CA ILE C 26 -11.12 20.42 -24.27
C ILE C 26 -11.75 19.34 -25.14
N SER C 27 -11.57 19.48 -26.45
CA SER C 27 -11.95 18.48 -27.42
C SER C 27 -10.71 17.99 -28.15
N PHE C 28 -10.77 16.76 -28.67
CA PHE C 28 -9.67 16.21 -29.44
C PHE C 28 -10.17 14.99 -30.20
N CYS C 29 -9.61 14.81 -31.40
CA CYS C 29 -9.93 13.63 -32.20
C CYS C 29 -8.99 12.49 -31.81
N PRO C 30 -9.49 11.37 -31.30
CA PRO C 30 -8.59 10.34 -30.73
C PRO C 30 -7.61 9.76 -31.73
N LYS C 31 -7.98 9.65 -33.01
CA LYS C 31 -7.02 9.11 -33.98
C LYS C 31 -5.93 10.10 -34.36
N ASP C 32 -6.03 11.36 -33.94
CA ASP C 32 -4.97 12.34 -34.19
C ASP C 32 -4.01 12.38 -32.99
N VAL C 33 -3.21 11.33 -32.89
CA VAL C 33 -2.22 11.22 -31.83
C VAL C 33 -0.99 12.02 -32.21
N LEU C 34 -0.41 12.71 -31.23
CA LEU C 34 0.79 13.50 -31.43
C LEU C 34 2.06 12.81 -30.93
N GLY C 35 1.94 12.00 -29.88
CA GLY C 35 3.10 11.29 -29.36
C GLY C 35 2.71 10.50 -28.13
N HIS C 36 3.71 9.82 -27.56
CA HIS C 36 3.54 9.07 -26.32
C HIS C 36 4.58 9.55 -25.32
N GLY C 37 4.14 9.81 -24.10
CA GLY C 37 5.02 10.10 -23.00
C GLY C 37 5.19 8.88 -22.09
N ALA C 38 6.02 9.06 -21.07
CA ALA C 38 6.19 8.02 -20.07
C ALA C 38 4.90 7.83 -19.28
N GLU C 39 4.89 6.81 -18.43
CA GLU C 39 3.74 6.51 -17.59
C GLU C 39 2.48 6.32 -18.44
N GLY C 40 2.65 5.73 -19.61
CA GLY C 40 1.53 5.47 -20.49
C GLY C 40 0.69 6.71 -20.78
N THR C 41 1.33 7.87 -20.78
CA THR C 41 0.66 9.12 -21.13
C THR C 41 0.75 9.35 -22.63
N ILE C 42 -0.35 9.80 -23.23
CA ILE C 42 -0.43 10.02 -24.67
C ILE C 42 -0.90 11.44 -24.93
N VAL C 43 -0.47 11.99 -26.07
CA VAL C 43 -0.73 13.38 -26.43
C VAL C 43 -1.40 13.43 -27.80
N TYR C 44 -2.52 14.13 -27.88
CA TYR C 44 -3.31 14.26 -29.09
C TYR C 44 -3.40 15.72 -29.52
N ARG C 45 -3.62 15.92 -30.82
CA ARG C 45 -3.99 17.24 -31.32
C ARG C 45 -5.47 17.51 -30.99
N GLY C 46 -5.75 18.73 -30.60
CA GLY C 46 -7.05 19.08 -30.05
C GLY C 46 -7.35 20.56 -30.18
N MET C 47 -8.22 21.05 -29.29
CA MET C 47 -8.72 22.41 -29.31
C MET C 47 -9.17 22.77 -27.91
N PHE C 48 -9.00 24.04 -27.55
CA PHE C 48 -9.52 24.56 -26.29
C PHE C 48 -9.91 26.01 -26.51
N ASP C 49 -11.19 26.31 -26.31
CA ASP C 49 -11.71 27.67 -26.51
C ASP C 49 -11.38 28.17 -27.92
N ASN C 50 -11.64 27.30 -28.90
CA ASN C 50 -11.32 27.60 -30.30
C ASN C 50 -9.85 27.96 -30.48
N ARG C 51 -8.99 27.36 -29.68
CA ARG C 51 -7.55 27.51 -29.82
C ARG C 51 -6.95 26.16 -30.19
N ASP C 52 -6.05 26.16 -31.17
CA ASP C 52 -5.34 24.95 -31.55
C ASP C 52 -4.36 24.59 -30.43
N VAL C 53 -4.60 23.46 -29.76
CA VAL C 53 -3.81 23.03 -28.63
C VAL C 53 -3.47 21.56 -28.77
N ALA C 54 -2.64 21.07 -27.85
CA ALA C 54 -2.32 19.66 -27.71
C ALA C 54 -2.75 19.20 -26.33
N VAL C 55 -3.35 18.01 -26.26
CA VAL C 55 -3.97 17.50 -25.04
C VAL C 55 -3.14 16.33 -24.52
N LYS C 56 -2.83 16.34 -23.23
CA LYS C 56 -2.09 15.28 -22.57
C LYS C 56 -3.04 14.49 -21.67
N ARG C 57 -3.13 13.18 -21.90
CA ARG C 57 -3.97 12.29 -21.10
C ARG C 57 -3.11 11.65 -20.02
N ILE C 58 -3.30 12.09 -18.78
CA ILE C 58 -2.45 11.72 -17.65
C ILE C 58 -3.18 10.67 -16.81
N LEU C 59 -2.55 9.50 -16.67
CA LEU C 59 -3.18 8.43 -15.91
C LEU C 59 -3.14 8.72 -14.42
N PRO C 60 -4.10 8.20 -13.65
CA PRO C 60 -4.17 8.51 -12.21
C PRO C 60 -2.86 8.29 -11.46
N GLU C 61 -1.93 7.51 -12.02
CA GLU C 61 -0.64 7.33 -11.36
C GLU C 61 0.23 8.57 -11.41
N CYS C 62 -0.06 9.50 -12.32
CA CYS C 62 0.73 10.72 -12.47
C CYS C 62 -0.01 11.98 -12.07
N PHE C 63 -1.25 11.86 -11.57
CA PHE C 63 -2.03 13.03 -11.20
C PHE C 63 -1.24 14.01 -10.35
N SER C 64 -0.22 13.51 -9.62
CA SER C 64 0.61 14.38 -8.79
C SER C 64 1.62 15.15 -9.62
N PHE C 65 2.38 14.44 -10.47
CA PHE C 65 3.36 15.14 -11.32
C PHE C 65 2.68 16.14 -12.24
N ALA C 66 1.47 15.84 -12.69
CA ALA C 66 0.74 16.79 -13.54
C ALA C 66 0.37 18.04 -12.77
N ASP C 67 -0.14 17.89 -11.54
CA ASP C 67 -0.55 19.05 -10.75
C ASP C 67 0.64 19.98 -10.49
N ARG C 68 1.83 19.40 -10.31
CA ARG C 68 3.02 20.24 -10.15
C ARG C 68 3.42 20.87 -11.48
N GLU C 69 3.53 20.06 -12.54
CA GLU C 69 3.86 20.58 -13.86
C GLU C 69 2.99 21.77 -14.22
N VAL C 70 1.67 21.62 -14.10
CA VAL C 70 0.77 22.71 -14.41
C VAL C 70 1.08 23.93 -13.54
N GLN C 71 1.32 23.70 -12.25
CA GLN C 71 1.59 24.81 -11.34
C GLN C 71 2.75 25.65 -11.85
N LEU C 72 3.90 25.02 -12.09
CA LEU C 72 5.06 25.75 -12.58
C LEU C 72 4.73 26.49 -13.87
N LEU C 73 4.02 25.81 -14.80
CA LEU C 73 3.69 26.45 -16.06
C LEU C 73 2.88 27.72 -15.86
N ARG C 74 2.15 27.81 -14.74
CA ARG C 74 1.35 29.00 -14.47
C ARG C 74 2.22 30.20 -14.12
N GLU C 75 3.36 29.97 -13.46
CA GLU C 75 4.24 31.06 -13.03
C GLU C 75 5.21 31.51 -14.10
N SER C 76 5.24 30.84 -15.26
CA SER C 76 6.31 31.09 -16.23
C SER C 76 5.85 31.19 -17.68
N ASP C 77 4.72 30.61 -18.08
CA ASP C 77 4.41 30.56 -19.51
C ASP C 77 4.25 31.94 -20.16
N GLU C 78 4.33 33.03 -19.41
CA GLU C 78 4.22 34.36 -20.01
C GLU C 78 5.39 34.68 -20.93
N HIS C 79 6.58 34.20 -20.60
CA HIS C 79 7.73 34.40 -21.46
C HIS C 79 7.47 33.80 -22.83
N PRO C 80 7.78 34.52 -23.92
CA PRO C 80 7.49 33.96 -25.25
C PRO C 80 8.17 32.63 -25.52
N ASN C 81 9.25 32.31 -24.82
CA ASN C 81 10.04 31.12 -25.11
C ASN C 81 9.81 30.00 -24.09
N VAL C 82 8.70 30.06 -23.35
CA VAL C 82 8.23 28.95 -22.54
C VAL C 82 6.81 28.62 -22.98
N ILE C 83 6.54 27.33 -23.21
CA ILE C 83 5.27 26.91 -23.77
C ILE C 83 4.12 27.47 -22.95
N ARG C 84 3.07 27.92 -23.64
CA ARG C 84 1.91 28.50 -22.99
C ARG C 84 0.94 27.39 -22.60
N TYR C 85 0.58 27.35 -21.31
CA TYR C 85 -0.36 26.36 -20.80
C TYR C 85 -1.72 27.03 -20.59
N PHE C 86 -2.77 26.33 -21.03
CA PHE C 86 -4.12 26.91 -21.11
C PHE C 86 -5.04 26.43 -20.00
N CYS C 87 -5.37 25.14 -19.98
CA CYS C 87 -6.40 24.64 -19.09
C CYS C 87 -6.15 23.17 -18.79
N THR C 88 -6.87 22.66 -17.79
CA THR C 88 -6.83 21.25 -17.41
C THR C 88 -8.22 20.82 -17.00
N GLU C 89 -8.79 19.85 -17.72
CA GLU C 89 -10.10 19.31 -17.41
C GLU C 89 -9.95 17.85 -17.00
N LYS C 90 -10.82 17.40 -16.11
CA LYS C 90 -10.74 16.06 -15.56
C LYS C 90 -11.91 15.21 -16.05
N ASP C 91 -11.62 13.94 -16.29
CA ASP C 91 -12.56 12.96 -16.80
C ASP C 91 -13.00 12.05 -15.65
N ARG C 92 -13.75 10.99 -15.97
CA ARG C 92 -14.12 10.02 -14.96
C ARG C 92 -12.92 9.21 -14.47
N GLN C 93 -11.88 9.08 -15.28
CA GLN C 93 -10.68 8.34 -14.88
C GLN C 93 -9.36 8.97 -15.30
N PHE C 94 -9.38 10.01 -16.13
CA PHE C 94 -8.16 10.59 -16.69
C PHE C 94 -8.10 12.08 -16.37
N GLN C 95 -6.90 12.64 -16.52
CA GLN C 95 -6.68 14.07 -16.44
C GLN C 95 -6.19 14.56 -17.80
N TYR C 96 -6.60 15.76 -18.18
CA TYR C 96 -6.24 16.31 -19.49
C TYR C 96 -5.57 17.66 -19.31
N ILE C 97 -4.44 17.85 -19.98
CA ILE C 97 -3.65 19.08 -19.90
C ILE C 97 -3.57 19.66 -21.31
N ALA C 98 -4.17 20.82 -21.50
CA ALA C 98 -4.18 21.50 -22.79
C ALA C 98 -3.14 22.61 -22.80
N ILE C 99 -2.28 22.60 -23.82
CA ILE C 99 -1.20 23.56 -23.96
C ILE C 99 -1.02 23.90 -25.43
N GLU C 100 -0.11 24.82 -25.72
CA GLU C 100 0.06 25.36 -27.06
C GLU C 100 0.38 24.25 -28.06
N LEU C 101 -0.22 24.34 -29.25
CA LEU C 101 0.02 23.36 -30.31
C LEU C 101 1.19 23.82 -31.17
N CYS C 102 2.24 23.00 -31.22
CA CYS C 102 3.49 23.35 -31.87
C CYS C 102 3.56 22.71 -33.26
N ALA C 103 4.69 22.94 -33.94
CA ALA C 103 4.91 22.42 -35.29
C ALA C 103 5.92 21.29 -35.34
N ALA C 104 6.81 21.19 -34.35
CA ALA C 104 7.83 20.14 -34.33
C ALA C 104 8.67 20.34 -33.07
N THR C 105 9.53 19.37 -32.79
CA THR C 105 10.54 19.49 -31.76
C THR C 105 11.86 19.91 -32.39
N LEU C 106 12.75 20.43 -31.56
CA LEU C 106 14.09 20.76 -32.04
C LEU C 106 14.72 19.56 -32.74
N GLN C 107 14.53 18.36 -32.18
CA GLN C 107 15.08 17.16 -32.78
C GLN C 107 14.61 17.00 -34.22
N GLU C 108 13.29 16.96 -34.43
CA GLU C 108 12.76 16.87 -35.78
C GLU C 108 13.36 17.94 -36.67
N TYR C 109 13.50 19.16 -36.15
CA TYR C 109 14.05 20.27 -36.93
C TYR C 109 15.40 19.89 -37.53
N VAL C 110 16.34 19.45 -36.70
CA VAL C 110 17.67 19.12 -37.20
C VAL C 110 17.64 17.94 -38.15
N GLU C 111 16.63 17.07 -38.04
CA GLU C 111 16.56 15.86 -38.83
C GLU C 111 15.83 16.03 -40.16
N GLN C 112 15.09 17.12 -40.35
CA GLN C 112 14.20 17.20 -41.51
C GLN C 112 14.22 18.56 -42.21
N LYS C 113 15.23 19.38 -41.98
CA LYS C 113 15.26 20.72 -42.56
C LYS C 113 16.55 20.94 -43.32
N ASP C 114 16.44 21.52 -44.51
CA ASP C 114 17.60 21.92 -45.31
C ASP C 114 18.19 23.19 -44.70
N PHE C 115 19.23 23.02 -43.88
CA PHE C 115 19.86 24.16 -43.21
C PHE C 115 20.42 25.18 -44.20
N ALA C 116 20.53 24.83 -45.48
CA ALA C 116 21.06 25.77 -46.47
C ALA C 116 20.19 27.02 -46.56
N HIS C 117 18.93 26.85 -46.95
CA HIS C 117 17.99 27.96 -47.05
C HIS C 117 17.53 28.45 -45.68
N LEU C 118 17.98 27.82 -44.60
CA LEU C 118 17.59 28.25 -43.27
C LEU C 118 18.37 29.46 -42.79
N GLY C 119 19.62 29.59 -43.21
CA GLY C 119 20.40 30.75 -42.81
C GLY C 119 20.65 30.79 -41.32
N LEU C 120 20.53 31.99 -40.75
CA LEU C 120 20.83 32.22 -39.34
C LEU C 120 19.74 31.71 -38.39
N GLU C 121 18.65 31.13 -38.92
CA GLU C 121 17.55 30.69 -38.07
C GLU C 121 17.99 29.73 -36.97
N PRO C 122 18.81 28.71 -37.22
CA PRO C 122 19.24 27.82 -36.13
C PRO C 122 19.87 28.55 -34.95
N ILE C 123 20.76 29.51 -35.22
CA ILE C 123 21.41 30.23 -34.12
C ILE C 123 20.39 31.01 -33.31
N THR C 124 19.39 31.60 -33.97
CA THR C 124 18.37 32.34 -33.25
C THR C 124 17.49 31.43 -32.41
N LEU C 125 17.34 30.15 -32.82
CA LEU C 125 16.60 29.20 -32.00
C LEU C 125 17.36 28.87 -30.72
N LEU C 126 18.68 28.71 -30.81
CA LEU C 126 19.48 28.50 -29.61
C LEU C 126 19.35 29.68 -28.66
N GLN C 127 19.32 30.90 -29.20
CA GLN C 127 19.22 32.08 -28.37
C GLN C 127 17.88 32.15 -27.65
N GLN C 128 16.78 31.89 -28.37
CA GLN C 128 15.46 31.89 -27.75
C GLN C 128 15.38 30.87 -26.63
N THR C 129 15.90 29.67 -26.86
CA THR C 129 15.89 28.64 -25.82
C THR C 129 16.57 29.13 -24.55
N THR C 130 17.67 29.88 -24.70
CA THR C 130 18.38 30.40 -23.54
C THR C 130 17.59 31.52 -22.86
N SER C 131 17.00 32.42 -23.66
CA SER C 131 16.08 33.40 -23.10
C SER C 131 15.02 32.71 -22.25
N GLY C 132 14.52 31.57 -22.72
CA GLY C 132 13.57 30.81 -21.93
C GLY C 132 14.19 30.25 -20.66
N LEU C 133 15.39 29.69 -20.77
CA LEU C 133 16.07 29.18 -19.58
C LEU C 133 16.46 30.31 -18.63
N ALA C 134 17.03 31.39 -19.17
CA ALA C 134 17.38 32.53 -18.32
C ALA C 134 16.17 33.01 -17.52
N HIS C 135 15.00 32.99 -18.14
CA HIS C 135 13.77 33.35 -17.44
C HIS C 135 13.41 32.31 -16.39
N LEU C 136 13.56 31.03 -16.71
CA LEU C 136 13.22 29.98 -15.76
C LEU C 136 14.09 30.09 -14.50
N HIS C 137 15.40 30.19 -14.68
CA HIS C 137 16.29 30.31 -13.52
C HIS C 137 15.98 31.55 -12.70
N SER C 138 15.73 32.69 -13.37
CA SER C 138 15.41 33.92 -12.66
C SER C 138 14.20 33.76 -11.75
N LEU C 139 13.33 32.81 -12.02
CA LEU C 139 12.20 32.50 -11.16
C LEU C 139 12.53 31.44 -10.12
N ASN C 140 13.81 31.09 -9.97
CA ASN C 140 14.25 30.05 -9.06
C ASN C 140 13.60 28.71 -9.42
N ILE C 141 13.79 28.31 -10.67
CA ILE C 141 13.28 27.05 -11.18
C ILE C 141 14.37 26.40 -12.02
N VAL C 142 14.62 25.11 -11.79
CA VAL C 142 15.58 24.34 -12.58
C VAL C 142 14.82 23.28 -13.36
N HIS C 143 15.16 23.13 -14.63
CA HIS C 143 14.41 22.23 -15.50
C HIS C 143 14.86 20.79 -15.33
N ARG C 144 16.17 20.54 -15.43
CA ARG C 144 16.77 19.26 -15.11
C ARG C 144 16.44 18.17 -16.14
N ASP C 145 16.01 18.55 -17.35
CA ASP C 145 15.75 17.57 -18.40
C ASP C 145 15.65 18.22 -19.77
N LEU C 146 16.52 19.20 -20.02
CA LEU C 146 16.61 19.82 -21.34
C LEU C 146 17.20 18.82 -22.33
N LYS C 147 16.70 18.86 -23.55
CA LYS C 147 17.16 17.99 -24.61
C LYS C 147 16.41 18.33 -25.90
N PRO C 148 16.98 18.00 -27.04
CA PRO C 148 16.42 18.41 -28.33
C PRO C 148 15.01 17.89 -28.56
N HIS C 149 14.55 17.08 -27.61
CA HIS C 149 13.24 16.46 -27.66
C HIS C 149 12.15 17.41 -27.16
N ASN C 150 12.35 18.00 -25.98
CA ASN C 150 11.34 18.87 -25.37
C ASN C 150 11.65 20.35 -25.58
N ILE C 151 12.48 20.69 -26.55
CA ILE C 151 12.63 22.06 -27.02
C ILE C 151 11.80 22.15 -28.29
N LEU C 152 10.70 22.89 -28.24
CA LEU C 152 9.68 22.82 -29.28
C LEU C 152 9.75 24.03 -30.20
N ILE C 153 9.35 23.81 -31.45
CA ILE C 153 9.31 24.85 -32.48
C ILE C 153 7.86 25.29 -32.64
N SER C 154 7.59 26.56 -32.38
CA SER C 154 6.24 27.10 -32.47
C SER C 154 5.71 27.03 -33.90
N MET C 155 4.39 27.09 -34.01
CA MET C 155 3.76 27.16 -35.32
C MET C 155 3.89 28.56 -35.89
N PRO C 156 3.99 28.70 -37.21
CA PRO C 156 4.32 30.01 -37.78
C PRO C 156 3.24 31.04 -37.45
N ASN C 157 3.69 32.24 -37.08
CA ASN C 157 2.76 33.32 -36.79
C ASN C 157 2.19 33.89 -38.09
N ALA C 158 1.22 34.79 -37.94
CA ALA C 158 0.56 35.37 -39.11
C ALA C 158 1.56 35.92 -40.11
N HIS C 159 2.80 36.18 -39.70
CA HIS C 159 3.83 36.69 -40.57
C HIS C 159 4.85 35.63 -40.96
N GLY C 160 4.64 34.38 -40.55
CA GLY C 160 5.48 33.28 -40.96
C GLY C 160 6.73 33.07 -40.13
N LYS C 161 6.88 33.76 -39.00
CA LYS C 161 8.02 33.58 -38.13
C LYS C 161 7.71 32.57 -37.04
N ILE C 162 8.74 31.82 -36.62
CA ILE C 162 8.59 30.79 -35.61
C ILE C 162 9.52 31.10 -34.46
N LYS C 163 9.24 30.46 -33.32
CA LYS C 163 10.03 30.64 -32.11
C LYS C 163 10.22 29.28 -31.43
N ALA C 164 11.14 29.25 -30.48
CA ALA C 164 11.42 28.06 -29.68
C ALA C 164 10.88 28.25 -28.28
N MET C 165 10.53 27.14 -27.64
CA MET C 165 9.98 27.19 -26.29
C MET C 165 10.45 25.98 -25.48
N ILE C 166 10.56 26.19 -24.17
CA ILE C 166 10.90 25.12 -23.24
C ILE C 166 9.63 24.41 -22.82
N SER C 167 9.64 23.07 -22.84
CA SER C 167 8.48 22.27 -22.45
C SER C 167 8.92 21.18 -21.49
N ASP C 168 7.95 20.38 -21.06
CA ASP C 168 8.19 19.20 -20.21
C ASP C 168 8.55 19.62 -18.79
N PHE C 169 7.70 20.43 -18.18
CA PHE C 169 7.97 20.89 -16.83
C PHE C 169 7.66 19.85 -15.79
N GLY C 170 7.46 18.59 -16.19
CA GLY C 170 7.13 17.55 -15.25
C GLY C 170 8.28 17.10 -14.38
N LEU C 171 9.52 17.38 -14.79
CA LEU C 171 10.71 17.01 -14.03
C LEU C 171 11.43 18.23 -13.47
N CYS C 172 10.73 19.37 -13.37
CA CYS C 172 11.34 20.60 -12.89
C CYS C 172 11.55 20.56 -11.38
N LYS C 173 12.19 21.62 -10.89
CA LYS C 173 12.35 21.83 -9.46
C LYS C 173 12.40 23.32 -9.22
N LYS C 174 11.76 23.77 -8.15
CA LYS C 174 11.78 25.17 -7.73
C LYS C 174 12.59 25.25 -6.44
N LEU C 175 13.74 25.92 -6.52
CA LEU C 175 14.64 25.99 -5.38
C LEU C 175 13.94 26.60 -4.17
N ALA C 176 14.13 25.98 -3.01
CA ALA C 176 13.57 26.53 -1.78
C ALA C 176 14.08 27.94 -1.55
N VAL C 177 13.20 28.81 -1.06
CA VAL C 177 13.56 30.20 -0.85
C VAL C 177 14.76 30.29 0.07
N GLY C 178 15.78 31.05 -0.35
CA GLY C 178 17.00 31.18 0.40
C GLY C 178 18.08 30.17 0.06
N ARG C 179 17.81 29.25 -0.84
CA ARG C 179 18.78 28.24 -1.25
C ARG C 179 19.08 28.39 -2.74
N HIS C 180 20.29 28.00 -3.11
CA HIS C 180 20.73 28.10 -4.50
C HIS C 180 21.03 26.71 -5.07
N PHE C 182 19.99 22.36 -4.90
CA PHE C 182 18.93 21.41 -4.57
C PHE C 182 19.51 20.02 -4.38
N ARG C 184 20.19 16.07 -4.10
CA ARG C 184 19.89 15.06 -5.11
C ARG C 184 18.86 14.04 -4.59
N ARG C 185 18.02 14.48 -3.65
CA ARG C 185 17.03 13.62 -3.04
C ARG C 185 15.89 13.27 -4.01
N GLY C 187 15.90 11.73 -6.61
CA GLY C 187 16.44 10.68 -7.46
C GLY C 187 17.48 11.19 -8.44
N VAL C 188 17.29 10.85 -9.71
CA VAL C 188 18.17 11.31 -10.78
C VAL C 188 17.30 11.72 -11.97
N PRO C 189 16.85 12.98 -12.03
CA PRO C 189 15.98 13.40 -13.14
C PRO C 189 16.79 13.75 -14.38
N GLY C 190 16.40 13.19 -15.51
CA GLY C 190 17.06 13.46 -16.77
C GLY C 190 17.00 12.26 -17.69
N THR C 191 17.56 12.44 -18.87
CA THR C 191 17.59 11.40 -19.90
C THR C 191 19.04 11.09 -20.22
N GLU C 192 19.37 9.80 -20.30
CA GLU C 192 20.73 9.37 -20.57
C GLU C 192 21.27 10.07 -21.80
N GLY C 193 22.50 10.59 -21.68
CA GLY C 193 23.13 11.35 -22.73
C GLY C 193 23.05 12.86 -22.55
N TRP C 194 22.16 13.33 -21.67
CA TRP C 194 21.95 14.76 -21.47
C TRP C 194 22.04 15.18 -20.01
N ILE C 195 22.54 14.32 -19.12
CA ILE C 195 22.58 14.61 -17.69
C ILE C 195 23.99 15.05 -17.31
N ALA C 196 24.09 16.21 -16.67
CA ALA C 196 25.37 16.74 -16.28
C ALA C 196 26.05 15.83 -15.25
N PRO C 197 27.38 15.79 -15.23
CA PRO C 197 28.07 14.80 -14.40
C PRO C 197 27.81 14.97 -12.91
N GLU C 198 27.75 16.21 -12.41
CA GLU C 198 27.49 16.42 -10.99
C GLU C 198 26.19 15.77 -10.54
N MET C 199 25.33 15.39 -11.48
CA MET C 199 24.02 14.84 -11.18
C MET C 199 24.02 13.33 -11.02
N LEU C 200 25.18 12.68 -11.10
CA LEU C 200 25.22 11.22 -11.08
C LEU C 200 26.20 10.68 -10.05
N SER C 201 27.29 11.40 -9.81
CA SER C 201 28.32 10.97 -8.87
C SER C 201 28.07 11.60 -7.50
N GLU C 202 27.88 10.75 -6.49
CA GLU C 202 27.74 11.24 -5.12
C GLU C 202 29.06 11.80 -4.58
N ASP C 203 30.19 11.44 -5.18
CA ASP C 203 31.48 11.90 -4.68
C ASP C 203 31.66 13.40 -4.82
N CYS C 204 30.87 14.06 -5.66
CA CYS C 204 31.02 15.50 -5.86
C CYS C 204 31.01 16.25 -4.54
N LYS C 205 30.25 15.77 -3.56
CA LYS C 205 30.12 16.44 -2.27
C LYS C 205 29.74 17.91 -2.47
N GLU C 206 28.98 18.19 -3.52
CA GLU C 206 28.54 19.55 -3.85
C GLU C 206 27.21 19.45 -4.57
N ASN C 207 26.17 20.02 -3.98
CA ASN C 207 24.82 19.88 -4.52
C ASN C 207 24.71 20.64 -5.85
N PRO C 208 23.75 20.27 -6.69
CA PRO C 208 23.63 20.89 -8.00
C PRO C 208 22.83 22.19 -7.97
N THR C 209 23.01 22.98 -9.02
CA THR C 209 22.40 24.29 -9.12
C THR C 209 21.90 24.48 -10.56
N TYR C 210 21.60 25.72 -10.93
CA TYR C 210 21.11 26.00 -12.27
C TYR C 210 22.07 25.53 -13.36
N THR C 211 23.34 25.28 -13.02
CA THR C 211 24.32 24.90 -14.04
C THR C 211 23.95 23.58 -14.71
N VAL C 212 23.22 22.71 -14.02
CA VAL C 212 22.83 21.44 -14.62
C VAL C 212 22.05 21.68 -15.90
N ASP C 213 21.27 22.76 -15.95
CA ASP C 213 20.53 23.10 -17.16
C ASP C 213 21.43 23.73 -18.21
N ILE C 214 22.50 24.42 -17.79
CA ILE C 214 23.43 25.00 -18.76
C ILE C 214 24.19 23.91 -19.49
N PHE C 215 24.60 22.85 -18.78
CA PHE C 215 25.30 21.74 -19.41
C PHE C 215 24.45 21.09 -20.48
N SER C 216 23.25 20.63 -20.10
CA SER C 216 22.32 20.09 -21.09
C SER C 216 22.11 21.07 -22.24
N ALA C 217 22.06 22.37 -21.91
CA ALA C 217 21.90 23.39 -22.95
C ALA C 217 23.10 23.40 -23.89
N GLY C 218 24.31 23.33 -23.35
CA GLY C 218 25.49 23.26 -24.19
C GLY C 218 25.44 22.09 -25.17
N CYS C 219 25.17 20.89 -24.66
CA CYS C 219 25.04 19.74 -25.54
C CYS C 219 24.01 19.98 -26.63
N VAL C 220 22.95 20.75 -26.33
CA VAL C 220 21.94 21.05 -27.33
C VAL C 220 22.49 22.04 -28.35
N PHE C 221 23.29 23.02 -27.90
CA PHE C 221 23.91 23.96 -28.83
C PHE C 221 24.73 23.22 -29.88
N TYR C 222 25.68 22.39 -29.44
CA TYR C 222 26.50 21.64 -30.38
C TYR C 222 25.64 20.74 -31.26
N TYR C 223 24.60 20.14 -30.68
CA TYR C 223 23.69 19.30 -31.44
C TYR C 223 23.11 20.05 -32.64
N VAL C 224 22.71 21.30 -32.44
CA VAL C 224 22.11 22.09 -33.52
C VAL C 224 23.15 22.38 -34.60
N ILE C 225 24.26 23.00 -34.21
CA ILE C 225 25.26 23.43 -35.19
C ILE C 225 25.97 22.25 -35.82
N SER C 226 26.00 21.09 -35.15
CA SER C 226 26.57 19.89 -35.72
C SER C 226 25.60 19.11 -36.60
N GLU C 227 24.35 19.57 -36.72
CA GLU C 227 23.35 18.94 -37.58
C GLU C 227 23.01 17.52 -37.09
N GLY C 228 23.16 17.27 -35.79
CA GLY C 228 22.75 15.99 -35.25
C GLY C 228 23.76 15.31 -34.34
N SER C 229 25.03 15.70 -34.44
CA SER C 229 26.07 15.07 -33.64
C SER C 229 25.96 15.49 -32.17
N HIS C 230 26.87 14.98 -31.35
CA HIS C 230 26.82 15.20 -29.92
C HIS C 230 28.24 15.28 -29.39
N PRO C 231 28.54 16.21 -28.49
CA PRO C 231 29.91 16.34 -27.97
C PRO C 231 30.37 15.17 -27.11
N PHE C 232 29.51 14.17 -26.88
CA PHE C 232 29.86 13.00 -26.09
C PHE C 232 29.54 11.70 -26.81
N GLY C 233 29.59 11.73 -28.15
CA GLY C 233 29.53 10.53 -28.95
C GLY C 233 28.12 10.03 -29.24
N LYS C 234 28.06 8.77 -29.66
CA LYS C 234 26.78 8.12 -29.91
C LYS C 234 26.12 7.75 -28.58
N SER C 235 24.79 7.66 -28.61
CA SER C 235 24.02 7.56 -27.37
C SER C 235 24.49 6.40 -26.50
N LEU C 236 25.05 5.34 -27.09
CA LEU C 236 25.50 4.20 -26.31
C LEU C 236 26.42 4.63 -25.17
N GLN C 237 27.51 5.32 -25.52
CA GLN C 237 28.52 5.73 -24.54
C GLN C 237 28.37 7.18 -24.13
N ARG C 238 27.31 7.85 -24.57
CA ARG C 238 27.11 9.25 -24.23
C ARG C 238 27.22 9.48 -22.73
N GLN C 239 26.40 8.78 -21.95
CA GLN C 239 26.34 9.05 -20.51
C GLN C 239 27.62 8.64 -19.81
N ALA C 240 28.19 7.49 -20.16
CA ALA C 240 29.46 7.09 -19.55
C ALA C 240 30.58 8.04 -19.96
N ASN C 241 30.63 8.41 -21.24
CA ASN C 241 31.63 9.38 -21.69
C ASN C 241 31.52 10.68 -20.91
N ILE C 242 30.30 11.05 -20.49
CA ILE C 242 30.11 12.27 -19.70
C ILE C 242 30.85 12.16 -18.37
N LEU C 243 30.72 11.01 -17.70
CA LEU C 243 31.37 10.82 -16.41
C LEU C 243 32.89 10.82 -16.57
N LEU C 244 33.40 10.28 -17.66
CA LEU C 244 34.83 10.29 -17.90
C LEU C 244 35.31 11.63 -18.46
N GLY C 245 34.44 12.36 -19.15
CA GLY C 245 34.79 13.64 -19.71
C GLY C 245 35.26 13.60 -21.15
N ALA C 246 34.90 12.56 -21.90
CA ALA C 246 35.38 12.37 -23.26
C ALA C 246 34.52 13.17 -24.23
N CYS C 247 34.64 14.50 -24.14
CA CYS C 247 34.00 15.40 -25.10
C CYS C 247 34.92 15.60 -26.30
N SER C 248 34.31 15.74 -27.47
CA SER C 248 35.07 15.91 -28.70
C SER C 248 34.25 16.76 -29.66
N LEU C 249 34.71 17.97 -29.92
CA LEU C 249 34.07 18.88 -30.86
C LEU C 249 34.82 18.93 -32.19
N ASP C 250 35.09 17.75 -32.76
CA ASP C 250 35.82 17.69 -34.02
C ASP C 250 35.07 18.38 -35.15
N CYS C 251 33.78 18.64 -34.96
CA CYS C 251 32.93 19.24 -35.99
C CYS C 251 33.17 20.74 -36.16
N LEU C 252 34.00 21.36 -35.32
CA LEU C 252 34.35 22.77 -35.45
C LEU C 252 35.82 22.91 -35.84
N HIS C 253 36.09 23.69 -36.88
CA HIS C 253 37.45 23.93 -37.31
C HIS C 253 38.22 24.70 -36.23
N PRO C 254 39.49 24.35 -35.97
CA PRO C 254 40.28 25.12 -35.00
C PRO C 254 40.89 26.40 -35.56
N GLU C 255 40.78 26.66 -36.87
CA GLU C 255 41.31 27.88 -37.46
C GLU C 255 40.24 28.62 -38.25
N LYS C 256 38.98 28.55 -37.79
CA LYS C 256 37.87 29.27 -38.41
C LYS C 256 37.26 30.21 -37.38
N HIS C 257 37.22 31.49 -37.72
CA HIS C 257 36.67 32.52 -36.84
C HIS C 257 35.39 32.03 -36.16
N GLU C 258 34.33 31.80 -36.95
CA GLU C 258 33.05 31.41 -36.40
C GLU C 258 33.16 30.19 -35.48
N ASP C 259 34.01 29.22 -35.85
CA ASP C 259 34.13 28.01 -35.05
C ASP C 259 34.79 28.28 -33.71
N VAL C 260 35.71 29.25 -33.64
CA VAL C 260 36.39 29.54 -32.39
C VAL C 260 35.44 30.17 -31.38
N ILE C 261 34.56 31.05 -31.85
CA ILE C 261 33.57 31.64 -30.95
C ILE C 261 32.62 30.57 -30.44
N ALA C 262 32.02 29.80 -31.36
CA ALA C 262 31.21 28.65 -30.96
C ALA C 262 32.00 27.72 -30.05
N ARG C 263 33.24 27.40 -30.43
CA ARG C 263 34.05 26.47 -29.65
C ARG C 263 34.27 26.98 -28.23
N GLU C 264 34.57 28.28 -28.08
CA GLU C 264 34.87 28.81 -26.75
C GLU C 264 33.65 28.73 -25.84
N LEU C 265 32.48 29.11 -26.35
CA LEU C 265 31.28 29.13 -25.51
C LEU C 265 30.84 27.71 -25.13
N ILE C 266 30.74 26.82 -26.12
CA ILE C 266 30.23 25.47 -25.85
C ILE C 266 31.10 24.76 -24.83
N GLU C 267 32.42 24.76 -25.06
CA GLU C 267 33.32 24.07 -24.14
C GLU C 267 33.12 24.54 -22.70
N LYS C 268 32.91 25.84 -22.51
CA LYS C 268 32.64 26.36 -21.17
C LYS C 268 31.29 25.89 -20.67
N MET C 269 30.29 25.84 -21.55
CA MET C 269 28.96 25.42 -21.14
C MET C 269 28.95 24.00 -20.58
N ILE C 270 29.71 23.09 -21.21
CA ILE C 270 29.69 21.68 -20.84
C ILE C 270 30.89 21.37 -19.96
N ALA C 271 31.45 22.40 -19.35
CA ALA C 271 32.63 22.25 -18.51
C ALA C 271 32.37 21.20 -17.44
N MET C 272 33.42 20.43 -17.13
CA MET C 272 33.28 19.37 -16.13
C MET C 272 33.00 19.96 -14.75
N ASP C 273 33.70 21.04 -14.40
CA ASP C 273 33.42 21.76 -13.16
C ASP C 273 32.24 22.69 -13.39
N PRO C 274 31.18 22.62 -12.57
CA PRO C 274 29.98 23.43 -12.85
C PRO C 274 30.17 24.91 -12.58
N GLN C 275 30.96 25.27 -11.56
CA GLN C 275 31.23 26.69 -11.31
C GLN C 275 31.83 27.39 -12.52
N LYS C 276 32.48 26.64 -13.40
CA LYS C 276 33.12 27.21 -14.59
C LYS C 276 32.17 27.25 -15.79
N ARG C 277 30.88 26.91 -15.60
CA ARG C 277 29.88 27.02 -16.65
C ARG C 277 29.16 28.35 -16.53
N PRO C 278 28.96 29.07 -17.63
CA PRO C 278 28.38 30.42 -17.53
C PRO C 278 26.89 30.39 -17.23
N SER C 279 26.46 31.33 -16.41
CA SER C 279 25.04 31.51 -16.15
C SER C 279 24.30 31.76 -17.47
N ALA C 280 23.00 31.48 -17.45
CA ALA C 280 22.15 31.68 -18.63
C ALA C 280 22.24 33.12 -19.12
N LYS C 281 22.21 34.09 -18.19
CA LYS C 281 22.33 35.48 -18.58
C LYS C 281 23.64 35.76 -19.29
N HIS C 282 24.74 35.21 -18.77
CA HIS C 282 26.03 35.36 -19.44
C HIS C 282 25.97 34.82 -20.87
N VAL C 283 25.35 33.66 -21.06
CA VAL C 283 25.31 33.01 -22.37
C VAL C 283 24.74 33.93 -23.43
N LEU C 284 23.87 34.85 -23.05
CA LEU C 284 23.22 35.72 -24.02
C LEU C 284 24.13 36.87 -24.48
N LYS C 285 25.16 37.19 -23.72
CA LYS C 285 26.10 38.24 -24.08
C LYS C 285 27.33 37.71 -24.83
N HIS C 286 27.34 36.41 -25.17
CA HIS C 286 28.53 35.84 -25.80
C HIS C 286 28.62 36.24 -27.27
N PRO C 287 29.84 36.43 -27.80
CA PRO C 287 30.00 36.81 -29.21
C PRO C 287 29.29 35.85 -30.14
N PHE C 288 29.08 34.62 -29.66
CA PHE C 288 28.38 33.60 -30.44
C PHE C 288 27.06 34.11 -31.00
N PHE C 289 26.52 35.21 -30.46
CA PHE C 289 25.25 35.77 -30.92
C PHE C 289 25.39 37.14 -31.58
N TRP C 290 26.57 37.77 -31.53
CA TRP C 290 26.71 39.10 -32.09
C TRP C 290 26.59 39.10 -33.61
N SER C 291 26.10 40.21 -34.15
CA SER C 291 26.06 40.41 -35.59
C SER C 291 27.37 41.03 -36.09
N LEU C 292 27.50 41.09 -37.41
CA LEU C 292 28.74 41.60 -37.99
C LEU C 292 29.01 43.03 -37.58
N GLU C 293 27.99 43.89 -37.60
CA GLU C 293 28.16 45.25 -37.09
C GLU C 293 28.58 45.22 -35.63
N LYS C 294 27.92 44.37 -34.83
CA LYS C 294 28.26 44.31 -33.41
C LYS C 294 29.67 43.79 -33.18
N GLN C 295 30.15 42.88 -34.02
CA GLN C 295 31.53 42.45 -33.92
C GLN C 295 32.48 43.60 -34.19
N LEU C 296 32.27 44.29 -35.32
CA LEU C 296 33.06 45.49 -35.61
C LEU C 296 32.90 46.51 -34.48
N GLN C 297 31.68 46.69 -33.97
CA GLN C 297 31.47 47.66 -32.91
C GLN C 297 32.25 47.31 -31.67
N PHE C 298 32.32 46.02 -31.32
CA PHE C 298 33.28 45.60 -30.30
C PHE C 298 34.66 46.16 -30.64
N PHE C 299 35.23 45.68 -31.74
CA PHE C 299 36.57 46.08 -32.14
C PHE C 299 36.79 47.59 -32.11
N GLN C 300 35.75 48.37 -32.43
CA GLN C 300 35.92 49.83 -32.46
C GLN C 300 35.99 50.40 -31.05
N ASP C 301 35.05 50.02 -30.18
CA ASP C 301 35.09 50.51 -28.81
C ASP C 301 36.31 49.98 -28.07
N VAL C 302 36.64 48.70 -28.27
CA VAL C 302 37.85 48.10 -27.70
C VAL C 302 39.05 48.98 -28.02
N SER C 303 39.25 49.23 -29.32
CA SER C 303 40.34 50.09 -29.75
C SER C 303 40.21 51.48 -29.14
N ASP C 304 39.02 52.10 -29.29
CA ASP C 304 38.80 53.44 -28.77
C ASP C 304 39.01 53.52 -27.27
N ARG C 305 38.97 52.39 -26.56
CA ARG C 305 39.16 52.37 -25.12
C ARG C 305 40.61 52.26 -24.71
N ILE C 306 41.48 51.75 -25.59
CA ILE C 306 42.85 51.41 -25.23
C ILE C 306 43.86 52.33 -25.92
N GLU C 307 43.42 53.46 -26.48
CA GLU C 307 44.36 54.33 -27.16
C GLU C 307 45.27 55.06 -26.18
N LYS C 308 44.78 55.40 -25.00
CA LYS C 308 45.64 55.98 -23.97
C LYS C 308 45.89 54.99 -22.83
N GLU C 309 46.35 53.79 -23.15
CA GLU C 309 46.62 52.76 -22.16
C GLU C 309 48.12 52.48 -22.14
N SER C 310 48.77 52.81 -21.02
CA SER C 310 50.20 52.61 -20.90
C SER C 310 50.57 51.16 -21.15
N LEU C 311 51.67 50.95 -21.88
CA LEU C 311 52.18 49.60 -22.09
C LEU C 311 52.37 48.86 -20.76
N ASP C 312 52.66 49.60 -19.69
CA ASP C 312 52.80 49.03 -18.36
C ASP C 312 51.48 48.94 -17.62
N GLY C 313 50.36 49.07 -18.31
CA GLY C 313 49.06 48.94 -17.71
C GLY C 313 48.57 47.50 -17.71
N PRO C 314 47.60 47.20 -16.85
CA PRO C 314 47.06 45.83 -16.80
C PRO C 314 46.28 45.46 -18.05
N ILE C 315 45.63 46.42 -18.69
CA ILE C 315 44.83 46.12 -19.87
C ILE C 315 45.72 45.71 -21.03
N VAL C 316 46.61 46.61 -21.46
CA VAL C 316 47.48 46.31 -22.61
C VAL C 316 48.29 45.05 -22.37
N LYS C 317 48.79 44.88 -21.14
CA LYS C 317 49.52 43.66 -20.81
C LYS C 317 48.65 42.43 -21.06
N GLN C 318 47.35 42.52 -20.75
CA GLN C 318 46.47 41.37 -20.93
C GLN C 318 46.10 41.15 -22.39
N LEU C 319 45.89 42.23 -23.15
CA LEU C 319 45.60 42.10 -24.57
C LEU C 319 46.76 41.52 -25.35
N GLU C 320 47.98 41.59 -24.82
CA GLU C 320 49.18 41.16 -25.52
C GLU C 320 49.72 39.83 -25.02
N ARG C 321 49.05 39.19 -24.07
CA ARG C 321 49.47 37.87 -23.59
C ARG C 321 49.09 36.84 -24.65
N GLY C 322 50.09 36.34 -25.39
CA GLY C 322 49.76 35.42 -26.45
C GLY C 322 49.31 36.10 -27.72
N GLY C 323 49.43 37.43 -27.78
CA GLY C 323 49.13 38.17 -28.98
C GLY C 323 49.97 37.78 -30.18
N ARG C 324 51.19 37.28 -29.95
CA ARG C 324 52.04 36.81 -31.04
C ARG C 324 51.50 35.56 -31.71
N ALA C 325 50.38 35.02 -31.23
CA ALA C 325 49.74 33.87 -31.86
C ALA C 325 48.49 34.23 -32.64
N VAL C 326 47.75 35.26 -32.21
CA VAL C 326 46.53 35.65 -32.88
C VAL C 326 46.83 36.47 -34.14
N VAL C 327 47.80 37.37 -34.06
CA VAL C 327 48.24 38.15 -35.21
C VAL C 327 49.40 37.47 -35.94
N LYS C 328 49.60 36.18 -35.67
CA LYS C 328 50.83 35.50 -36.14
C LYS C 328 52.01 36.26 -35.50
N MET C 329 53.21 36.21 -36.10
CA MET C 329 54.33 37.00 -35.56
C MET C 329 54.23 38.45 -36.02
N ASP C 330 53.74 38.68 -37.24
CA ASP C 330 53.58 40.02 -37.80
C ASP C 330 52.31 40.03 -38.65
N TRP C 331 51.29 40.75 -38.19
CA TRP C 331 50.07 40.89 -38.98
C TRP C 331 50.24 41.85 -40.15
N ARG C 332 51.33 42.62 -40.20
CA ARG C 332 51.64 43.40 -41.39
C ARG C 332 51.91 42.50 -42.58
N GLU C 333 52.48 41.32 -42.34
CA GLU C 333 52.82 40.39 -43.40
C GLU C 333 51.64 39.55 -43.86
N ASN C 334 50.59 39.45 -43.04
CA ASN C 334 49.49 38.54 -43.31
C ASN C 334 48.22 39.26 -43.76
N ILE C 335 48.31 40.52 -44.13
CA ILE C 335 47.21 41.21 -44.79
C ILE C 335 47.55 41.33 -46.26
N THR C 336 46.53 41.59 -47.09
CA THR C 336 46.76 41.69 -48.52
C THR C 336 47.79 42.77 -48.85
N VAL C 337 48.55 42.56 -49.93
CA VAL C 337 49.54 43.54 -50.35
C VAL C 337 48.92 44.91 -50.57
N PRO C 338 47.74 45.03 -51.18
CA PRO C 338 47.13 46.37 -51.32
C PRO C 338 46.96 47.11 -50.00
N LEU C 339 46.83 46.39 -48.89
CA LEU C 339 46.68 47.03 -47.59
C LEU C 339 48.02 47.33 -46.93
N GLN C 340 49.03 46.49 -47.14
CA GLN C 340 50.36 46.78 -46.60
C GLN C 340 50.93 48.05 -47.22
N THR C 341 50.72 48.24 -48.53
CA THR C 341 51.25 49.42 -49.20
C THR C 341 50.69 50.70 -48.58
N ASP C 342 49.43 50.67 -48.16
CA ASP C 342 48.79 51.81 -47.51
C ASP C 342 49.15 51.95 -46.04
N LEU C 343 49.90 51.01 -45.48
CA LEU C 343 50.27 51.05 -44.08
C LEU C 343 51.77 51.20 -43.84
N ARG C 344 52.60 50.99 -44.86
CA ARG C 344 54.04 51.17 -44.70
C ARG C 344 54.42 52.63 -44.48
N LYS C 345 53.56 53.57 -44.89
CA LYS C 345 53.83 54.98 -44.61
C LYS C 345 53.76 55.28 -43.11
N PHE C 346 52.91 54.58 -42.37
CA PHE C 346 52.77 54.76 -40.93
C PHE C 346 53.62 53.68 -40.25
N ARG C 347 54.89 53.99 -40.01
CA ARG C 347 55.80 53.07 -39.33
C ARG C 347 55.40 52.93 -37.88
N THR C 348 54.32 53.62 -37.50
CA THR C 348 53.90 53.64 -36.11
C THR C 348 53.16 52.38 -35.70
N TYR C 349 52.87 51.46 -36.64
CA TYR C 349 52.19 50.21 -36.31
C TYR C 349 53.22 49.11 -36.10
N LYS C 350 53.15 48.46 -34.95
CA LYS C 350 54.00 47.30 -34.66
C LYS C 350 53.26 46.04 -35.12
N GLY C 351 53.78 45.40 -36.16
CA GLY C 351 53.14 44.23 -36.74
C GLY C 351 52.97 43.07 -35.79
N GLY C 352 53.66 43.08 -34.65
CA GLY C 352 53.50 42.07 -33.63
C GLY C 352 52.57 42.45 -32.50
N SER C 353 51.93 43.61 -32.58
CA SER C 353 51.02 44.09 -31.55
C SER C 353 49.57 43.83 -31.95
N VAL C 354 48.78 43.34 -30.99
CA VAL C 354 47.35 43.14 -31.24
C VAL C 354 46.59 44.45 -31.11
N ARG C 355 46.91 45.22 -30.05
CA ARG C 355 46.35 46.57 -29.92
C ARG C 355 46.55 47.37 -31.20
N ASP C 356 47.72 47.22 -31.82
CA ASP C 356 47.99 47.93 -33.06
C ASP C 356 47.21 47.37 -34.23
N LEU C 357 46.78 46.10 -34.16
CA LEU C 357 45.90 45.57 -35.20
C LEU C 357 44.48 46.13 -35.04
N LEU C 358 43.97 46.11 -33.80
CA LEU C 358 42.71 46.79 -33.52
C LEU C 358 42.80 48.27 -33.87
N ARG C 359 43.86 48.93 -33.38
CA ARG C 359 44.11 50.33 -33.73
C ARG C 359 44.11 50.53 -35.24
N ALA C 360 44.75 49.62 -35.97
CA ALA C 360 44.82 49.75 -37.42
C ALA C 360 43.47 49.55 -38.08
N MET C 361 42.65 48.65 -37.54
CA MET C 361 41.33 48.39 -38.12
C MET C 361 40.40 49.56 -37.90
N ARG C 362 40.45 50.18 -36.72
CA ARG C 362 39.62 51.35 -36.45
C ARG C 362 39.92 52.48 -37.43
N ASN C 363 41.21 52.85 -37.55
CA ASN C 363 41.57 54.00 -38.38
C ASN C 363 41.19 53.78 -39.85
N LYS C 364 41.42 52.58 -40.38
CA LYS C 364 41.08 52.32 -41.76
C LYS C 364 39.57 52.25 -42.00
N LYS C 365 38.77 52.33 -40.94
CA LYS C 365 37.32 52.44 -41.08
C LYS C 365 36.87 53.90 -41.05
N HIS C 366 37.28 54.63 -40.01
CA HIS C 366 36.94 56.04 -39.89
C HIS C 366 37.20 56.79 -41.20
N HIS C 367 38.39 56.61 -41.77
CA HIS C 367 38.79 57.33 -42.98
C HIS C 367 38.53 56.53 -44.25
N TYR C 368 37.73 55.46 -44.17
CA TYR C 368 37.44 54.57 -45.28
C TYR C 368 37.25 55.33 -46.60
N ARG C 369 36.55 56.46 -46.56
CA ARG C 369 36.31 57.25 -47.77
C ARG C 369 37.58 57.91 -48.30
N GLU C 370 38.57 58.14 -47.45
CA GLU C 370 39.81 58.77 -47.87
C GLU C 370 40.82 57.77 -48.42
N LEU C 371 40.56 56.45 -48.32
CA LEU C 371 41.49 55.46 -48.83
C LEU C 371 41.45 55.40 -50.35
N PRO C 372 42.56 55.08 -51.00
CA PRO C 372 42.54 54.91 -52.46
C PRO C 372 41.56 53.83 -52.89
N ALA C 373 41.20 53.87 -54.17
CA ALA C 373 40.22 52.91 -54.69
C ALA C 373 40.73 51.48 -54.55
N GLU C 374 42.05 51.29 -54.49
CA GLU C 374 42.60 49.93 -54.43
C GLU C 374 42.40 49.32 -53.05
N VAL C 375 42.70 50.07 -51.99
CA VAL C 375 42.60 49.52 -50.64
C VAL C 375 41.14 49.33 -50.24
N ARG C 376 40.29 50.28 -50.61
CA ARG C 376 38.85 50.11 -50.39
C ARG C 376 38.31 48.88 -51.10
N GLU C 377 38.97 48.45 -52.19
CA GLU C 377 38.51 47.29 -52.94
C GLU C 377 38.84 45.99 -52.19
N THR C 378 40.09 45.86 -51.73
CA THR C 378 40.49 44.65 -51.02
C THR C 378 39.84 44.54 -49.65
N LEU C 379 39.50 45.68 -49.03
CA LEU C 379 38.86 45.65 -47.73
C LEU C 379 37.39 45.27 -47.84
N GLY C 380 36.70 45.75 -48.86
CA GLY C 380 35.29 45.47 -49.05
C GLY C 380 34.39 46.52 -48.41
N SER C 381 33.12 46.46 -48.80
CA SER C 381 32.13 47.39 -48.25
C SER C 381 31.78 47.01 -46.82
N LEU C 382 31.77 47.99 -45.94
CA LEU C 382 31.55 47.71 -44.53
C LEU C 382 30.13 48.05 -44.12
N PRO C 383 29.69 47.60 -42.93
CA PRO C 383 30.46 46.91 -41.88
C PRO C 383 30.74 45.42 -42.14
N ASP C 384 30.02 44.76 -43.04
CA ASP C 384 30.09 43.31 -43.12
C ASP C 384 31.39 42.82 -43.76
N ASP C 385 31.51 42.98 -45.08
CA ASP C 385 32.74 42.53 -45.76
C ASP C 385 33.98 43.03 -45.03
N PHE C 386 33.95 44.29 -44.59
CA PHE C 386 35.11 44.90 -43.95
C PHE C 386 35.52 44.13 -42.70
N VAL C 387 34.56 43.72 -41.88
CA VAL C 387 34.89 42.98 -40.66
C VAL C 387 35.25 41.53 -40.95
N CYS C 388 34.77 40.96 -42.06
CA CYS C 388 35.13 39.60 -42.42
C CYS C 388 36.57 39.53 -42.91
N TYR C 389 37.01 40.56 -43.64
CA TYR C 389 38.41 40.65 -44.06
C TYR C 389 39.34 40.24 -42.94
N PHE C 390 39.17 40.85 -41.76
CA PHE C 390 40.11 40.66 -40.67
C PHE C 390 39.81 39.47 -39.79
N THR C 391 38.53 39.11 -39.63
CA THR C 391 38.19 37.99 -38.75
C THR C 391 38.50 36.65 -39.40
N SER C 392 38.36 36.54 -40.71
CA SER C 392 38.76 35.31 -41.40
C SER C 392 40.27 35.16 -41.41
N ARG C 393 41.01 36.26 -41.49
CA ARG C 393 42.47 36.19 -41.52
C ARG C 393 43.06 35.88 -40.15
N PHE C 394 42.53 36.51 -39.10
CA PHE C 394 42.97 36.23 -37.73
C PHE C 394 41.85 35.59 -36.93
N PRO C 395 41.47 34.34 -37.24
CA PRO C 395 40.31 33.72 -36.58
C PRO C 395 40.32 33.74 -35.06
N HIS C 396 41.50 33.88 -34.45
CA HIS C 396 41.60 33.93 -33.00
C HIS C 396 41.54 35.35 -32.45
N LEU C 397 41.51 36.36 -33.33
CA LEU C 397 41.57 37.74 -32.88
C LEU C 397 40.41 38.07 -31.94
N LEU C 398 39.17 37.79 -32.37
CA LEU C 398 38.01 38.17 -31.57
C LEU C 398 37.95 37.39 -30.28
N ALA C 399 37.97 36.06 -30.36
CA ALA C 399 37.88 35.24 -29.15
C ALA C 399 38.93 35.65 -28.12
N HIS C 400 40.07 36.15 -28.58
CA HIS C 400 41.11 36.59 -27.64
C HIS C 400 40.75 37.94 -27.02
N THR C 401 40.61 38.98 -27.84
CA THR C 401 40.37 40.32 -27.30
C THR C 401 39.15 40.35 -26.39
N TYR C 402 38.19 39.44 -26.61
CA TYR C 402 36.96 39.47 -25.83
C TYR C 402 37.16 38.90 -24.43
N ARG C 403 37.80 37.74 -24.32
CA ARG C 403 38.04 37.19 -23.00
C ARG C 403 39.12 37.95 -22.25
N ALA C 404 40.06 38.54 -22.97
CA ALA C 404 41.10 39.34 -22.32
C ALA C 404 40.56 40.68 -21.83
N MET C 405 39.49 41.17 -22.44
CA MET C 405 38.92 42.47 -22.08
C MET C 405 37.81 42.36 -21.06
N GLU C 406 37.69 41.22 -20.36
CA GLU C 406 36.77 41.14 -19.25
C GLU C 406 37.21 42.01 -18.08
N LEU C 407 38.46 42.48 -18.10
CA LEU C 407 38.99 43.36 -17.05
C LEU C 407 38.21 44.67 -17.04
N CYS C 408 37.43 44.91 -18.09
CA CYS C 408 36.71 46.16 -18.26
C CYS C 408 35.22 45.91 -18.50
N SER C 409 34.67 44.88 -17.85
CA SER C 409 33.26 44.60 -17.99
C SER C 409 32.39 45.40 -17.04
N HIS C 410 32.98 46.03 -16.02
CA HIS C 410 32.20 46.91 -15.14
C HIS C 410 31.84 48.22 -15.85
N GLU C 411 32.65 48.62 -16.83
CA GLU C 411 32.42 49.86 -17.54
C GLU C 411 31.11 49.75 -18.34
N ARG C 412 30.23 50.75 -18.16
CA ARG C 412 28.97 50.74 -18.87
C ARG C 412 29.15 50.92 -20.38
N LEU C 413 30.32 51.40 -20.82
CA LEU C 413 30.62 51.41 -22.24
C LEU C 413 30.68 49.99 -22.80
N PHE C 414 31.17 49.04 -22.00
CA PHE C 414 31.40 47.67 -22.42
C PHE C 414 30.32 46.71 -21.94
N GLN C 415 29.27 47.22 -21.29
CA GLN C 415 28.23 46.35 -20.74
C GLN C 415 27.29 45.82 -21.82
N PRO C 416 27.15 46.48 -22.97
CA PRO C 416 26.41 45.87 -24.09
C PRO C 416 27.04 44.59 -24.61
N TYR C 417 28.24 44.23 -24.16
CA TYR C 417 28.92 43.03 -24.63
C TYR C 417 29.13 41.99 -23.55
N TYR C 418 29.42 42.42 -22.33
CA TYR C 418 29.57 41.52 -21.19
C TYR C 418 28.30 41.56 -20.35
N PHE C 419 28.31 40.81 -19.25
CA PHE C 419 27.19 40.80 -18.30
C PHE C 419 27.77 40.96 -16.89
N HIS C 420 27.69 42.18 -16.36
CA HIS C 420 28.19 42.47 -15.02
C HIS C 420 27.04 42.65 -14.06
N GLU C 421 27.28 42.32 -12.80
CA GLU C 421 26.25 42.39 -11.77
C GLU C 421 26.81 42.98 -10.47
N SER D 19 12.27 -14.40 52.45
CA SER D 19 11.72 -14.99 51.23
C SER D 19 12.66 -14.79 50.05
N VAL D 20 13.34 -15.87 49.64
CA VAL D 20 14.25 -15.84 48.51
C VAL D 20 13.58 -16.49 47.31
N VAL D 21 13.86 -15.96 46.13
CA VAL D 21 13.30 -16.45 44.88
C VAL D 21 14.30 -17.39 44.24
N ILE D 22 13.79 -18.39 43.53
CA ILE D 22 14.62 -19.32 42.76
C ILE D 22 13.96 -19.53 41.40
N VAL D 23 14.72 -19.28 40.34
CA VAL D 23 14.27 -19.50 38.97
C VAL D 23 15.39 -20.28 38.28
N GLY D 24 15.39 -21.59 38.45
CA GLY D 24 16.47 -22.39 37.94
C GLY D 24 17.80 -22.01 38.57
N LYS D 25 18.71 -21.45 37.78
CA LYS D 25 20.05 -21.14 38.24
C LYS D 25 20.21 -19.70 38.71
N ILE D 26 19.15 -18.89 38.63
CA ILE D 26 19.15 -17.54 39.19
C ILE D 26 18.42 -17.56 40.51
N SER D 27 19.00 -16.89 41.52
CA SER D 27 18.37 -16.76 42.82
C SER D 27 18.66 -15.36 43.34
N PHE D 28 17.64 -14.69 43.86
CA PHE D 28 17.81 -13.36 44.41
C PHE D 28 16.84 -13.15 45.55
N CYS D 29 17.16 -12.18 46.40
CA CYS D 29 16.29 -11.78 47.49
C CYS D 29 15.58 -10.50 47.12
N PRO D 30 14.25 -10.49 47.01
CA PRO D 30 13.57 -9.25 46.58
C PRO D 30 13.95 -8.03 47.41
N LYS D 31 14.18 -8.21 48.70
CA LYS D 31 14.51 -7.07 49.56
C LYS D 31 15.74 -6.34 49.03
N ASP D 32 16.71 -7.07 48.50
CA ASP D 32 17.92 -6.47 47.93
C ASP D 32 17.61 -5.96 46.53
N VAL D 33 17.26 -4.68 46.44
CA VAL D 33 16.97 -4.03 45.16
C VAL D 33 18.11 -3.07 44.85
N LEU D 34 18.77 -3.27 43.70
CA LEU D 34 19.86 -2.40 43.30
C LEU D 34 19.36 -1.12 42.65
N GLY D 35 18.46 -1.25 41.68
CA GLY D 35 17.94 -0.08 41.02
C GLY D 35 16.64 -0.34 40.31
N HIS D 36 16.25 0.62 39.46
CA HIS D 36 15.07 0.53 38.62
C HIS D 36 15.46 0.80 37.18
N GLY D 37 15.04 -0.07 36.28
CA GLY D 37 15.21 0.15 34.86
C GLY D 37 14.00 0.86 34.27
N ALA D 38 14.03 1.00 32.95
CA ALA D 38 12.88 1.52 32.22
C ALA D 38 11.93 0.38 31.87
N GLU D 39 10.69 0.74 31.55
CA GLU D 39 9.69 -0.22 31.14
C GLU D 39 9.46 -1.29 32.22
N GLY D 40 9.30 -0.82 33.46
CA GLY D 40 8.95 -1.65 34.59
C GLY D 40 9.99 -2.67 35.02
N THR D 41 11.24 -2.54 34.57
CA THR D 41 12.27 -3.49 34.92
C THR D 41 12.86 -3.17 36.30
N ILE D 42 12.99 -4.19 37.13
CA ILE D 42 13.59 -4.06 38.45
C ILE D 42 14.86 -4.92 38.48
N VAL D 43 15.97 -4.32 38.87
CA VAL D 43 17.25 -5.01 38.98
C VAL D 43 17.50 -5.32 40.45
N TYR D 44 17.60 -6.60 40.77
CA TYR D 44 17.91 -7.06 42.12
C TYR D 44 19.36 -7.52 42.19
N ARG D 45 19.81 -7.76 43.41
CA ARG D 45 21.11 -8.39 43.64
C ARG D 45 20.86 -9.88 43.92
N GLY D 46 21.45 -10.74 43.10
CA GLY D 46 21.24 -12.15 43.25
C GLY D 46 22.47 -13.00 43.00
N MET D 47 22.24 -14.30 42.81
CA MET D 47 23.29 -15.28 42.62
C MET D 47 23.06 -15.99 41.30
N PHE D 48 24.14 -16.54 40.74
CA PHE D 48 24.03 -17.43 39.59
C PHE D 48 25.23 -18.36 39.61
N ASP D 49 24.99 -19.64 39.89
CA ASP D 49 26.06 -20.62 40.02
C ASP D 49 27.16 -20.10 40.93
N ASN D 50 26.75 -19.60 42.10
CA ASN D 50 27.67 -19.10 43.12
C ASN D 50 28.49 -17.91 42.65
N ARG D 51 28.08 -17.27 41.56
CA ARG D 51 28.67 -16.02 41.11
C ARG D 51 27.82 -14.86 41.60
N ASP D 52 28.48 -13.78 42.03
CA ASP D 52 27.77 -12.56 42.37
C ASP D 52 27.24 -11.91 41.10
N VAL D 53 25.92 -11.81 40.98
CA VAL D 53 25.29 -11.27 39.78
C VAL D 53 24.23 -10.24 40.18
N ALA D 54 23.70 -9.58 39.16
CA ALA D 54 22.60 -8.63 39.31
C ALA D 54 21.49 -9.05 38.34
N VAL D 55 20.38 -9.53 38.87
CA VAL D 55 19.30 -10.08 38.04
C VAL D 55 18.32 -8.98 37.69
N LYS D 56 17.97 -8.87 36.41
CA LYS D 56 16.94 -7.95 35.93
C LYS D 56 15.64 -8.71 35.73
N ARG D 57 14.56 -8.17 36.29
CA ARG D 57 13.23 -8.75 36.12
C ARG D 57 12.53 -7.99 34.99
N ILE D 58 12.42 -8.64 33.83
CA ILE D 58 11.82 -8.05 32.64
C ILE D 58 10.36 -8.45 32.57
N LEU D 59 9.49 -7.53 32.12
CA LEU D 59 8.06 -7.78 32.01
C LEU D 59 7.72 -8.50 30.72
N PRO D 60 6.63 -9.27 30.70
CA PRO D 60 6.23 -9.93 29.45
C PRO D 60 6.02 -8.98 28.29
N GLU D 61 5.68 -7.72 28.57
CA GLU D 61 5.54 -6.74 27.50
C GLU D 61 6.88 -6.38 26.87
N CYS D 62 7.99 -6.69 27.54
CA CYS D 62 9.32 -6.32 27.08
C CYS D 62 10.16 -7.48 26.56
N PHE D 63 9.69 -8.72 26.72
CA PHE D 63 10.50 -9.90 26.39
C PHE D 63 11.24 -9.76 25.06
N SER D 64 10.51 -9.40 24.00
CA SER D 64 11.14 -9.29 22.68
C SER D 64 12.41 -8.46 22.72
N PHE D 65 12.37 -7.34 23.47
CA PHE D 65 13.59 -6.56 23.67
C PHE D 65 14.63 -7.35 24.47
N ALA D 66 14.18 -8.03 25.54
CA ALA D 66 15.08 -8.79 26.39
C ALA D 66 15.92 -9.78 25.59
N ASP D 67 15.46 -10.22 24.43
CA ASP D 67 16.14 -11.29 23.71
C ASP D 67 17.16 -10.78 22.71
N ARG D 68 16.85 -9.71 21.97
CA ARG D 68 17.88 -9.06 21.16
C ARG D 68 19.05 -8.62 22.03
N GLU D 69 18.75 -8.05 23.19
CA GLU D 69 19.80 -7.60 24.11
C GLU D 69 20.70 -8.76 24.52
N VAL D 70 20.10 -9.88 24.95
CA VAL D 70 20.88 -11.07 25.28
C VAL D 70 21.73 -11.52 24.10
N GLN D 71 21.12 -11.67 22.93
CA GLN D 71 21.86 -12.07 21.74
C GLN D 71 23.04 -11.14 21.49
N LEU D 72 22.78 -9.83 21.56
CA LEU D 72 23.87 -8.87 21.37
C LEU D 72 24.92 -9.01 22.48
N LEU D 73 24.47 -9.26 23.71
CA LEU D 73 25.42 -9.42 24.81
C LEU D 73 26.30 -10.64 24.60
N ARG D 74 25.73 -11.73 24.09
CA ARG D 74 26.54 -12.92 23.82
C ARG D 74 27.59 -12.63 22.76
N GLU D 75 27.24 -11.86 21.74
CA GLU D 75 28.10 -11.68 20.58
C GLU D 75 29.21 -10.65 20.81
N SER D 76 29.29 -10.01 21.97
CA SER D 76 30.30 -8.98 22.18
C SER D 76 30.90 -8.94 23.59
N ASP D 77 30.41 -9.72 24.55
CA ASP D 77 30.87 -9.57 25.93
C ASP D 77 32.20 -10.25 26.20
N GLU D 78 32.79 -10.90 25.20
CA GLU D 78 34.17 -11.39 25.36
C GLU D 78 35.11 -10.25 25.74
N HIS D 79 34.85 -9.05 25.23
CA HIS D 79 35.66 -7.89 25.53
C HIS D 79 35.68 -7.65 27.04
N PRO D 80 36.79 -7.12 27.56
CA PRO D 80 36.85 -6.81 29.00
C PRO D 80 36.03 -5.59 29.38
N ASN D 81 35.83 -4.65 28.46
CA ASN D 81 35.07 -3.44 28.74
C ASN D 81 33.65 -3.50 28.19
N VAL D 82 33.12 -4.71 28.00
CA VAL D 82 31.69 -4.94 27.83
C VAL D 82 31.23 -5.76 29.03
N ILE D 83 30.07 -5.40 29.59
CA ILE D 83 29.59 -6.11 30.77
C ILE D 83 29.41 -7.59 30.44
N ARG D 84 29.91 -8.44 31.32
CA ARG D 84 29.78 -9.88 31.13
C ARG D 84 28.33 -10.31 31.33
N TYR D 85 27.80 -11.07 30.37
CA TYR D 85 26.46 -11.64 30.46
C TYR D 85 26.57 -13.13 30.77
N PHE D 86 25.77 -13.59 31.73
CA PHE D 86 25.86 -14.97 32.17
C PHE D 86 24.71 -15.81 31.61
N CYS D 87 23.53 -15.70 32.21
CA CYS D 87 22.40 -16.56 31.86
C CYS D 87 21.12 -15.73 31.80
N THR D 88 20.05 -16.36 31.32
CA THR D 88 18.71 -15.77 31.33
C THR D 88 17.69 -16.89 31.56
N GLU D 89 16.96 -16.80 32.67
CA GLU D 89 15.98 -17.80 33.04
C GLU D 89 14.57 -17.21 32.94
N LYS D 90 13.60 -18.07 32.67
CA LYS D 90 12.22 -17.64 32.50
C LYS D 90 11.34 -18.19 33.60
N ASP D 91 10.28 -17.46 33.88
CA ASP D 91 9.25 -17.78 34.87
C ASP D 91 7.91 -17.88 34.16
N ARG D 92 6.87 -18.26 34.90
CA ARG D 92 5.53 -18.21 34.31
C ARG D 92 5.04 -16.79 34.12
N GLN D 93 5.70 -15.82 34.77
CA GLN D 93 5.35 -14.42 34.61
C GLN D 93 6.50 -13.53 34.17
N PHE D 94 7.75 -13.95 34.35
CA PHE D 94 8.88 -13.05 34.23
C PHE D 94 10.05 -13.70 33.51
N GLN D 95 10.75 -12.90 32.71
CA GLN D 95 12.04 -13.28 32.13
C GLN D 95 13.14 -12.62 32.95
N TYR D 96 14.20 -13.38 33.24
CA TYR D 96 15.27 -12.92 34.11
C TYR D 96 16.59 -12.92 33.37
N ILE D 97 17.38 -11.87 33.60
CA ILE D 97 18.70 -11.72 32.98
C ILE D 97 19.73 -11.59 34.09
N ALA D 98 20.58 -12.60 34.22
CA ALA D 98 21.71 -12.55 35.14
C ALA D 98 22.90 -11.90 34.45
N ILE D 99 23.60 -11.03 35.20
CA ILE D 99 24.62 -10.16 34.61
C ILE D 99 25.64 -9.82 35.68
N GLU D 100 26.86 -9.47 35.25
CA GLU D 100 27.97 -9.25 36.16
C GLU D 100 27.63 -8.15 37.17
N LEU D 101 27.91 -8.41 38.44
CA LEU D 101 27.61 -7.46 39.51
C LEU D 101 28.74 -6.46 39.64
N CYS D 102 28.42 -5.18 39.42
CA CYS D 102 29.41 -4.11 39.44
C CYS D 102 29.39 -3.37 40.77
N ALA D 103 30.34 -2.45 40.93
CA ALA D 103 30.52 -1.75 42.19
C ALA D 103 29.94 -0.35 42.22
N ALA D 104 29.77 0.29 41.07
CA ALA D 104 29.23 1.64 41.01
C ALA D 104 29.12 2.07 39.56
N THR D 105 28.42 3.17 39.34
CA THR D 105 28.23 3.76 38.02
C THR D 105 29.24 4.87 37.80
N LEU D 106 29.53 5.14 36.52
CA LEU D 106 30.47 6.22 36.20
C LEU D 106 29.95 7.57 36.66
N GLN D 107 28.63 7.73 36.73
CA GLN D 107 28.07 8.98 37.25
C GLN D 107 28.47 9.16 38.71
N GLU D 108 28.16 8.17 39.56
CA GLU D 108 28.56 8.24 40.96
C GLU D 108 30.07 8.42 41.08
N TYR D 109 30.84 7.93 40.12
CA TYR D 109 32.28 8.06 40.14
C TYR D 109 32.71 9.52 39.99
N VAL D 110 32.26 10.17 38.92
CA VAL D 110 32.62 11.56 38.66
C VAL D 110 32.00 12.52 39.66
N GLU D 111 31.06 12.05 40.49
CA GLU D 111 30.35 12.92 41.43
C GLU D 111 30.85 12.82 42.86
N GLN D 112 31.56 11.74 43.21
CA GLN D 112 31.95 11.50 44.60
C GLN D 112 33.28 10.76 44.63
N LYS D 113 34.34 11.44 44.18
CA LYS D 113 35.69 10.89 44.23
C LYS D 113 36.67 12.04 44.07
N ASP D 114 37.59 12.16 45.02
CA ASP D 114 38.63 13.19 44.95
C ASP D 114 39.62 12.83 43.84
N PHE D 115 39.55 13.55 42.71
CA PHE D 115 40.43 13.26 41.59
C PHE D 115 41.91 13.50 41.93
N ALA D 116 42.18 14.29 42.97
CA ALA D 116 43.57 14.50 43.38
C ALA D 116 44.25 13.18 43.75
N HIS D 117 43.50 12.24 44.33
CA HIS D 117 44.04 10.96 44.76
C HIS D 117 43.69 9.82 43.81
N LEU D 118 43.19 10.14 42.62
CA LEU D 118 42.86 9.14 41.61
C LEU D 118 43.89 9.07 40.48
N GLY D 119 44.76 10.05 40.37
CA GLY D 119 45.70 10.05 39.27
C GLY D 119 44.97 10.11 37.93
N LEU D 120 45.61 9.53 36.91
CA LEU D 120 45.05 9.48 35.57
C LEU D 120 44.08 8.32 35.38
N GLU D 121 43.56 7.76 36.47
CA GLU D 121 42.52 6.72 36.35
C GLU D 121 41.34 7.16 35.49
N PRO D 122 40.76 8.35 35.70
CA PRO D 122 39.64 8.77 34.83
C PRO D 122 39.99 8.81 33.35
N ILE D 123 41.24 9.09 32.99
CA ILE D 123 41.61 9.07 31.59
C ILE D 123 41.66 7.65 31.06
N THR D 124 42.00 6.69 31.92
CA THR D 124 42.01 5.29 31.51
C THR D 124 40.60 4.74 31.33
N LEU D 125 39.67 5.14 32.21
CA LEU D 125 38.27 4.73 32.09
C LEU D 125 37.58 5.33 30.87
N LEU D 126 38.28 6.13 30.07
CA LEU D 126 37.73 6.69 28.85
C LEU D 126 38.14 5.91 27.61
N GLN D 127 39.43 5.55 27.50
CA GLN D 127 39.84 4.65 26.44
C GLN D 127 39.21 3.27 26.60
N GLN D 128 39.16 2.78 27.84
CA GLN D 128 38.41 1.56 28.15
C GLN D 128 37.03 1.60 27.50
N THR D 129 36.27 2.67 27.78
CA THR D 129 34.95 2.82 27.18
C THR D 129 35.04 2.94 25.67
N THR D 130 36.08 3.59 25.16
CA THR D 130 36.27 3.66 23.72
C THR D 130 36.64 2.30 23.14
N SER D 131 37.43 1.52 23.88
CA SER D 131 37.76 0.16 23.44
C SER D 131 36.49 -0.64 23.20
N GLY D 132 35.63 -0.73 24.21
CA GLY D 132 34.35 -1.39 24.06
C GLY D 132 33.59 -0.95 22.82
N LEU D 133 33.24 0.34 22.76
CA LEU D 133 32.55 0.89 21.59
C LEU D 133 33.21 0.46 20.29
N ALA D 134 34.50 0.74 20.14
CA ALA D 134 35.22 0.33 18.94
C ALA D 134 35.08 -1.16 18.68
N HIS D 135 35.03 -1.96 19.73
CA HIS D 135 34.78 -3.40 19.58
C HIS D 135 33.35 -3.65 19.15
N LEU D 136 32.40 -2.91 19.74
CA LEU D 136 30.99 -3.05 19.35
C LEU D 136 30.80 -2.66 17.90
N HIS D 137 31.16 -1.42 17.55
CA HIS D 137 31.11 -1.01 16.15
C HIS D 137 31.73 -2.07 15.24
N SER D 138 32.85 -2.65 15.69
CA SER D 138 33.51 -3.70 14.91
C SER D 138 32.53 -4.81 14.54
N LEU D 139 31.67 -5.20 15.48
CA LEU D 139 30.67 -6.24 15.25
C LEU D 139 29.38 -5.71 14.63
N ASN D 140 29.43 -4.56 13.98
CA ASN D 140 28.25 -3.97 13.32
C ASN D 140 27.13 -3.72 14.32
N ILE D 141 27.48 -3.22 15.50
CA ILE D 141 26.53 -2.95 16.56
C ILE D 141 26.69 -1.49 16.99
N VAL D 142 25.57 -0.78 17.10
CA VAL D 142 25.52 0.57 17.63
C VAL D 142 24.75 0.54 18.94
N HIS D 143 25.20 1.34 19.92
CA HIS D 143 24.55 1.36 21.22
C HIS D 143 23.32 2.25 21.23
N ARG D 144 23.48 3.50 20.76
CA ARG D 144 22.40 4.48 20.70
C ARG D 144 22.00 5.00 22.07
N ASP D 145 22.87 4.84 23.07
CA ASP D 145 22.58 5.36 24.41
C ASP D 145 23.80 5.30 25.32
N LEU D 146 24.81 6.12 25.05
CA LEU D 146 25.94 6.28 25.95
C LEU D 146 25.63 7.39 26.95
N LYS D 147 25.82 7.10 28.24
CA LYS D 147 25.57 8.09 29.28
C LYS D 147 26.32 7.68 30.53
N PRO D 148 26.63 8.63 31.41
CA PRO D 148 27.40 8.32 32.62
C PRO D 148 26.83 7.17 33.45
N HIS D 149 25.51 6.94 33.41
CA HIS D 149 24.96 5.80 34.11
C HIS D 149 25.30 4.49 33.39
N ASN D 150 25.30 4.51 32.06
CA ASN D 150 25.48 3.30 31.27
C ASN D 150 26.89 2.75 31.35
N ILE D 151 27.87 3.58 31.72
CA ILE D 151 29.24 3.12 31.94
C ILE D 151 29.38 2.79 33.41
N LEU D 152 29.57 1.51 33.73
CA LEU D 152 29.68 1.07 35.11
C LEU D 152 31.13 0.79 35.49
N ILE D 153 31.41 0.95 36.77
CA ILE D 153 32.71 0.59 37.34
C ILE D 153 32.62 -0.82 37.87
N SER D 154 33.56 -1.67 37.46
CA SER D 154 33.59 -3.05 37.92
C SER D 154 33.83 -3.10 39.43
N MET D 155 33.62 -4.28 40.00
CA MET D 155 34.07 -4.50 41.37
C MET D 155 35.58 -4.67 41.39
N PRO D 156 36.23 -4.37 42.51
CA PRO D 156 37.69 -4.49 42.56
C PRO D 156 38.13 -5.93 42.43
N ASN D 157 39.13 -6.17 41.59
CA ASN D 157 39.64 -7.51 41.36
C ASN D 157 40.48 -7.97 42.54
N ALA D 158 40.93 -9.23 42.48
CA ALA D 158 41.69 -9.83 43.57
C ALA D 158 42.95 -9.05 43.91
N HIS D 159 43.28 -8.03 43.13
CA HIS D 159 44.43 -7.17 43.38
C HIS D 159 44.05 -5.78 43.87
N GLY D 160 42.94 -5.22 43.38
CA GLY D 160 42.52 -3.92 43.86
C GLY D 160 42.21 -2.92 42.75
N LYS D 161 42.36 -3.35 41.50
CA LYS D 161 42.12 -2.46 40.36
C LYS D 161 40.69 -2.61 39.85
N ILE D 162 40.25 -1.63 39.07
CA ILE D 162 38.91 -1.59 38.52
C ILE D 162 38.99 -1.33 37.02
N LYS D 163 37.82 -1.23 36.39
CA LYS D 163 37.72 -1.04 34.95
C LYS D 163 36.32 -0.54 34.64
N ALA D 164 36.16 -0.04 33.41
CA ALA D 164 34.89 0.48 32.93
C ALA D 164 34.29 -0.49 31.92
N MET D 165 32.98 -0.69 31.99
CA MET D 165 32.28 -1.59 31.10
C MET D 165 30.99 -0.94 30.61
N ILE D 166 30.74 -1.06 29.31
CA ILE D 166 29.49 -0.57 28.73
C ILE D 166 28.38 -1.55 29.07
N SER D 167 27.19 -1.01 29.33
CA SER D 167 26.06 -1.86 29.76
C SER D 167 24.79 -1.29 29.16
N ASP D 168 23.65 -1.71 29.71
CA ASP D 168 22.34 -1.37 29.13
C ASP D 168 22.38 -1.68 27.64
N PHE D 169 22.25 -2.96 27.28
CA PHE D 169 22.27 -3.34 25.88
C PHE D 169 20.87 -3.53 25.32
N GLY D 170 19.86 -2.99 25.99
CA GLY D 170 18.50 -3.22 25.56
C GLY D 170 18.16 -2.53 24.25
N LEU D 171 18.60 -1.29 24.09
CA LEU D 171 18.29 -0.52 22.90
C LEU D 171 19.43 -0.53 21.89
N CYS D 172 20.29 -1.54 21.93
CA CYS D 172 21.32 -1.68 20.91
C CYS D 172 20.71 -2.21 19.61
N LYS D 173 21.40 -1.91 18.51
CA LYS D 173 20.94 -2.27 17.18
C LYS D 173 22.11 -2.81 16.38
N LYS D 174 21.93 -4.01 15.80
CA LYS D 174 22.92 -4.58 14.91
C LYS D 174 22.58 -4.19 13.48
N LEU D 175 23.35 -3.26 12.92
CA LEU D 175 23.13 -2.86 11.53
C LEU D 175 23.23 -4.09 10.63
N ALA D 176 22.15 -4.36 9.89
CA ALA D 176 22.08 -5.55 9.06
C ALA D 176 23.34 -5.70 8.22
N VAL D 177 23.93 -6.89 8.26
CA VAL D 177 25.14 -7.15 7.48
C VAL D 177 24.89 -6.76 6.04
N GLY D 178 25.79 -5.95 5.49
CA GLY D 178 25.57 -5.36 4.19
C GLY D 178 24.80 -4.06 4.29
N ARG D 179 25.23 -3.20 5.21
CA ARG D 179 24.59 -1.92 5.45
C ARG D 179 25.48 -1.11 6.40
N HIS D 180 25.34 0.20 6.34
CA HIS D 180 26.18 1.07 7.16
C HIS D 180 25.43 2.30 7.70
N PHE D 182 21.48 2.96 9.92
CA PHE D 182 20.23 2.39 10.40
C PHE D 182 19.08 3.40 10.31
N ARG D 184 15.20 5.32 10.98
CA ARG D 184 14.62 6.04 12.10
C ARG D 184 13.30 5.40 12.51
N ARG D 185 13.11 4.15 12.08
CA ARG D 185 11.88 3.41 12.36
C ARG D 185 11.61 3.23 13.85
N GLY D 187 12.19 4.93 16.20
CA GLY D 187 12.05 6.19 16.88
C GLY D 187 13.36 6.85 17.24
N VAL D 188 13.42 7.43 18.44
CA VAL D 188 14.63 8.09 18.93
C VAL D 188 14.98 7.53 20.31
N PRO D 189 15.37 6.25 20.40
CA PRO D 189 15.77 5.71 21.71
C PRO D 189 16.96 6.47 22.27
N GLY D 190 16.94 6.69 23.58
CA GLY D 190 18.03 7.34 24.25
C GLY D 190 17.55 8.17 25.42
N THR D 191 18.50 8.89 26.01
CA THR D 191 18.25 9.75 27.16
C THR D 191 18.59 11.19 26.80
N GLU D 192 17.77 12.12 27.27
CA GLU D 192 17.97 13.53 26.93
C GLU D 192 19.36 13.98 27.34
N GLY D 193 19.90 14.96 26.61
CA GLY D 193 21.20 15.52 26.89
C GLY D 193 22.37 14.73 26.33
N TRP D 194 22.16 13.46 25.99
CA TRP D 194 23.18 12.63 25.37
C TRP D 194 22.75 12.09 24.02
N ILE D 195 21.52 12.37 23.58
CA ILE D 195 21.10 12.00 22.25
C ILE D 195 21.85 12.84 21.22
N ALA D 196 22.12 12.25 20.07
CA ALA D 196 22.82 12.96 19.01
C ALA D 196 21.83 13.68 18.10
N PRO D 197 22.23 14.83 17.57
CA PRO D 197 21.31 15.60 16.70
C PRO D 197 20.70 14.78 15.58
N GLU D 198 21.46 13.86 14.99
CA GLU D 198 20.98 13.11 13.84
C GLU D 198 19.67 12.39 14.14
N MET D 199 19.50 11.94 15.38
CA MET D 199 18.36 11.08 15.73
C MET D 199 17.12 11.86 16.15
N LEU D 200 17.27 13.14 16.54
CA LEU D 200 16.16 13.93 17.07
C LEU D 200 15.48 14.80 16.02
N SER D 201 16.24 15.40 15.11
CA SER D 201 15.66 16.29 14.12
C SER D 201 14.55 15.58 13.35
N GLU D 202 13.44 16.31 13.13
CA GLU D 202 12.28 15.71 12.47
C GLU D 202 12.58 15.35 11.03
N ASP D 203 13.25 16.24 10.30
CA ASP D 203 13.61 15.96 8.91
C ASP D 203 14.75 14.95 8.85
N CYS D 204 14.68 14.07 7.84
CA CYS D 204 15.68 13.01 7.65
C CYS D 204 16.40 13.25 6.34
N LYS D 205 17.66 13.66 6.41
CA LYS D 205 18.50 13.84 5.24
C LYS D 205 19.33 12.59 4.96
N GLU D 206 20.08 12.13 5.95
CA GLU D 206 20.85 10.90 5.87
C GLU D 206 20.50 10.03 7.07
N ASN D 207 20.32 8.74 6.83
CA ASN D 207 20.04 7.82 7.92
C ASN D 207 21.20 7.81 8.91
N PRO D 208 20.92 7.66 10.20
CA PRO D 208 22.00 7.65 11.20
C PRO D 208 22.89 6.43 11.02
N THR D 209 24.06 6.50 11.67
CA THR D 209 25.04 5.42 11.61
C THR D 209 25.68 5.29 12.99
N TYR D 210 26.83 4.60 13.03
CA TYR D 210 27.58 4.50 14.28
C TYR D 210 27.99 5.86 14.81
N THR D 211 27.96 6.91 13.97
CA THR D 211 28.45 8.22 14.38
C THR D 211 27.67 8.78 15.57
N VAL D 212 26.42 8.34 15.75
CA VAL D 212 25.63 8.83 16.88
C VAL D 212 26.34 8.55 18.20
N ASP D 213 27.05 7.42 18.29
CA ASP D 213 27.70 7.06 19.55
C ASP D 213 28.82 8.02 19.89
N ILE D 214 29.71 8.31 18.93
CA ILE D 214 30.83 9.21 19.21
C ILE D 214 30.33 10.53 19.77
N PHE D 215 29.15 10.98 19.33
CA PHE D 215 28.58 12.21 19.88
C PHE D 215 28.32 12.06 21.37
N SER D 216 27.64 10.98 21.76
CA SER D 216 27.40 10.74 23.18
C SER D 216 28.72 10.55 23.92
N ALA D 217 29.66 9.85 23.31
CA ALA D 217 30.99 9.70 23.90
C ALA D 217 31.67 11.06 24.05
N GLY D 218 31.45 11.96 23.11
CA GLY D 218 31.98 13.30 23.22
C GLY D 218 31.56 13.96 24.52
N CYS D 219 30.26 14.03 24.75
CA CYS D 219 29.76 14.66 25.98
C CYS D 219 30.20 13.90 27.22
N VAL D 220 30.55 12.62 27.08
CA VAL D 220 31.01 11.84 28.23
C VAL D 220 32.46 12.15 28.56
N PHE D 221 33.29 12.40 27.53
CA PHE D 221 34.64 12.87 27.80
C PHE D 221 34.59 14.16 28.62
N TYR D 222 33.86 15.17 28.13
CA TYR D 222 33.70 16.41 28.86
C TYR D 222 33.24 16.16 30.29
N TYR D 223 32.28 15.23 30.46
CA TYR D 223 31.70 14.99 31.78
C TYR D 223 32.74 14.53 32.79
N VAL D 224 33.66 13.66 32.36
CA VAL D 224 34.61 13.08 33.32
C VAL D 224 35.78 14.02 33.58
N ILE D 225 36.22 14.78 32.57
CA ILE D 225 37.29 15.75 32.81
C ILE D 225 36.73 16.99 33.50
N SER D 226 35.55 17.46 33.07
CA SER D 226 34.91 18.60 33.70
C SER D 226 34.46 18.33 35.12
N GLU D 227 34.60 17.10 35.61
CA GLU D 227 34.22 16.73 36.97
C GLU D 227 32.73 16.92 37.23
N GLY D 228 31.91 16.88 36.19
CA GLY D 228 30.47 16.87 36.36
C GLY D 228 29.70 17.80 35.45
N SER D 229 30.35 18.32 34.41
CA SER D 229 29.73 19.29 33.52
C SER D 229 29.42 18.64 32.16
N HIS D 230 28.74 19.41 31.30
CA HIS D 230 28.30 18.95 29.99
C HIS D 230 28.57 20.03 28.95
N PRO D 231 28.97 19.64 27.74
CA PRO D 231 29.39 20.66 26.77
C PRO D 231 28.24 21.47 26.18
N PHE D 232 27.01 20.94 26.15
CA PHE D 232 25.92 21.55 25.40
C PHE D 232 24.88 22.20 26.29
N GLY D 233 25.24 22.54 27.51
CA GLY D 233 24.41 23.36 28.35
C GLY D 233 24.19 22.73 29.69
N LYS D 234 23.06 23.08 30.30
CA LYS D 234 22.62 22.55 31.57
C LYS D 234 21.48 21.56 31.35
N SER D 235 21.02 20.96 32.45
CA SER D 235 20.21 19.75 32.34
C SER D 235 18.92 19.99 31.56
N LEU D 236 18.26 21.13 31.80
CA LEU D 236 16.96 21.36 31.19
C LEU D 236 17.05 21.85 29.75
N GLN D 237 18.16 22.47 29.37
CA GLN D 237 18.32 22.96 28.00
C GLN D 237 19.12 21.99 27.12
N ARG D 238 19.87 21.06 27.72
CA ARG D 238 20.83 20.27 26.97
C ARG D 238 20.20 19.56 25.77
N GLN D 239 18.96 19.10 25.91
CA GLN D 239 18.29 18.53 24.74
C GLN D 239 18.21 19.55 23.62
N ALA D 240 17.70 20.75 23.92
CA ALA D 240 17.89 21.89 23.04
C ALA D 240 19.38 22.20 22.94
N ASN D 241 19.77 23.27 22.27
CA ASN D 241 21.19 23.54 22.02
C ASN D 241 21.82 22.41 21.21
N ILE D 242 21.70 21.17 21.69
CA ILE D 242 22.12 20.02 20.89
C ILE D 242 21.54 20.11 19.48
N LEU D 243 20.25 20.45 19.39
CA LEU D 243 19.65 20.71 18.10
C LEU D 243 19.94 22.13 17.60
N LEU D 244 20.36 23.03 18.49
CA LEU D 244 20.70 24.39 18.09
C LEU D 244 22.19 24.56 17.84
N GLY D 245 23.02 23.63 18.30
CA GLY D 245 24.45 23.69 18.04
C GLY D 245 25.26 24.48 19.03
N ALA D 246 24.75 24.71 20.24
CA ALA D 246 25.50 25.45 21.26
C ALA D 246 26.38 24.47 22.03
N CYS D 247 27.70 24.61 21.89
CA CYS D 247 28.67 23.77 22.58
C CYS D 247 29.64 24.68 23.33
N SER D 248 29.29 25.02 24.57
CA SER D 248 30.13 25.86 25.41
C SER D 248 31.10 24.96 26.17
N LEU D 249 32.35 24.92 25.72
CA LEU D 249 33.40 24.12 26.35
C LEU D 249 34.29 24.98 27.24
N ASP D 250 33.69 25.91 27.97
CA ASP D 250 34.42 26.93 28.71
C ASP D 250 35.13 26.40 29.94
N CYS D 251 35.13 25.08 30.15
CA CYS D 251 35.92 24.51 31.22
C CYS D 251 37.32 24.08 30.75
N LEU D 252 37.57 24.14 29.44
CA LEU D 252 38.86 23.77 28.88
C LEU D 252 39.63 25.06 28.54
N HIS D 253 40.70 25.31 29.30
CA HIS D 253 41.56 26.48 29.10
C HIS D 253 42.05 26.52 27.65
N PRO D 254 42.20 27.71 27.06
CA PRO D 254 42.69 27.78 25.68
C PRO D 254 44.20 27.65 25.56
N GLU D 255 44.95 27.95 26.62
CA GLU D 255 46.40 27.88 26.57
C GLU D 255 46.95 27.29 27.86
N GLU D 258 47.19 20.71 28.31
CA GLU D 258 46.35 19.52 28.40
C GLU D 258 44.91 19.86 28.01
N ASP D 259 44.23 20.71 28.79
CA ASP D 259 42.97 21.30 28.33
C ASP D 259 43.09 21.75 26.89
N VAL D 260 44.27 22.24 26.51
CA VAL D 260 44.56 22.48 25.11
C VAL D 260 44.18 21.26 24.28
N ILE D 261 44.59 20.07 24.72
CA ILE D 261 44.44 18.88 23.89
C ILE D 261 43.01 18.37 23.89
N ALA D 262 42.36 18.34 25.05
CA ALA D 262 41.01 17.80 25.16
C ALA D 262 40.07 18.44 24.14
N ARG D 263 39.98 19.77 24.17
CA ARG D 263 39.12 20.49 23.22
C ARG D 263 39.37 20.03 21.78
N GLU D 264 40.64 19.78 21.43
CA GLU D 264 40.98 19.48 20.05
C GLU D 264 40.17 18.28 19.53
N LEU D 265 40.05 17.23 20.34
CA LEU D 265 39.30 16.05 19.92
C LEU D 265 37.83 16.13 20.29
N ILE D 266 37.54 16.46 21.55
CA ILE D 266 36.18 16.57 22.06
C ILE D 266 35.30 17.31 21.06
N GLU D 267 35.82 18.44 20.54
CA GLU D 267 35.05 19.21 19.58
C GLU D 267 34.82 18.44 18.28
N LYS D 268 35.74 17.56 17.90
CA LYS D 268 35.59 16.85 16.64
C LYS D 268 34.51 15.77 16.71
N MET D 269 34.29 15.20 17.90
CA MET D 269 33.32 14.12 18.05
C MET D 269 31.90 14.61 18.30
N ILE D 270 31.73 15.68 19.07
CA ILE D 270 30.41 16.26 19.27
C ILE D 270 29.96 17.10 18.09
N ALA D 271 30.80 17.24 17.07
CA ALA D 271 30.44 18.02 15.89
C ALA D 271 29.06 17.62 15.37
N MET D 272 28.28 18.62 14.99
CA MET D 272 26.89 18.36 14.59
C MET D 272 26.83 17.47 13.36
N ASP D 273 27.75 17.66 12.43
CA ASP D 273 27.74 16.88 11.20
C ASP D 273 28.17 15.44 11.49
N PRO D 274 27.40 14.43 11.07
CA PRO D 274 27.81 13.05 11.33
C PRO D 274 29.18 12.70 10.78
N GLN D 275 29.48 13.11 9.55
CA GLN D 275 30.76 12.77 8.93
C GLN D 275 31.92 13.30 9.76
N LYS D 276 31.86 14.58 10.17
CA LYS D 276 32.98 15.21 10.86
C LYS D 276 33.39 14.47 12.13
N ARG D 277 32.54 13.58 12.63
CA ARG D 277 32.83 12.88 13.88
C ARG D 277 33.81 11.74 13.63
N PRO D 278 34.94 11.70 14.34
CA PRO D 278 35.88 10.60 14.16
C PRO D 278 35.27 9.27 14.59
N SER D 279 35.76 8.20 13.98
CA SER D 279 35.29 6.87 14.36
C SER D 279 35.90 6.45 15.69
N ALA D 280 35.43 5.30 16.19
CA ALA D 280 35.93 4.79 17.47
C ALA D 280 37.44 4.64 17.45
N LYS D 281 37.98 4.04 16.38
CA LYS D 281 39.40 3.70 16.33
C LYS D 281 40.28 4.95 16.44
N HIS D 282 39.91 6.02 15.74
CA HIS D 282 40.74 7.22 15.72
C HIS D 282 40.93 7.79 17.11
N VAL D 283 39.84 7.87 17.89
CA VAL D 283 39.92 8.46 19.22
C VAL D 283 40.96 7.74 20.07
N LEU D 284 41.20 6.45 19.82
CA LEU D 284 42.21 5.73 20.60
C LEU D 284 43.61 6.24 20.30
N LYS D 285 43.93 6.47 19.03
CA LYS D 285 45.24 6.96 18.64
C LYS D 285 45.17 8.48 18.42
N HIS D 286 45.00 9.18 19.53
CA HIS D 286 44.86 10.62 19.58
C HIS D 286 45.68 11.16 20.75
N PRO D 287 46.21 12.39 20.62
CA PRO D 287 47.04 12.94 21.70
C PRO D 287 46.34 12.97 23.05
N PHE D 288 45.02 13.03 23.07
CA PHE D 288 44.25 13.00 24.31
C PHE D 288 44.69 11.88 25.25
N PHE D 289 45.31 10.82 24.71
CA PHE D 289 45.65 9.65 25.51
C PHE D 289 47.15 9.40 25.67
N TRP D 290 47.99 9.98 24.84
CA TRP D 290 49.42 9.69 24.88
C TRP D 290 50.00 10.03 26.25
N SER D 291 51.04 9.30 26.63
CA SER D 291 51.70 9.47 27.92
C SER D 291 52.94 10.35 27.78
N LEU D 292 53.47 10.77 28.93
CA LEU D 292 54.66 11.61 28.93
C LEU D 292 55.75 11.01 28.05
N GLU D 293 56.11 9.75 28.32
CA GLU D 293 57.13 9.08 27.52
C GLU D 293 56.69 8.95 26.06
N LYS D 294 55.39 8.82 25.82
CA LYS D 294 54.89 8.80 24.45
C LYS D 294 54.98 10.19 23.81
N GLN D 295 54.71 11.24 24.60
CA GLN D 295 54.92 12.60 24.10
C GLN D 295 56.41 12.88 23.92
N LEU D 296 57.21 12.55 24.93
CA LEU D 296 58.66 12.73 24.84
C LEU D 296 59.21 12.00 23.61
N GLN D 297 58.73 10.78 23.36
CA GLN D 297 59.14 10.06 22.17
C GLN D 297 58.68 10.78 20.89
N PHE D 298 57.43 11.28 20.89
CA PHE D 298 56.95 12.02 19.73
C PHE D 298 57.68 13.34 19.55
N PHE D 299 58.41 13.81 20.56
CA PHE D 299 59.22 15.01 20.41
C PHE D 299 60.54 14.70 19.73
N GLN D 300 61.20 13.60 20.12
CA GLN D 300 62.45 13.18 19.49
C GLN D 300 62.25 12.52 18.13
N ASP D 301 61.00 12.24 17.75
CA ASP D 301 60.72 11.64 16.44
C ASP D 301 60.46 12.68 15.36
N VAL D 302 59.80 13.79 15.72
CA VAL D 302 59.51 14.81 14.72
C VAL D 302 60.73 15.72 14.50
N SER D 303 61.58 15.88 15.52
CA SER D 303 62.83 16.61 15.32
C SER D 303 63.82 15.81 14.51
N ASP D 304 63.80 14.48 14.65
CA ASP D 304 64.66 13.58 13.88
C ASP D 304 64.07 13.22 12.52
N ARG D 305 62.81 13.60 12.26
CA ARG D 305 62.18 13.38 10.96
C ARG D 305 62.14 14.65 10.12
N ILE D 306 62.43 15.81 10.72
CA ILE D 306 62.37 17.08 10.01
C ILE D 306 63.76 17.63 9.68
N GLU D 307 64.77 17.34 10.51
CA GLU D 307 66.13 17.82 10.29
C GLU D 307 66.57 17.68 8.83
N GLU D 406 50.62 15.64 10.56
CA GLU D 406 49.79 14.72 9.79
C GLU D 406 50.35 14.56 8.38
N LEU D 407 51.58 14.99 8.20
CA LEU D 407 52.25 14.94 6.91
C LEU D 407 53.25 13.79 6.79
N CYS D 408 53.39 12.98 7.84
CA CYS D 408 54.30 11.83 7.80
C CYS D 408 53.69 10.62 8.51
N SER D 409 52.36 10.49 8.47
CA SER D 409 51.72 9.35 9.11
C SER D 409 51.93 8.07 8.30
N HIS D 410 52.05 8.19 6.98
CA HIS D 410 52.32 7.02 6.14
C HIS D 410 53.51 6.23 6.67
N GLU D 411 54.58 6.93 7.04
CA GLU D 411 55.77 6.28 7.55
C GLU D 411 55.45 5.49 8.83
N ARG D 412 55.77 4.20 8.81
CA ARG D 412 55.60 3.36 9.99
C ARG D 412 56.32 3.94 11.21
N LEU D 413 57.34 4.77 11.00
CA LEU D 413 57.96 5.48 12.12
C LEU D 413 56.94 6.27 12.90
N PHE D 414 56.01 6.94 12.20
CA PHE D 414 54.98 7.76 12.83
C PHE D 414 53.60 7.10 12.80
N GLN D 415 53.49 5.88 12.27
CA GLN D 415 52.19 5.22 12.17
C GLN D 415 51.47 5.12 13.51
N PRO D 416 52.10 4.67 14.58
CA PRO D 416 51.41 4.57 15.88
C PRO D 416 50.68 5.84 16.30
N TYR D 417 51.22 7.01 15.94
CA TYR D 417 50.62 8.26 16.36
C TYR D 417 49.34 8.59 15.62
N TYR D 418 49.11 8.00 14.44
CA TYR D 418 47.93 8.27 13.64
C TYR D 418 47.17 6.97 13.42
N PHE D 419 46.21 7.01 12.49
CA PHE D 419 45.44 5.82 12.14
C PHE D 419 44.98 5.91 10.71
N HIS D 420 45.05 4.77 10.00
CA HIS D 420 44.59 4.68 8.63
C HIS D 420 43.96 3.31 8.41
N GLU D 421 43.51 3.07 7.18
CA GLU D 421 42.72 1.89 6.82
C GLU D 421 43.21 1.29 5.50
#